data_3J6M
# 
_entry.id   3J6M 
# 
_audit_conform.dict_name       mmcif_pdbx.dic 
_audit_conform.dict_version    5.398 
_audit_conform.dict_location   http://mmcif.pdb.org/dictionaries/ascii/mmcif_pdbx.dic 
# 
loop_
_database_2.database_id 
_database_2.database_code 
_database_2.pdbx_database_accession 
_database_2.pdbx_DOI 
PDB   3J6M         pdb_00003j6m 10.2210/pdb3j6m/pdb 
RCSB  RCSB160316   ?            ?                   
WWPDB D_1000160316 ?            ?                   
# 
loop_
_pdbx_audit_revision_history.ordinal 
_pdbx_audit_revision_history.data_content_type 
_pdbx_audit_revision_history.major_revision 
_pdbx_audit_revision_history.minor_revision 
_pdbx_audit_revision_history.revision_date 
1 'Structure model' 1 0 2014-04-09 
2 'Structure model' 1 1 2014-05-07 
3 'Structure model' 1 2 2018-07-18 
4 'Structure model' 1 3 2024-11-06 
# 
_pdbx_audit_revision_details.ordinal             1 
_pdbx_audit_revision_details.revision_ordinal    1 
_pdbx_audit_revision_details.data_content_type   'Structure model' 
_pdbx_audit_revision_details.provider            repository 
_pdbx_audit_revision_details.type                'Initial release' 
_pdbx_audit_revision_details.description         ? 
_pdbx_audit_revision_details.details             ? 
# 
loop_
_pdbx_audit_revision_group.ordinal 
_pdbx_audit_revision_group.revision_ordinal 
_pdbx_audit_revision_group.data_content_type 
_pdbx_audit_revision_group.group 
1 2 'Structure model' 'Database references'    
2 3 'Structure model' 'Data collection'        
3 4 'Structure model' 'Data collection'        
4 4 'Structure model' 'Database references'    
5 4 'Structure model' 'Derived calculations'   
6 4 'Structure model' 'Refinement description' 
7 4 'Structure model' 'Structure summary'      
# 
loop_
_pdbx_audit_revision_category.ordinal 
_pdbx_audit_revision_category.revision_ordinal 
_pdbx_audit_revision_category.data_content_type 
_pdbx_audit_revision_category.category 
1  3 'Structure model' em_software                   
2  4 'Structure model' chem_comp_atom                
3  4 'Structure model' chem_comp_bond                
4  4 'Structure model' database_2                    
5  4 'Structure model' em_3d_fitting_list            
6  4 'Structure model' pdbx_entry_details            
7  4 'Structure model' pdbx_initial_refinement_model 
8  4 'Structure model' pdbx_modification_feature     
9  4 'Structure model' pdbx_struct_oper_list         
10 4 'Structure model' struct_ref_seq_dif            
# 
loop_
_pdbx_audit_revision_item.ordinal 
_pdbx_audit_revision_item.revision_ordinal 
_pdbx_audit_revision_item.data_content_type 
_pdbx_audit_revision_item.item 
1  3 'Structure model' '_em_software.image_processing_id'                
2  3 'Structure model' '_em_software.name'                               
3  4 'Structure model' '_database_2.pdbx_DOI'                            
4  4 'Structure model' '_database_2.pdbx_database_accession'             
5  4 'Structure model' '_em_3d_fitting_list.accession_code'              
6  4 'Structure model' '_em_3d_fitting_list.initial_refinement_model_id' 
7  4 'Structure model' '_em_3d_fitting_list.source_name'                 
8  4 'Structure model' '_em_3d_fitting_list.type'                        
9  4 'Structure model' '_pdbx_struct_oper_list.name'                     
10 4 'Structure model' '_pdbx_struct_oper_list.symmetry_operation'       
11 4 'Structure model' '_pdbx_struct_oper_list.type'                     
12 4 'Structure model' '_struct_ref_seq_dif.details'                     
# 
_pdbx_database_status.status_code                     REL 
_pdbx_database_status.entry_id                        3J6M 
_pdbx_database_status.recvd_initial_deposition_date   2014-03-19 
_pdbx_database_status.deposit_site                    RCSB 
_pdbx_database_status.process_site                    RCSB 
_pdbx_database_status.status_code_sf                  ? 
_pdbx_database_status.status_code_mr                  ? 
_pdbx_database_status.SG_entry                        ? 
_pdbx_database_status.status_code_cs                  ? 
_pdbx_database_status.methods_development_category    ? 
_pdbx_database_status.pdb_format_compatible           Y 
_pdbx_database_status.status_code_nmr_data            ? 
# 
loop_
_pdbx_database_related.db_name 
_pdbx_database_related.db_id 
_pdbx_database_related.content_type 
_pdbx_database_related.details 
EMDB EMD-5927 'associated EM volume' . 
EMDB EMD-5928 'other EM volume'      . 
PDB  3J6L     unspecified            . 
PDB  3J6N     unspecified            . 
PDB  3J6O     unspecified            . 
# 
loop_
_audit_author.name 
_audit_author.pdbx_ordinal 
'Organtini, L.J.' 1 
'Makhov, A.M.'    2 
'Conway, J.F.'    3 
'Hafenstein, S.'  4 
'Carson, S.D.'    5 
# 
_citation.id                        primary 
_citation.title                     
'Kinetic and structural analysis of coxsackievirus b3 receptor interactions and formation of the a-particle.' 
_citation.journal_abbrev            J.Virol. 
_citation.journal_volume            88 
_citation.page_first                5755 
_citation.page_last                 5765 
_citation.year                      2014 
_citation.journal_id_ASTM           JOVIAM 
_citation.country                   US 
_citation.journal_id_ISSN           0022-538X 
_citation.journal_id_CSD            0825 
_citation.book_publisher            ? 
_citation.pdbx_database_id_PubMed   24623425 
_citation.pdbx_database_id_DOI      10.1128/JVI.00299-14 
# 
loop_
_citation_author.citation_id 
_citation_author.name 
_citation_author.ordinal 
_citation_author.identifier_ORCID 
primary 'Organtini, L.J.' 1 ? 
primary 'Makhov, A.M.'    2 ? 
primary 'Conway, J.F.'    3 ? 
primary 'Hafenstein, S.'  4 ? 
primary 'Carson, S.D.'    5 ? 
# 
loop_
_entity.id 
_entity.type 
_entity.src_method 
_entity.pdbx_description 
_entity.formula_weight 
_entity.pdbx_number_of_molecules 
_entity.pdbx_ec 
_entity.pdbx_mutation 
_entity.pdbx_fragment 
_entity.details 
1 polymer man 'Coxsackievirus and adenovirus receptor' 13640.500 1  ? ? 'UNP residues 21-144' ? 
2 water   nat water                                    18.015    30 ? ? ?                     ? 
# 
_entity_name_com.entity_id   1 
_entity_name_com.name        'CAR, hCAR, CVB3-binding protein, Coxsackievirus B-adenovirus receptor, HCVADR' 
# 
_entity_poly.entity_id                      1 
_entity_poly.type                           'polypeptide(L)' 
_entity_poly.nstd_linkage                   no 
_entity_poly.nstd_monomer                   no 
_entity_poly.pdbx_seq_one_letter_code       
;GITTPEEMIEKAKGETAYLPCKFTLSPEDQGPLDIEWLISPADNQKVDQVIILYSGDKIYDDYYPDLKGRVHFTSNDLKS
GDASINVTNLQLSDIGTYQCKVKKAPGVANKKIHLVVLVKPSGA
;
_entity_poly.pdbx_seq_one_letter_code_can   
;GITTPEEMIEKAKGETAYLPCKFTLSPEDQGPLDIEWLISPADNQKVDQVIILYSGDKIYDDYYPDLKGRVHFTSNDLKS
GDASINVTNLQLSDIGTYQCKVKKAPGVANKKIHLVVLVKPSGA
;
_entity_poly.pdbx_strand_id                 B 
_entity_poly.pdbx_target_identifier         ? 
# 
_pdbx_entity_nonpoly.entity_id   2 
_pdbx_entity_nonpoly.name        water 
_pdbx_entity_nonpoly.comp_id     HOH 
# 
loop_
_entity_poly_seq.entity_id 
_entity_poly_seq.num 
_entity_poly_seq.mon_id 
_entity_poly_seq.hetero 
1 1   GLY n 
1 2   ILE n 
1 3   THR n 
1 4   THR n 
1 5   PRO n 
1 6   GLU n 
1 7   GLU n 
1 8   MET n 
1 9   ILE n 
1 10  GLU n 
1 11  LYS n 
1 12  ALA n 
1 13  LYS n 
1 14  GLY n 
1 15  GLU n 
1 16  THR n 
1 17  ALA n 
1 18  TYR n 
1 19  LEU n 
1 20  PRO n 
1 21  CYS n 
1 22  LYS n 
1 23  PHE n 
1 24  THR n 
1 25  LEU n 
1 26  SER n 
1 27  PRO n 
1 28  GLU n 
1 29  ASP n 
1 30  GLN n 
1 31  GLY n 
1 32  PRO n 
1 33  LEU n 
1 34  ASP n 
1 35  ILE n 
1 36  GLU n 
1 37  TRP n 
1 38  LEU n 
1 39  ILE n 
1 40  SER n 
1 41  PRO n 
1 42  ALA n 
1 43  ASP n 
1 44  ASN n 
1 45  GLN n 
1 46  LYS n 
1 47  VAL n 
1 48  ASP n 
1 49  GLN n 
1 50  VAL n 
1 51  ILE n 
1 52  ILE n 
1 53  LEU n 
1 54  TYR n 
1 55  SER n 
1 56  GLY n 
1 57  ASP n 
1 58  LYS n 
1 59  ILE n 
1 60  TYR n 
1 61  ASP n 
1 62  ASP n 
1 63  TYR n 
1 64  TYR n 
1 65  PRO n 
1 66  ASP n 
1 67  LEU n 
1 68  LYS n 
1 69  GLY n 
1 70  ARG n 
1 71  VAL n 
1 72  HIS n 
1 73  PHE n 
1 74  THR n 
1 75  SER n 
1 76  ASN n 
1 77  ASP n 
1 78  LEU n 
1 79  LYS n 
1 80  SER n 
1 81  GLY n 
1 82  ASP n 
1 83  ALA n 
1 84  SER n 
1 85  ILE n 
1 86  ASN n 
1 87  VAL n 
1 88  THR n 
1 89  ASN n 
1 90  LEU n 
1 91  GLN n 
1 92  LEU n 
1 93  SER n 
1 94  ASP n 
1 95  ILE n 
1 96  GLY n 
1 97  THR n 
1 98  TYR n 
1 99  GLN n 
1 100 CYS n 
1 101 LYS n 
1 102 VAL n 
1 103 LYS n 
1 104 LYS n 
1 105 ALA n 
1 106 PRO n 
1 107 GLY n 
1 108 VAL n 
1 109 ALA n 
1 110 ASN n 
1 111 LYS n 
1 112 LYS n 
1 113 ILE n 
1 114 HIS n 
1 115 LEU n 
1 116 VAL n 
1 117 VAL n 
1 118 LEU n 
1 119 VAL n 
1 120 LYS n 
1 121 PRO n 
1 122 SER n 
1 123 GLY n 
1 124 ALA n 
# 
_entity_src_gen.entity_id                          1 
_entity_src_gen.pdbx_src_id                        1 
_entity_src_gen.pdbx_alt_source_flag               sample 
_entity_src_gen.pdbx_seq_type                      ? 
_entity_src_gen.pdbx_beg_seq_num                   ? 
_entity_src_gen.pdbx_end_seq_num                   ? 
_entity_src_gen.gene_src_common_name               human 
_entity_src_gen.gene_src_genus                     ? 
_entity_src_gen.pdbx_gene_src_gene                 'CXADR, CAR' 
_entity_src_gen.gene_src_species                   ? 
_entity_src_gen.gene_src_strain                    ? 
_entity_src_gen.gene_src_tissue                    ? 
_entity_src_gen.gene_src_tissue_fraction           ? 
_entity_src_gen.gene_src_details                   ? 
_entity_src_gen.pdbx_gene_src_fragment             ? 
_entity_src_gen.pdbx_gene_src_scientific_name      'Homo sapiens' 
_entity_src_gen.pdbx_gene_src_ncbi_taxonomy_id     9606 
_entity_src_gen.pdbx_gene_src_variant              ? 
_entity_src_gen.pdbx_gene_src_cell_line            ? 
_entity_src_gen.pdbx_gene_src_atcc                 ? 
_entity_src_gen.pdbx_gene_src_organ                ? 
_entity_src_gen.pdbx_gene_src_organelle            ? 
_entity_src_gen.pdbx_gene_src_cell                 ? 
_entity_src_gen.pdbx_gene_src_cellular_location    ? 
_entity_src_gen.host_org_common_name               ? 
_entity_src_gen.pdbx_host_org_scientific_name      'Escherichia coli' 
_entity_src_gen.pdbx_host_org_ncbi_taxonomy_id     562 
_entity_src_gen.host_org_genus                     ? 
_entity_src_gen.pdbx_host_org_gene                 ? 
_entity_src_gen.pdbx_host_org_organ                ? 
_entity_src_gen.host_org_species                   ? 
_entity_src_gen.pdbx_host_org_tissue               ? 
_entity_src_gen.pdbx_host_org_tissue_fraction      ? 
_entity_src_gen.pdbx_host_org_strain               ? 
_entity_src_gen.pdbx_host_org_variant              ? 
_entity_src_gen.pdbx_host_org_cell_line            ? 
_entity_src_gen.pdbx_host_org_atcc                 ? 
_entity_src_gen.pdbx_host_org_culture_collection   ? 
_entity_src_gen.pdbx_host_org_cell                 ? 
_entity_src_gen.pdbx_host_org_organelle            ? 
_entity_src_gen.pdbx_host_org_cellular_location    ? 
_entity_src_gen.pdbx_host_org_vector_type          ? 
_entity_src_gen.pdbx_host_org_vector               ? 
_entity_src_gen.host_org_details                   ? 
_entity_src_gen.expression_system_id               ? 
_entity_src_gen.plasmid_name                       ? 
_entity_src_gen.plasmid_details                    ? 
_entity_src_gen.pdbx_description                   ? 
# 
loop_
_chem_comp.id 
_chem_comp.type 
_chem_comp.mon_nstd_flag 
_chem_comp.name 
_chem_comp.pdbx_synonyms 
_chem_comp.formula 
_chem_comp.formula_weight 
ALA 'L-peptide linking' y ALANINE         ? 'C3 H7 N O2'     89.093  
ARG 'L-peptide linking' y ARGININE        ? 'C6 H15 N4 O2 1' 175.209 
ASN 'L-peptide linking' y ASPARAGINE      ? 'C4 H8 N2 O3'    132.118 
ASP 'L-peptide linking' y 'ASPARTIC ACID' ? 'C4 H7 N O4'     133.103 
CYS 'L-peptide linking' y CYSTEINE        ? 'C3 H7 N O2 S'   121.158 
GLN 'L-peptide linking' y GLUTAMINE       ? 'C5 H10 N2 O3'   146.144 
GLU 'L-peptide linking' y 'GLUTAMIC ACID' ? 'C5 H9 N O4'     147.129 
GLY 'peptide linking'   y GLYCINE         ? 'C2 H5 N O2'     75.067  
HIS 'L-peptide linking' y HISTIDINE       ? 'C6 H10 N3 O2 1' 156.162 
HOH non-polymer         . WATER           ? 'H2 O'           18.015  
ILE 'L-peptide linking' y ISOLEUCINE      ? 'C6 H13 N O2'    131.173 
LEU 'L-peptide linking' y LEUCINE         ? 'C6 H13 N O2'    131.173 
LYS 'L-peptide linking' y LYSINE          ? 'C6 H15 N2 O2 1' 147.195 
MET 'L-peptide linking' y METHIONINE      ? 'C5 H11 N O2 S'  149.211 
PHE 'L-peptide linking' y PHENYLALANINE   ? 'C9 H11 N O2'    165.189 
PRO 'L-peptide linking' y PROLINE         ? 'C5 H9 N O2'     115.130 
SER 'L-peptide linking' y SERINE          ? 'C3 H7 N O3'     105.093 
THR 'L-peptide linking' y THREONINE       ? 'C4 H9 N O3'     119.119 
TRP 'L-peptide linking' y TRYPTOPHAN      ? 'C11 H12 N2 O2'  204.225 
TYR 'L-peptide linking' y TYROSINE        ? 'C9 H11 N O3'    181.189 
VAL 'L-peptide linking' y VALINE          ? 'C5 H11 N O2'    117.146 
# 
loop_
_pdbx_poly_seq_scheme.asym_id 
_pdbx_poly_seq_scheme.entity_id 
_pdbx_poly_seq_scheme.seq_id 
_pdbx_poly_seq_scheme.mon_id 
_pdbx_poly_seq_scheme.ndb_seq_num 
_pdbx_poly_seq_scheme.pdb_seq_num 
_pdbx_poly_seq_scheme.auth_seq_num 
_pdbx_poly_seq_scheme.pdb_mon_id 
_pdbx_poly_seq_scheme.auth_mon_id 
_pdbx_poly_seq_scheme.pdb_strand_id 
_pdbx_poly_seq_scheme.pdb_ins_code 
_pdbx_poly_seq_scheme.hetero 
A 1 1   GLY 1   23  23  GLY GLY B . n 
A 1 2   ILE 2   24  24  ILE ILE B . n 
A 1 3   THR 3   25  25  THR THR B . n 
A 1 4   THR 4   26  26  THR THR B . n 
A 1 5   PRO 5   27  27  PRO PRO B . n 
A 1 6   GLU 6   28  28  GLU GLU B . n 
A 1 7   GLU 7   29  29  GLU GLU B . n 
A 1 8   MET 8   30  30  MET MET B . n 
A 1 9   ILE 9   31  31  ILE ILE B . n 
A 1 10  GLU 10  32  32  GLU GLU B . n 
A 1 11  LYS 11  33  33  LYS LYS B . n 
A 1 12  ALA 12  34  34  ALA ALA B . n 
A 1 13  LYS 13  35  35  LYS LYS B . n 
A 1 14  GLY 14  36  36  GLY GLY B . n 
A 1 15  GLU 15  37  37  GLU GLU B . n 
A 1 16  THR 16  38  38  THR THR B . n 
A 1 17  ALA 17  39  39  ALA ALA B . n 
A 1 18  TYR 18  40  40  TYR TYR B . n 
A 1 19  LEU 19  41  41  LEU LEU B . n 
A 1 20  PRO 20  42  42  PRO PRO B . n 
A 1 21  CYS 21  43  43  CYS CYS B . n 
A 1 22  LYS 22  44  44  LYS LYS B . n 
A 1 23  PHE 23  45  45  PHE PHE B . n 
A 1 24  THR 24  46  46  THR THR B . n 
A 1 25  LEU 25  47  47  LEU LEU B . n 
A 1 26  SER 26  48  48  SER SER B . n 
A 1 27  PRO 27  49  49  PRO PRO B . n 
A 1 28  GLU 28  50  50  GLU GLU B . n 
A 1 29  ASP 29  51  51  ASP ASP B . n 
A 1 30  GLN 30  52  52  GLN GLN B . n 
A 1 31  GLY 31  53  53  GLY GLY B . n 
A 1 32  PRO 32  54  54  PRO PRO B . n 
A 1 33  LEU 33  55  55  LEU LEU B . n 
A 1 34  ASP 34  56  56  ASP ASP B . n 
A 1 35  ILE 35  57  57  ILE ILE B . n 
A 1 36  GLU 36  58  58  GLU GLU B . n 
A 1 37  TRP 37  59  59  TRP TRP B . n 
A 1 38  LEU 38  60  60  LEU LEU B . n 
A 1 39  ILE 39  61  61  ILE ILE B . n 
A 1 40  SER 40  62  62  SER SER B . n 
A 1 41  PRO 41  63  63  PRO PRO B . n 
A 1 42  ALA 42  64  64  ALA ALA B . n 
A 1 43  ASP 43  65  65  ASP ASP B . n 
A 1 44  ASN 44  66  66  ASN ASN B . n 
A 1 45  GLN 45  67  67  GLN GLN B . n 
A 1 46  LYS 46  68  68  LYS LYS B . n 
A 1 47  VAL 47  69  69  VAL VAL B . n 
A 1 48  ASP 48  70  70  ASP ASP B . n 
A 1 49  GLN 49  71  71  GLN GLN B . n 
A 1 50  VAL 50  72  72  VAL VAL B . n 
A 1 51  ILE 51  73  73  ILE ILE B . n 
A 1 52  ILE 52  74  74  ILE ILE B . n 
A 1 53  LEU 53  75  75  LEU LEU B . n 
A 1 54  TYR 54  76  76  TYR TYR B . n 
A 1 55  SER 55  77  77  SER SER B . n 
A 1 56  GLY 56  78  78  GLY GLY B . n 
A 1 57  ASP 57  79  79  ASP ASP B . n 
A 1 58  LYS 58  80  80  LYS LYS B . n 
A 1 59  ILE 59  81  81  ILE ILE B . n 
A 1 60  TYR 60  82  82  TYR TYR B . n 
A 1 61  ASP 61  83  83  ASP ASP B . n 
A 1 62  ASP 62  84  84  ASP ASP B . n 
A 1 63  TYR 63  85  85  TYR TYR B . n 
A 1 64  TYR 64  86  86  TYR TYR B . n 
A 1 65  PRO 65  87  87  PRO PRO B . n 
A 1 66  ASP 66  88  88  ASP ASP B . n 
A 1 67  LEU 67  89  89  LEU LEU B . n 
A 1 68  LYS 68  90  90  LYS LYS B . n 
A 1 69  GLY 69  91  91  GLY GLY B . n 
A 1 70  ARG 70  92  92  ARG ARG B . n 
A 1 71  VAL 71  93  93  VAL VAL B . n 
A 1 72  HIS 72  94  94  HIS HIS B . n 
A 1 73  PHE 73  95  95  PHE PHE B . n 
A 1 74  THR 74  96  96  THR THR B . n 
A 1 75  SER 75  97  97  SER SER B . n 
A 1 76  ASN 76  98  98  ASN ASN B . n 
A 1 77  ASP 77  99  99  ASP ASP B . n 
A 1 78  LEU 78  100 100 LEU LEU B . n 
A 1 79  LYS 79  101 101 LYS LYS B . n 
A 1 80  SER 80  102 102 SER SER B . n 
A 1 81  GLY 81  103 103 GLY GLY B . n 
A 1 82  ASP 82  104 104 ASP ASP B . n 
A 1 83  ALA 83  105 105 ALA ALA B . n 
A 1 84  SER 84  106 106 SER SER B . n 
A 1 85  ILE 85  107 107 ILE ILE B . n 
A 1 86  ASN 86  108 108 ASN ASN B . n 
A 1 87  VAL 87  109 109 VAL VAL B . n 
A 1 88  THR 88  110 110 THR THR B . n 
A 1 89  ASN 89  111 111 ASN ASN B . n 
A 1 90  LEU 90  112 112 LEU LEU B . n 
A 1 91  GLN 91  113 113 GLN GLN B . n 
A 1 92  LEU 92  114 114 LEU LEU B . n 
A 1 93  SER 93  115 115 SER SER B . n 
A 1 94  ASP 94  116 116 ASP ASP B . n 
A 1 95  ILE 95  117 117 ILE ILE B . n 
A 1 96  GLY 96  118 118 GLY GLY B . n 
A 1 97  THR 97  119 119 THR THR B . n 
A 1 98  TYR 98  120 120 TYR TYR B . n 
A 1 99  GLN 99  121 121 GLN GLN B . n 
A 1 100 CYS 100 122 122 CYS CYS B . n 
A 1 101 LYS 101 123 123 LYS LYS B . n 
A 1 102 VAL 102 124 124 VAL VAL B . n 
A 1 103 LYS 103 125 125 LYS LYS B . n 
A 1 104 LYS 104 126 126 LYS LYS B . n 
A 1 105 ALA 105 127 127 ALA ALA B . n 
A 1 106 PRO 106 128 128 PRO PRO B . n 
A 1 107 GLY 107 129 129 GLY GLY B . n 
A 1 108 VAL 108 130 130 VAL VAL B . n 
A 1 109 ALA 109 131 131 ALA ALA B . n 
A 1 110 ASN 110 132 132 ASN ASN B . n 
A 1 111 LYS 111 133 133 LYS LYS B . n 
A 1 112 LYS 112 134 134 LYS LYS B . n 
A 1 113 ILE 113 135 135 ILE ILE B . n 
A 1 114 HIS 114 136 136 HIS HIS B . n 
A 1 115 LEU 115 137 137 LEU LEU B . n 
A 1 116 VAL 116 138 138 VAL VAL B . n 
A 1 117 VAL 117 139 139 VAL VAL B . n 
A 1 118 LEU 118 140 140 LEU LEU B . n 
A 1 119 VAL 119 141 141 VAL VAL B . n 
A 1 120 LYS 120 142 142 LYS LYS B . n 
A 1 121 PRO 121 143 143 PRO PRO B . n 
A 1 122 SER 122 144 144 SER SER B . n 
A 1 123 GLY 123 145 145 GLY GLY B . n 
A 1 124 ALA 124 146 146 ALA ALA B . n 
# 
loop_
_pdbx_nonpoly_scheme.asym_id 
_pdbx_nonpoly_scheme.entity_id 
_pdbx_nonpoly_scheme.mon_id 
_pdbx_nonpoly_scheme.ndb_seq_num 
_pdbx_nonpoly_scheme.pdb_seq_num 
_pdbx_nonpoly_scheme.auth_seq_num 
_pdbx_nonpoly_scheme.pdb_mon_id 
_pdbx_nonpoly_scheme.auth_mon_id 
_pdbx_nonpoly_scheme.pdb_strand_id 
_pdbx_nonpoly_scheme.pdb_ins_code 
B 2 HOH 1  201 147 HOH HOH B . 
B 2 HOH 2  202 148 HOH HOH B . 
B 2 HOH 3  203 149 HOH HOH B . 
B 2 HOH 4  204 150 HOH HOH B . 
B 2 HOH 5  205 151 HOH HOH B . 
B 2 HOH 6  206 152 HOH HOH B . 
B 2 HOH 7  207 153 HOH HOH B . 
B 2 HOH 8  208 154 HOH HOH B . 
B 2 HOH 9  209 155 HOH HOH B . 
B 2 HOH 10 210 156 HOH HOH B . 
B 2 HOH 11 211 157 HOH HOH B . 
B 2 HOH 12 212 158 HOH HOH B . 
B 2 HOH 13 213 159 HOH HOH B . 
B 2 HOH 14 214 160 HOH HOH B . 
B 2 HOH 15 215 161 HOH HOH B . 
B 2 HOH 16 216 162 HOH HOH B . 
B 2 HOH 17 217 163 HOH HOH B . 
B 2 HOH 18 218 164 HOH HOH B . 
B 2 HOH 19 219 165 HOH HOH B . 
B 2 HOH 20 220 166 HOH HOH B . 
B 2 HOH 21 221 167 HOH HOH B . 
B 2 HOH 22 222 168 HOH HOH B . 
B 2 HOH 23 223 169 HOH HOH B . 
B 2 HOH 24 224 170 HOH HOH B . 
B 2 HOH 25 225 171 HOH HOH B . 
B 2 HOH 26 226 172 HOH HOH B . 
B 2 HOH 27 227 173 HOH HOH B . 
B 2 HOH 28 228 174 HOH HOH B . 
B 2 HOH 29 229 175 HOH HOH B . 
B 2 HOH 30 230 176 HOH HOH B . 
# 
_cell.entry_id           3J6M 
_cell.length_a           1 
_cell.length_b           1 
_cell.length_c           1 
_cell.angle_alpha        90 
_cell.angle_beta         90 
_cell.angle_gamma        90 
_cell.Z_PDB              1 
_cell.pdbx_unique_axis   ? 
_cell.length_a_esd       ? 
_cell.length_b_esd       ? 
_cell.length_c_esd       ? 
_cell.angle_alpha_esd    ? 
_cell.angle_beta_esd     ? 
_cell.angle_gamma_esd    ? 
# 
_symmetry.entry_id                         3J6M 
_symmetry.space_group_name_H-M             'P 1' 
_symmetry.pdbx_full_space_group_name_H-M   ? 
_symmetry.cell_setting                     ? 
_symmetry.Int_Tables_number                1 
_symmetry.space_group_name_Hall            ? 
# 
_exptl.entry_id          3J6M 
_exptl.method            'ELECTRON MICROSCOPY' 
_exptl.crystals_number   ? 
# 
_exptl_crystal.id                    1 
_exptl_crystal.density_meas          ? 
_exptl_crystal.density_Matthews      ? 
_exptl_crystal.density_percent_sol   ? 
_exptl_crystal.description           ? 
# 
_diffrn.id                     1 
_diffrn.ambient_temp           ? 
_diffrn.ambient_temp_details   ? 
_diffrn.crystal_id             1 
# 
_diffrn_radiation.diffrn_id                        1 
_diffrn_radiation.wavelength_id                    1 
_diffrn_radiation.pdbx_monochromatic_or_laue_m_l   M 
_diffrn_radiation.monochromator                    ? 
_diffrn_radiation.pdbx_diffrn_protocol             'SINGLE WAVELENGTH' 
_diffrn_radiation.pdbx_scattering_type             x-ray 
# 
_diffrn_radiation_wavelength.id           1 
_diffrn_radiation_wavelength.wavelength   . 
_diffrn_radiation_wavelength.wt           1.0 
# 
_refine_hist.pdbx_refine_id                   'ELECTRON MICROSCOPY' 
_refine_hist.cycle_id                         LAST 
_refine_hist.pdbx_number_atoms_protein        959 
_refine_hist.pdbx_number_atoms_nucleic_acid   0 
_refine_hist.pdbx_number_atoms_ligand         0 
_refine_hist.number_atoms_solvent             30 
_refine_hist.number_atoms_total               989 
_refine_hist.d_res_high                       . 
_refine_hist.d_res_low                        . 
# 
_struct.entry_id                  3J6M 
_struct.title                     
'Kinetic and Structural Analysis of Coxsackievirus B3 Receptor Interactions and Formation of the A-particle' 
_struct.pdbx_model_details        ? 
_struct.pdbx_CASP_flag            ? 
_struct.pdbx_model_type_details   ? 
# 
_struct_keywords.entry_id        3J6M 
_struct_keywords.pdbx_keywords   'CELL ADHESION' 
_struct_keywords.text            'Coxsackievirus B3, CVB3, CAR, CELL ADHESION' 
# 
loop_
_struct_asym.id 
_struct_asym.pdbx_blank_PDB_chainid_flag 
_struct_asym.pdbx_modified 
_struct_asym.entity_id 
_struct_asym.details 
A N N 1 ? 
B N N 2 ? 
# 
_struct_ref.id                         1 
_struct_ref.db_name                    UNP 
_struct_ref.db_code                    CXAR_HUMAN 
_struct_ref.pdbx_db_accession          P78310 
_struct_ref.entity_id                  1 
_struct_ref.pdbx_seq_one_letter_code   
;SITTPEEMIEKAKGETAYLPCKFTLSPEDQGPLDIEWLISPADNQKVDQVIILYSGDKIYDDYYPDLKGRVHFTSNDLKS
GDASINVTNLQLSDIGTYQCKVKKAPGVANKKIHLVVLVKPSGA
;
_struct_ref.pdbx_align_begin           21 
_struct_ref.pdbx_db_isoform            ? 
# 
_struct_ref_seq.align_id                      1 
_struct_ref_seq.ref_id                        1 
_struct_ref_seq.pdbx_PDB_id_code              3J6M 
_struct_ref_seq.pdbx_strand_id                B 
_struct_ref_seq.seq_align_beg                 1 
_struct_ref_seq.pdbx_seq_align_beg_ins_code   ? 
_struct_ref_seq.seq_align_end                 124 
_struct_ref_seq.pdbx_seq_align_end_ins_code   ? 
_struct_ref_seq.pdbx_db_accession             P78310 
_struct_ref_seq.db_align_beg                  21 
_struct_ref_seq.pdbx_db_align_beg_ins_code    ? 
_struct_ref_seq.db_align_end                  144 
_struct_ref_seq.pdbx_db_align_end_ins_code    ? 
_struct_ref_seq.pdbx_auth_seq_align_beg       23 
_struct_ref_seq.pdbx_auth_seq_align_end       146 
# 
_struct_ref_seq_dif.align_id                     1 
_struct_ref_seq_dif.pdbx_pdb_id_code             3J6M 
_struct_ref_seq_dif.mon_id                       GLY 
_struct_ref_seq_dif.pdbx_pdb_strand_id           B 
_struct_ref_seq_dif.seq_num                      1 
_struct_ref_seq_dif.pdbx_pdb_ins_code            ? 
_struct_ref_seq_dif.pdbx_seq_db_name             UNP 
_struct_ref_seq_dif.pdbx_seq_db_accession_code   P78310 
_struct_ref_seq_dif.db_mon_id                    SER 
_struct_ref_seq_dif.pdbx_seq_db_seq_num          21 
_struct_ref_seq_dif.details                      conflict 
_struct_ref_seq_dif.pdbx_auth_seq_num            23 
_struct_ref_seq_dif.pdbx_ordinal                 1 
# 
loop_
_pdbx_struct_assembly.id 
_pdbx_struct_assembly.details 
_pdbx_struct_assembly.method_details 
_pdbx_struct_assembly.oligomeric_details 
_pdbx_struct_assembly.oligomeric_count 
1 'complete icosahedral assembly'                ? 60-MERIC   60 
2 'icosahedral asymmetric unit'                  ? monomeric  1  
3 'icosahedral pentamer'                         ? pentameric 5  
4 'icosahedral 23 hexamer'                       ? hexameric  6  
5 'icosahedral asymmetric unit, std point frame' ? monomeric  1  
# 
loop_
_pdbx_struct_assembly_gen.assembly_id 
_pdbx_struct_assembly_gen.oper_expression 
_pdbx_struct_assembly_gen.asym_id_list 
1 '(1-60)'           A,B 
2 1                  A,B 
3 '(1-5)'            A,B 
4 '(1,2,6,10,23,24)' A,B 
5 P                  A,B 
# 
loop_
_pdbx_struct_oper_list.id 
_pdbx_struct_oper_list.type 
_pdbx_struct_oper_list.name 
_pdbx_struct_oper_list.symmetry_operation 
_pdbx_struct_oper_list.matrix[1][1] 
_pdbx_struct_oper_list.matrix[1][2] 
_pdbx_struct_oper_list.matrix[1][3] 
_pdbx_struct_oper_list.vector[1] 
_pdbx_struct_oper_list.matrix[2][1] 
_pdbx_struct_oper_list.matrix[2][2] 
_pdbx_struct_oper_list.matrix[2][3] 
_pdbx_struct_oper_list.vector[2] 
_pdbx_struct_oper_list.matrix[3][1] 
_pdbx_struct_oper_list.matrix[3][2] 
_pdbx_struct_oper_list.matrix[3][3] 
_pdbx_struct_oper_list.vector[3] 
P  'transform to point frame' ?     ?     -0.88445046 -0.14003661 -0.44512598 -0.14054   0.41285382  -0.67941934 -0.60658148 33.89965  -0.21748359 -0.72026323 0.65872739  161.02259  
1  'identity operation'       1_555 x,y,z 1.00000000  0.00000000  0.00000000  0.00000    0.00000000  1.00000000  0.00000000  0.00000   0.00000000  0.00000000  1.00000000  0.00000    
2  'point symmetry operation' ?     ?     0.30972666  -0.25110831 -0.91706816 -29.14477  0.20815352  0.95900792  -0.19229123 -15.10714 0.92776155  -0.13133324 0.34929940  -56.81618  
3  'point symmetry operation' ?     ?     -0.80715905 -0.19814827 -0.55608589 17.72615   0.08569116  0.89268134  -0.44246699 -24.73635 0.58408157  -0.40479288 -0.70355627 -101.71736 
4  'point symmetry operation' ?     ?     -0.80715905 0.08569116  0.58408157  75.83874   -0.19814827 0.89268134  -0.40479288 -15.58038 -0.55608589 -0.44246699 -0.70355627 -72.65164  
5  'point symmetry operation' ?     ?     0.30972666  0.20815352  0.92776155  64.88338   -0.25110831 0.95900792  -0.13133324 -0.29248  -0.91706816 -0.19229123 0.34929940  -9.78686   
6  'point symmetry operation' ?     ?     -0.90540178 0.31329086  -0.28652479 -28.23980  0.31329086  0.03755823  -0.94891423 46.02479  -0.28652479 -0.94891423 -0.13215645 41.00068   
7  'point symmetry operation' ?     ?     -0.48104116 0.56543255  0.66998912  9.69424    -0.77551373 0.08197268  -0.62598637 90.24028  -0.40887387 -0.82071097 0.39906848  71.19538   
8  'point symmetry operation' ?     ?     0.59029565  0.57505590  0.56644661  -22.89421  -0.80390046 0.35556322  0.47677965  147.17023 0.07276737  -0.73680765 0.67217512  72.83697   
9  'point symmetry operation' ?     ?     0.82805760  0.32886174  -0.45406009 -80.96902  0.26736017  0.48023701  0.83539867  138.13938 0.49278713  -0.81315581 0.30973938  43.65683   
10 'point symmetry operation' ?     ?     -0.09633424 0.16708206  -0.98122540 -84.27278  0.95782238  0.28369912  -0.04572860 75.62806  0.27073235  -0.94424487 -0.18736487 23.98091   
11 'point symmetry operation' ?     ?     -0.65910344 -0.56100174 -0.50085896 69.79094   -0.56100174 -0.07677873 0.82424637  231.91794 -0.50085896 0.82424637  -0.26411783 -212.26510 
12 'point symmetry operation' ?     ?     -0.78559408 -0.30671933 0.53736876  125.93238  0.57496513  -0.04101016 0.81714948  202.59759 -0.22859796 0.95091609  0.20857026  -195.11352 
13 'point symmetry operation' ?     ?     0.19138593  -0.16745144 0.96712534  122.93076  0.92766548  -0.29102648 -0.23396649 140.03260 0.32063712  0.94194671  0.09964055  -214.66687 
14 'point symmetry operation' ?     ?     0.92168343  -0.33566157 0.19450181  64.93421   0.00967943  -0.48131364 -0.87649500 130.68566 0.38782206  0.80973359  -0.44036980 -243.90309 
15 'point symmetry operation' ?     ?     0.39605210  -0.57888902 -0.71276239 32.09199   -0.91036752 -0.34890124 -0.22248348 187.47392 -0.11989044 0.73699078  -0.66518483 -242.41871 
16 'point symmetry operation' ?     ?     0.56450522  0.24771088  0.78738375  42.04834   0.24771088  -0.96077950 0.12466786  278.02145 0.78738375  0.12466786  -0.60372572 -171.01419 
17 'point symmetry operation' ?     ?     0.95690858  -0.00760492 -0.29028972 -22.88237  -0.00760492 -0.99997044 0.00112812  278.23345 -0.29028972 0.00112812  -0.95693814 -161.54429 
18 'point symmetry operation' ?     ?     0.02547747  -0.20945619 -0.97748606 -34.16321  -0.20945619 -0.95721808 0.19965383  293.49770 -0.97748606 0.19965383  -0.06825939 -98.73134  
19 'point symmetry operation' ?     ?     -0.94258198 -0.07889133 -0.32452329 23.79556   -0.07889133 -0.89160472 0.44588921  302.71951 -0.32452329 0.44588921  0.83418669  -69.38070  
20 'point symmetry operation' ?     ?     -0.60944451 0.20365345  0.76622624  70.89689   0.20365345  -0.89380579 0.39954533  293.15466 0.76622624  0.39954533  0.50325030  -114.05395 
21 'point symmetry operation' ?     ?     -0.26258422 0.72698505  -0.63446219 -128.94727 0.33400498  0.68536756  0.64707958  92.12080  0.90525698  -0.04200064 -0.42278333 -134.82911 
22 'point symmetry operation' ?     ?     -0.51863447 0.84644747  -0.12060248 -96.22926  0.84644747  0.48841843  -0.21207099 35.26777  -0.12060248 -0.21207099 -0.96978396 -136.55718 
23 'point symmetry operation' ?     ?     -0.09633424 0.95782238  0.27073235  -87.04901  0.16708206  0.28369912  -0.94424487 15.26871  -0.98122540 -0.04572860 -0.18736487 -74.73905  
24 'point symmetry operation' ?     ?     0.42071188  0.90719341  -0.00126913 -114.09331 -0.76523136 0.35412476  -0.53760266 59.76164  -0.48726016 0.22714700  0.84319734  -34.80527  
25 'point symmetry operation' ?     ?     0.31796375  0.76452810  -0.56071011 -139.98786 -0.66206732 0.60236950  0.44588995  107.25885 0.67865007  0.22945100  0.69770073  -71.94298  
26 'point symmetry operation' ?     ?     0.64729114  0.54708923  -0.53076129 -114.08599 -0.27309365 -0.48364112 -0.83157148 140.76317 -0.71164179 0.68321639  -0.16365002 -179.66086 
27 'point symmetry operation' ?     ?     -0.17805805 0.43182932  -0.88420516 -111.06027 -0.95675603 -0.28602660 0.05297802  203.27557 -0.23002873 0.85540178  0.46408465  -159.94370 
28 'point symmetry operation' ?     ?     -0.78559408 0.57496513  -0.22859796 -62.15736  -0.30671933 -0.04101016 0.95091609  232.47104 0.53736876  0.81714948  0.20857026  -192.52976 
29 'point symmetry operation' ?     ?     -0.33572282 0.77868783  0.53003343  -34.95942  0.77868783  -0.08719619 0.62132285  188.00244 0.53003343  0.62132285  -0.57708099 -232.38621 
30 'point symmetry operation' ?     ?     0.54984895  0.76145957  0.34328623  -67.05308  0.79946964  -0.36075717 -0.48031506 131.32385 -0.24189753 0.53854765  -0.80712577 -224.43279 
31 'point symmetry operation' ?     ?     0.08300636  -0.43145994 0.89830522  156.00178  -0.92873183 0.29335397  0.22671708  137.02795 -0.36134074 -0.85310361 -0.37636033 8.35106    
32 'point symmetry operation' ?     ?     0.76931242  -0.55259442 0.32062095  109.06244  -0.01625096 0.48476557  0.87449314  146.78269 -0.63866602 -0.67796883 0.36395599  53.15357   
33 'point symmetry operation' ?     ?     0.42071188  -0.76523136 -0.48726016 76.77267   0.90719341  0.35412476  0.22714700  90.24754  -0.00126913 -0.53760266 0.84319734  61.33093   
34 'point symmetry operation' ?     ?     -0.48104116 -0.77551373 -0.40887387 103.75584  0.56543255  0.08197268  -0.82071097 45.55216  0.66998912  -0.62598637 0.39906848  21.58231   
35 'point symmetry operation' ?     ?     -0.68975466 -0.56923164 0.44745262  152.72212  -0.56923164 0.04441427  -0.82097667 74.46404  0.44745262  -0.82097667 -0.35465962 -11.16105  
36 'point symmetry operation' ?     ?     -0.46771328 -0.84261434 0.26691826  170.63097  0.86782051  -0.49508040 -0.04222518 186.05225 0.16772555  0.21188786  0.96279368  -36.13969  
37 'point symmetry operation' ?     ?     -0.07261991 -0.72568237 0.68418669  181.82658  0.12655952  -0.68715739 -0.71540017 170.63815 0.98929724  0.03463804  0.14174332  -98.93129  
38 'point symmetry operation' ?     ?     0.46121644  -0.76755614 0.44512577  156.03319  -0.76755614 -0.59681371 -0.23381821 217.97688 0.44512577  -0.23381821 -0.86440273 -136.34072 
39 'point symmetry operation' ?     ?     0.39605210  -0.91036752 -0.11989044 128.89638  -0.57888902 -0.34890124 0.73699078  262.64794 -0.71276239 -0.22248348 -0.66518483 -96.66943  
40 'point symmetry operation' ?     ?     -0.17805805 -0.95675603 -0.23002873 137.91830  0.43182932  -0.28602660 0.85540178  242.91743 -0.88420516 0.05297802  0.46408465  -34.74179  
41 'point symmetry operation' ?     ?     -0.26258422 0.33400498  0.90525698  57.42667   0.72698505  0.68536756  -0.04200064 24.94322  -0.63446219 0.64707958  -0.42278333 -198.42516 
42 'point symmetry operation' ?     ?     0.82805760  0.26736017  0.49278713  8.60053    0.32886174  0.48023701  -0.81315581 -4.21223  -0.45406009 0.83539867  0.30973938  -165.68850 
43 'point symmetry operation' ?     ?     0.76931242  -0.01625096 -0.63866602 -47.57035  -0.55259442 0.48476557  -0.67796883 25.14857  0.32062095  0.87449314  0.36395599  -182.67371 
44 'point symmetry operation' ?     ?     -0.35763591 -0.12488746 -0.92547267 -33.45972  -0.69924099 0.69269492  0.17673647  72.44998  0.61899805  0.71033574  -0.33505901 -225.90782 
45 'point symmetry operation' ?     ?     -0.99538311 0.09158261  0.02872422  31.43201   0.09158261  0.81667376  0.56978643  72.32307  0.02872422  0.56978643  -0.82129065 -235.64275 
46 'point symmetry operation' ?     ?     0.08300636  -0.92873183 -0.36134074 117.33065  -0.43145994 0.29335397  -0.85310361 34.23515  0.89830522  0.22671708  -0.37636033 -168.06078 
47 'point symmetry operation' ?     ?     -0.50284756 -0.86404872 -0.02375161 149.47194  -0.86404872 0.50171281  0.04128019  90.84829  -0.02375161 0.04128019  -0.99886526 -176.28337 
48 'point symmetry operation' ?     ?     -0.35763591 -0.69924099 0.61899805  178.53010  -0.12488746 0.69269492  0.71033574  106.10597 -0.92547267 0.17673647  -0.33505901 -119.46306 
49 'point symmetry operation' ?     ?     0.31796375  -0.66206732 0.67865007  164.34775  0.76452810  0.60236950  0.22945100  58.92258  -0.56071011 0.44588995  0.69770073  -76.12358  
50 'point symmetry operation' ?     ?     0.59029565  -0.80390046 0.07276737  126.52441  0.57505590  0.35556322  -0.73680765 14.50397  0.56644661  0.47677965  0.67217512  -106.15862 
51 'point symmetry operation' ?     ?     -0.46771328 0.86782051  0.16772555  -75.59204  -0.84261434 -0.49508040 0.21188786  243.54449 0.26691826  -0.04222518 0.96279368  -2.89337   
52 'point symmetry operation' ?     ?     0.19138593  0.92766548  0.32063712  -84.60046  -0.16745144 -0.29102648 0.94194671  263.54288 0.96712534  -0.23396649 0.09964055  -64.73699  
53 'point symmetry operation' ?     ?     0.54984895  0.79946964  -0.24189753 -122.41011 0.76145957  -0.36075717 0.53854765  219.30199 0.34328623  -0.48031506 -0.80712577 -95.05027  
54 'point symmetry operation' ?     ?     0.11229207  0.66039526  -0.74247463 -136.76934 0.66039526  -0.60790703 -0.44082552 171.96121 -0.74247463 -0.44082552 -0.50438504 -51.94128  
55 'point symmetry operation' ?     ?     -0.51659597 0.70263842  -0.48931364 -107.83418 -0.33097694 -0.69092334 -0.64271237 186.94390 -0.78967263 -0.17007109 0.58948533  5.01482    
56 'point symmetry operation' ?     ?     0.64729114  -0.27309365 -0.71164179 -15.56580  0.54708923  -0.48364112 0.68321639  253.24132 -0.53076129 -0.83157148 -0.16365002 27.10070   
57 'point symmetry operation' ?     ?     -0.51659597 -0.33097694 -0.78967263 10.12748   0.70263842  -0.69092334 -0.17007109 205.78522 -0.48931364 -0.64271237 0.58948533  64.43026   
58 'point symmetry operation' ?     ?     -0.96152547 -0.08397769 0.26156550  75.04985   -0.08397769 -0.81670332 -0.57091455 205.40765 0.26156550  -0.57091455 0.77822879  54.90844   
59 'point symmetry operation' ?     ?     -0.07261991 0.12655952  0.98929724  89.48080   -0.72568237 -0.68715739 0.03463804  252.63040 0.68418669  -0.71540017 0.14174332  11.69408   
60 'point symmetry operation' ?     ?     0.92168343  0.00967943  0.38782206  33.47725   -0.33566157 -0.48131364 0.80973359  282.19323 0.19450181  -0.87649500 -0.44036980 -5.49205 
# 
_struct_biol.id        1 
_struct_biol.details   ? 
# 
loop_
_struct_conf.conf_type_id 
_struct_conf.id 
_struct_conf.pdbx_PDB_helix_id 
_struct_conf.beg_label_comp_id 
_struct_conf.beg_label_asym_id 
_struct_conf.beg_label_seq_id 
_struct_conf.pdbx_beg_PDB_ins_code 
_struct_conf.end_label_comp_id 
_struct_conf.end_label_asym_id 
_struct_conf.end_label_seq_id 
_struct_conf.pdbx_end_PDB_ins_code 
_struct_conf.beg_auth_comp_id 
_struct_conf.beg_auth_asym_id 
_struct_conf.beg_auth_seq_id 
_struct_conf.end_auth_comp_id 
_struct_conf.end_auth_asym_id 
_struct_conf.end_auth_seq_id 
_struct_conf.pdbx_PDB_helix_class 
_struct_conf.details 
_struct_conf.pdbx_PDB_helix_length 
HELX_P HELX_P1 1 TYR A 64 ? LYS A 68 ? TYR B 86  LYS B 90  5 ? 5 
HELX_P HELX_P2 2 ASP A 77 ? GLY A 81 ? ASP B 99  GLY B 103 5 ? 5 
HELX_P HELX_P3 3 GLN A 91 ? ASP A 94 ? GLN B 113 ASP B 116 5 ? 4 
# 
_struct_conf_type.id          HELX_P 
_struct_conf_type.criteria    ? 
_struct_conf_type.reference   ? 
# 
_struct_conn.id                            disulf1 
_struct_conn.conn_type_id                  disulf 
_struct_conn.pdbx_leaving_atom_flag        ? 
_struct_conn.pdbx_PDB_id                   ? 
_struct_conn.ptnr1_label_asym_id           A 
_struct_conn.ptnr1_label_comp_id           CYS 
_struct_conn.ptnr1_label_seq_id            21 
_struct_conn.ptnr1_label_atom_id           SG 
_struct_conn.pdbx_ptnr1_label_alt_id       ? 
_struct_conn.pdbx_ptnr1_PDB_ins_code       ? 
_struct_conn.pdbx_ptnr1_standard_comp_id   ? 
_struct_conn.ptnr1_symmetry                1_555 
_struct_conn.ptnr2_label_asym_id           A 
_struct_conn.ptnr2_label_comp_id           CYS 
_struct_conn.ptnr2_label_seq_id            100 
_struct_conn.ptnr2_label_atom_id           SG 
_struct_conn.pdbx_ptnr2_label_alt_id       ? 
_struct_conn.pdbx_ptnr2_PDB_ins_code       ? 
_struct_conn.ptnr1_auth_asym_id            B 
_struct_conn.ptnr1_auth_comp_id            CYS 
_struct_conn.ptnr1_auth_seq_id             43 
_struct_conn.ptnr2_auth_asym_id            B 
_struct_conn.ptnr2_auth_comp_id            CYS 
_struct_conn.ptnr2_auth_seq_id             122 
_struct_conn.ptnr2_symmetry                1_555 
_struct_conn.pdbx_ptnr3_label_atom_id      ? 
_struct_conn.pdbx_ptnr3_label_seq_id       ? 
_struct_conn.pdbx_ptnr3_label_comp_id      ? 
_struct_conn.pdbx_ptnr3_label_asym_id      ? 
_struct_conn.pdbx_ptnr3_label_alt_id       ? 
_struct_conn.pdbx_ptnr3_PDB_ins_code       ? 
_struct_conn.details                       ? 
_struct_conn.pdbx_dist_value               2.029 
_struct_conn.pdbx_value_order              ? 
_struct_conn.pdbx_role                     ? 
# 
_struct_conn_type.id          disulf 
_struct_conn_type.criteria    ? 
_struct_conn_type.reference   ? 
# 
_pdbx_modification_feature.ordinal                            1 
_pdbx_modification_feature.label_comp_id                      CYS 
_pdbx_modification_feature.label_asym_id                      A 
_pdbx_modification_feature.label_seq_id                       21 
_pdbx_modification_feature.label_alt_id                       ? 
_pdbx_modification_feature.modified_residue_label_comp_id     CYS 
_pdbx_modification_feature.modified_residue_label_asym_id     A 
_pdbx_modification_feature.modified_residue_label_seq_id      100 
_pdbx_modification_feature.modified_residue_label_alt_id      ? 
_pdbx_modification_feature.auth_comp_id                       CYS 
_pdbx_modification_feature.auth_asym_id                       B 
_pdbx_modification_feature.auth_seq_id                        43 
_pdbx_modification_feature.PDB_ins_code                       ? 
_pdbx_modification_feature.symmetry                           1_555 
_pdbx_modification_feature.modified_residue_auth_comp_id      CYS 
_pdbx_modification_feature.modified_residue_auth_asym_id      B 
_pdbx_modification_feature.modified_residue_auth_seq_id       122 
_pdbx_modification_feature.modified_residue_PDB_ins_code      ? 
_pdbx_modification_feature.modified_residue_symmetry          1_555 
_pdbx_modification_feature.comp_id_linking_atom               SG 
_pdbx_modification_feature.modified_residue_id_linking_atom   SG 
_pdbx_modification_feature.modified_residue_id                . 
_pdbx_modification_feature.ref_pcm_id                         . 
_pdbx_modification_feature.ref_comp_id                        . 
_pdbx_modification_feature.type                               None 
_pdbx_modification_feature.category                           'Disulfide bridge' 
# 
_struct_mon_prot_cis.pdbx_id                1 
_struct_mon_prot_cis.label_comp_id          ALA 
_struct_mon_prot_cis.label_seq_id           105 
_struct_mon_prot_cis.label_asym_id          A 
_struct_mon_prot_cis.label_alt_id           . 
_struct_mon_prot_cis.pdbx_PDB_ins_code      ? 
_struct_mon_prot_cis.auth_comp_id           ALA 
_struct_mon_prot_cis.auth_seq_id            127 
_struct_mon_prot_cis.auth_asym_id           B 
_struct_mon_prot_cis.pdbx_label_comp_id_2   PRO 
_struct_mon_prot_cis.pdbx_label_seq_id_2    106 
_struct_mon_prot_cis.pdbx_label_asym_id_2   A 
_struct_mon_prot_cis.pdbx_PDB_ins_code_2    ? 
_struct_mon_prot_cis.pdbx_auth_comp_id_2    PRO 
_struct_mon_prot_cis.pdbx_auth_seq_id_2     128 
_struct_mon_prot_cis.pdbx_auth_asym_id_2    B 
_struct_mon_prot_cis.pdbx_PDB_model_num     1 
_struct_mon_prot_cis.pdbx_omega_angle       0.28 
# 
loop_
_struct_sheet.id 
_struct_sheet.type 
_struct_sheet.number_strands 
_struct_sheet.details 
A ? 6 ? 
B ? 3 ? 
# 
loop_
_struct_sheet_order.sheet_id 
_struct_sheet_order.range_id_1 
_struct_sheet_order.range_id_2 
_struct_sheet_order.offset 
_struct_sheet_order.sense 
A 1 2 ? parallel      
A 2 3 ? anti-parallel 
A 3 4 ? anti-parallel 
A 4 5 ? anti-parallel 
A 5 6 ? anti-parallel 
B 1 2 ? anti-parallel 
B 2 3 ? anti-parallel 
# 
loop_
_struct_sheet_range.sheet_id 
_struct_sheet_range.id 
_struct_sheet_range.beg_label_comp_id 
_struct_sheet_range.beg_label_asym_id 
_struct_sheet_range.beg_label_seq_id 
_struct_sheet_range.pdbx_beg_PDB_ins_code 
_struct_sheet_range.end_label_comp_id 
_struct_sheet_range.end_label_asym_id 
_struct_sheet_range.end_label_seq_id 
_struct_sheet_range.pdbx_end_PDB_ins_code 
_struct_sheet_range.beg_auth_comp_id 
_struct_sheet_range.beg_auth_asym_id 
_struct_sheet_range.beg_auth_seq_id 
_struct_sheet_range.end_auth_comp_id 
_struct_sheet_range.end_auth_asym_id 
_struct_sheet_range.end_auth_seq_id 
A 1 GLU A 7   ? ALA A 12  ? GLU B 29  ALA B 34  
A 2 GLY A 107 ? LEU A 118 ? GLY B 129 LEU B 140 
A 3 GLY A 96  ? LYS A 104 ? GLY B 118 LYS B 126 
A 4 LEU A 33  ? PRO A 41  ? LEU B 55  PRO B 63  
A 5 GLN A 49  ? SER A 55  ? GLN B 71  SER B 77  
A 6 LYS A 58  ? TYR A 60  ? LYS B 80  TYR B 82  
B 1 ALA A 17  ? LEU A 19  ? ALA B 39  LEU B 41  
B 2 ILE A 85  ? VAL A 87  ? ILE B 107 VAL B 109 
B 3 VAL A 71  ? PHE A 73  ? VAL B 93  PHE B 95  
# 
loop_
_pdbx_struct_sheet_hbond.sheet_id 
_pdbx_struct_sheet_hbond.range_id_1 
_pdbx_struct_sheet_hbond.range_id_2 
_pdbx_struct_sheet_hbond.range_1_label_atom_id 
_pdbx_struct_sheet_hbond.range_1_label_comp_id 
_pdbx_struct_sheet_hbond.range_1_label_asym_id 
_pdbx_struct_sheet_hbond.range_1_label_seq_id 
_pdbx_struct_sheet_hbond.range_1_PDB_ins_code 
_pdbx_struct_sheet_hbond.range_1_auth_atom_id 
_pdbx_struct_sheet_hbond.range_1_auth_comp_id 
_pdbx_struct_sheet_hbond.range_1_auth_asym_id 
_pdbx_struct_sheet_hbond.range_1_auth_seq_id 
_pdbx_struct_sheet_hbond.range_2_label_atom_id 
_pdbx_struct_sheet_hbond.range_2_label_comp_id 
_pdbx_struct_sheet_hbond.range_2_label_asym_id 
_pdbx_struct_sheet_hbond.range_2_label_seq_id 
_pdbx_struct_sheet_hbond.range_2_PDB_ins_code 
_pdbx_struct_sheet_hbond.range_2_auth_atom_id 
_pdbx_struct_sheet_hbond.range_2_auth_comp_id 
_pdbx_struct_sheet_hbond.range_2_auth_asym_id 
_pdbx_struct_sheet_hbond.range_2_auth_seq_id 
A 1 2 N ILE A 9   ? N ILE B 31  O VAL A 116 ? O VAL B 138 
A 2 3 O ILE A 113 ? O ILE B 135 N TYR A 98  ? N TYR B 120 
A 3 4 O LYS A 101 ? O LYS B 123 N GLU A 36  ? N GLU B 58  
A 4 5 N TRP A 37  ? N TRP B 59  O ILE A 51  ? O ILE B 73  
A 5 6 N LEU A 53  ? N LEU B 75  O TYR A 60  ? O TYR B 82  
B 1 2 N LEU A 19  ? N LEU B 41  O ILE A 85  ? O ILE B 107 
B 2 3 O ASN A 86  ? O ASN B 108 N HIS A 72  ? N HIS B 94  
# 
_pdbx_entry_details.entry_id                   3J6M 
_pdbx_entry_details.compound_details           ? 
_pdbx_entry_details.source_details             ? 
_pdbx_entry_details.nonpolymer_details         ? 
_pdbx_entry_details.sequence_details           ? 
_pdbx_entry_details.has_ligand_of_interest     ? 
_pdbx_entry_details.has_protein_modification   Y 
# 
_pdbx_validate_close_contact.id               1 
_pdbx_validate_close_contact.PDB_model_num    1 
_pdbx_validate_close_contact.auth_atom_id_1   O 
_pdbx_validate_close_contact.auth_asym_id_1   B 
_pdbx_validate_close_contact.auth_comp_id_1   HOH 
_pdbx_validate_close_contact.auth_seq_id_1    204 
_pdbx_validate_close_contact.PDB_ins_code_1   ? 
_pdbx_validate_close_contact.label_alt_id_1   ? 
_pdbx_validate_close_contact.auth_atom_id_2   O 
_pdbx_validate_close_contact.auth_asym_id_2   B 
_pdbx_validate_close_contact.auth_comp_id_2   HOH 
_pdbx_validate_close_contact.auth_seq_id_2    229 
_pdbx_validate_close_contact.PDB_ins_code_2   ? 
_pdbx_validate_close_contact.label_alt_id_2   ? 
_pdbx_validate_close_contact.dist             1.81 
# 
loop_
_pdbx_validate_rmsd_bond.id 
_pdbx_validate_rmsd_bond.PDB_model_num 
_pdbx_validate_rmsd_bond.auth_atom_id_1 
_pdbx_validate_rmsd_bond.auth_asym_id_1 
_pdbx_validate_rmsd_bond.auth_comp_id_1 
_pdbx_validate_rmsd_bond.auth_seq_id_1 
_pdbx_validate_rmsd_bond.PDB_ins_code_1 
_pdbx_validate_rmsd_bond.label_alt_id_1 
_pdbx_validate_rmsd_bond.auth_atom_id_2 
_pdbx_validate_rmsd_bond.auth_asym_id_2 
_pdbx_validate_rmsd_bond.auth_comp_id_2 
_pdbx_validate_rmsd_bond.auth_seq_id_2 
_pdbx_validate_rmsd_bond.PDB_ins_code_2 
_pdbx_validate_rmsd_bond.label_alt_id_2 
_pdbx_validate_rmsd_bond.bond_value 
_pdbx_validate_rmsd_bond.bond_target_value 
_pdbx_validate_rmsd_bond.bond_deviation 
_pdbx_validate_rmsd_bond.bond_standard_deviation 
_pdbx_validate_rmsd_bond.linker_flag 
1 1 CG B ASP 83 ? ? OD1 B ASP 83 ? ? 3.343 1.249 2.094 0.023 N 
2 1 CG B ASP 83 ? ? OD2 B ASP 83 ? ? 2.908 1.249 1.659 0.023 N 
3 1 CG B ASP 84 ? ? OD1 B ASP 84 ? ? 3.000 1.249 1.751 0.023 N 
4 1 CG B ASP 84 ? ? OD2 B ASP 84 ? ? 2.481 1.249 1.232 0.023 N 
# 
loop_
_pdbx_validate_rmsd_angle.id 
_pdbx_validate_rmsd_angle.PDB_model_num 
_pdbx_validate_rmsd_angle.auth_atom_id_1 
_pdbx_validate_rmsd_angle.auth_asym_id_1 
_pdbx_validate_rmsd_angle.auth_comp_id_1 
_pdbx_validate_rmsd_angle.auth_seq_id_1 
_pdbx_validate_rmsd_angle.PDB_ins_code_1 
_pdbx_validate_rmsd_angle.label_alt_id_1 
_pdbx_validate_rmsd_angle.auth_atom_id_2 
_pdbx_validate_rmsd_angle.auth_asym_id_2 
_pdbx_validate_rmsd_angle.auth_comp_id_2 
_pdbx_validate_rmsd_angle.auth_seq_id_2 
_pdbx_validate_rmsd_angle.PDB_ins_code_2 
_pdbx_validate_rmsd_angle.label_alt_id_2 
_pdbx_validate_rmsd_angle.auth_atom_id_3 
_pdbx_validate_rmsd_angle.auth_asym_id_3 
_pdbx_validate_rmsd_angle.auth_comp_id_3 
_pdbx_validate_rmsd_angle.auth_seq_id_3 
_pdbx_validate_rmsd_angle.PDB_ins_code_3 
_pdbx_validate_rmsd_angle.label_alt_id_3 
_pdbx_validate_rmsd_angle.angle_value 
_pdbx_validate_rmsd_angle.angle_target_value 
_pdbx_validate_rmsd_angle.angle_deviation 
_pdbx_validate_rmsd_angle.angle_standard_deviation 
_pdbx_validate_rmsd_angle.linker_flag 
1 1 OD1 B ASP 83  ? ? CG B ASP 83  ? ? OD2 B ASP 83  ? ? 41.13 123.30 -82.17 1.90 N 
2 1 CB  B ASP 83  ? ? CG B ASP 83  ? ? OD1 B ASP 83  ? ? 42.01 118.30 -76.30 0.90 N 
3 1 CB  B ASP 83  ? ? CG B ASP 83  ? ? OD2 B ASP 83  ? ? 57.42 118.30 -60.88 0.90 N 
4 1 OD1 B ASP 84  ? ? CG B ASP 84  ? ? OD2 B ASP 84  ? ? 46.95 123.30 -76.35 1.90 N 
5 1 CB  B ASP 84  ? ? CG B ASP 84  ? ? OD1 B ASP 84  ? ? 52.20 118.30 -66.10 0.90 N 
6 1 CB  B ASP 84  ? ? CG B ASP 84  ? ? OD2 B ASP 84  ? ? 69.83 118.30 -48.47 0.90 N 
7 1 N   B GLY 145 ? ? CA B GLY 145 ? ? C   B GLY 145 ? ? 90.95 113.10 -22.15 2.50 N 
# 
loop_
_pdbx_validate_torsion.id 
_pdbx_validate_torsion.PDB_model_num 
_pdbx_validate_torsion.auth_comp_id 
_pdbx_validate_torsion.auth_asym_id 
_pdbx_validate_torsion.auth_seq_id 
_pdbx_validate_torsion.PDB_ins_code 
_pdbx_validate_torsion.label_alt_id 
_pdbx_validate_torsion.phi 
_pdbx_validate_torsion.psi 
1  1 CYS B 43  ? ? -155.89 80.81   
2  1 ASP B 51  ? ? -64.71  72.43   
3  1 ASP B 70  ? ? 37.44   55.57   
4  1 ASP B 83  ? ? -127.10 -165.35 
5  1 ASP B 99  ? ? -151.90 81.38   
6  1 SER B 106 ? ? -49.65  151.49  
7  1 LYS B 126 ? ? -151.12 83.30   
8  1 ALA B 127 ? ? -37.55  132.78  
9  1 PRO B 143 ? ? -40.72  152.90  
10 1 SER B 144 ? ? 123.08  122.40  
# 
loop_
_pdbx_validate_planes.id 
_pdbx_validate_planes.PDB_model_num 
_pdbx_validate_planes.auth_comp_id 
_pdbx_validate_planes.auth_asym_id 
_pdbx_validate_planes.auth_seq_id 
_pdbx_validate_planes.PDB_ins_code 
_pdbx_validate_planes.label_alt_id 
_pdbx_validate_planes.rmsd 
_pdbx_validate_planes.type 
1 1 ASP B 83 ? ? 0.392 'SIDE CHAIN' 
2 1 ASP B 84 ? ? 0.440 'SIDE CHAIN' 
# 
_pdbx_point_symmetry.entry_id             3J6M 
_pdbx_point_symmetry.Schoenflies_symbol   I 
# 
_em_3d_fitting.id                1 
_em_3d_fitting.entry_id          3J6M 
_em_3d_fitting.ref_protocol      'RIGID BODY FIT' 
_em_3d_fitting.ref_space         REAL 
_em_3d_fitting.overall_b_value   ? 
_em_3d_fitting.target_criteria   'correlation coefficient' 
_em_3d_fitting.details           'REFINEMENT PROTOCOL--rigid body' 
_em_3d_fitting.method            ? 
# 
_em_3d_fitting_list.3d_fitting_id                 1 
_em_3d_fitting_list.id                            1 
_em_3d_fitting_list.pdb_entry_id                  1KAC 
_em_3d_fitting_list.pdb_chain_id                  B 
_em_3d_fitting_list.details                       ? 
_em_3d_fitting_list.initial_refinement_model_id   1 
_em_3d_fitting_list.chain_id                      ? 
_em_3d_fitting_list.chain_residue_range           ? 
_em_3d_fitting_list.pdb_chain_residue_range       ? 
_em_3d_fitting_list.source_name                   PDB 
_em_3d_fitting_list.type                          'experimental model' 
_em_3d_fitting_list.accession_code                1KAC 
# 
_em_3d_reconstruction.entry_id                    3J6M 
_em_3d_reconstruction.id                          1 
_em_3d_reconstruction.resolution_method           'FSC 0.5 CUT-OFF' 
_em_3d_reconstruction.symmetry_type               POINT 
_em_3d_reconstruction.image_processing_id         1 
_em_3d_reconstruction.method                      'Common Lines' 
_em_3d_reconstruction.nominal_pixel_size          1.25 
_em_3d_reconstruction.actual_pixel_size           1.25 
_em_3d_reconstruction.resolution                  9.0 
_em_3d_reconstruction.magnification_calibration   ? 
_em_3d_reconstruction.details                     
'(Single particle details: Particles were selected using EMAN) (Single particle--Applied symmetry: I)' 
_em_3d_reconstruction.num_particles               9302 
_em_3d_reconstruction.num_class_averages          ? 
_em_3d_reconstruction.algorithm                   ? 
# 
_em_buffer.id            1 
_em_buffer.specimen_id   1 
_em_buffer.name          '50 mM MES, 100 mM NaCl' 
_em_buffer.pH            6 
_em_buffer.details       '50 mM MES, 100 mM NaCl' 
# 
loop_
_em_entity_assembly.id 
_em_entity_assembly.name 
_em_entity_assembly.type 
_em_entity_assembly.parent_id 
_em_entity_assembly.synonym 
_em_entity_assembly.details 
_em_entity_assembly.oligomeric_details 
1 'Coxsackievirus B3 complexed with CAR'   COMPLEX 0 ? 'icosahedral virus' ? 
2 'Human coxsackievirus B3'                VIRUS   1 ? ?                   ? 
3 'Coxsackievirus and adenovirus receptor' ?       1 ? ?                   ? 
# 
_em_image_scans.entry_id                3J6M 
_em_image_scans.id                      1 
_em_image_scans.image_recording_id      1 
_em_image_scans.number_digital_images   96 
_em_image_scans.citation_id             ? 
_em_image_scans.od_range                ? 
_em_image_scans.quant_bit_size          ? 
_em_image_scans.sampling_size           ? 
_em_image_scans.scanner_model           ? 
_em_image_scans.details                 ? 
# 
_em_imaging.entry_id                        3J6M 
_em_imaging.id                              1 
_em_imaging.date                            2012-08-01 
_em_imaging.specimen_id                     1 
_em_imaging.temperature                     ? 
_em_imaging.microscope_model                'FEI TECNAI F20' 
_em_imaging.nominal_defocus_min             1980 
_em_imaging.nominal_defocus_max             3660 
_em_imaging.tilt_angle_min                  0.0 
_em_imaging.tilt_angle_max                  0.0 
_em_imaging.nominal_cs                      2 
_em_imaging.mode                            'BRIGHT FIELD' 
_em_imaging.illumination_mode               'SPOT SCAN' 
_em_imaging.nominal_magnification           50000 
_em_imaging.calibrated_magnification        50000 
_em_imaging.electron_source                 'FIELD EMISSION GUN' 
_em_imaging.accelerating_voltage            200 
_em_imaging.details                         ? 
_em_imaging.specimen_holder_type            ? 
_em_imaging.specimen_holder_model           'GATAN LIQUID NITROGEN' 
_em_imaging.recording_temperature_minimum   ? 
_em_imaging.recording_temperature_maximum   ? 
_em_imaging.detector_distance               0.0 
_em_imaging.electron_beam_tilt_params       ? 
_em_imaging.astigmatism                     CTFFIND3 
_em_imaging.citation_id                     ? 
# 
_em_sample_support.id               1 
_em_sample_support.specimen_id      1 
_em_sample_support.details          'glow-discharged holey carbon Quantifoil electron microscopy grids' 
_em_sample_support.film_material    ? 
_em_sample_support.grid_material    ? 
_em_sample_support.grid_mesh_size   ? 
_em_sample_support.grid_type        ? 
_em_sample_support.method           ? 
# 
_em_virus_entity.id                    1 
_em_virus_entity.virus_host_category   VERTEBRATES 
_em_virus_entity.entity_assembly_id    1 
_em_virus_entity.virus_type            VIRION 
_em_virus_entity.virus_isolate         STRAIN 
_em_virus_entity.empty                 NO 
_em_virus_entity.enveloped             NO 
_em_virus_entity.details               ? 
# 
_em_vitrification.entry_id              3J6M 
_em_vitrification.id                    1 
_em_vitrification.details               'Plunged into ethane-propane (FEI VITROBOT MARK III)' 
_em_vitrification.cryogen_name          OTHER 
_em_vitrification.humidity              95 
_em_vitrification.temp                  95 
_em_vitrification.instrument            'FEI VITROBOT MARK III' 
_em_vitrification.method                ? 
_em_vitrification.time_resolved_state   ? 
_em_vitrification.citation_id           ? 
_em_vitrification.specimen_id           1 
# 
_em_experiment.entry_id                3J6M 
_em_experiment.id                      1 
_em_experiment.aggregation_state       PARTICLE 
_em_experiment.entity_assembly_id      1 
_em_experiment.reconstruction_method   'SINGLE PARTICLE' 
# 
_em_single_particle_entity.entry_id              3J6M 
_em_single_particle_entity.id                    1 
_em_single_particle_entity.point_symmetry        I 
_em_single_particle_entity.image_processing_id   1 
# 
loop_
_chem_comp_atom.comp_id 
_chem_comp_atom.atom_id 
_chem_comp_atom.type_symbol 
_chem_comp_atom.pdbx_aromatic_flag 
_chem_comp_atom.pdbx_stereo_config 
_chem_comp_atom.pdbx_ordinal 
ALA N    N N N 1   
ALA CA   C N S 2   
ALA C    C N N 3   
ALA O    O N N 4   
ALA CB   C N N 5   
ALA OXT  O N N 6   
ALA H    H N N 7   
ALA H2   H N N 8   
ALA HA   H N N 9   
ALA HB1  H N N 10  
ALA HB2  H N N 11  
ALA HB3  H N N 12  
ALA HXT  H N N 13  
ARG N    N N N 14  
ARG CA   C N S 15  
ARG C    C N N 16  
ARG O    O N N 17  
ARG CB   C N N 18  
ARG CG   C N N 19  
ARG CD   C N N 20  
ARG NE   N N N 21  
ARG CZ   C N N 22  
ARG NH1  N N N 23  
ARG NH2  N N N 24  
ARG OXT  O N N 25  
ARG H    H N N 26  
ARG H2   H N N 27  
ARG HA   H N N 28  
ARG HB2  H N N 29  
ARG HB3  H N N 30  
ARG HG2  H N N 31  
ARG HG3  H N N 32  
ARG HD2  H N N 33  
ARG HD3  H N N 34  
ARG HE   H N N 35  
ARG HH11 H N N 36  
ARG HH12 H N N 37  
ARG HH21 H N N 38  
ARG HH22 H N N 39  
ARG HXT  H N N 40  
ASN N    N N N 41  
ASN CA   C N S 42  
ASN C    C N N 43  
ASN O    O N N 44  
ASN CB   C N N 45  
ASN CG   C N N 46  
ASN OD1  O N N 47  
ASN ND2  N N N 48  
ASN OXT  O N N 49  
ASN H    H N N 50  
ASN H2   H N N 51  
ASN HA   H N N 52  
ASN HB2  H N N 53  
ASN HB3  H N N 54  
ASN HD21 H N N 55  
ASN HD22 H N N 56  
ASN HXT  H N N 57  
ASP N    N N N 58  
ASP CA   C N S 59  
ASP C    C N N 60  
ASP O    O N N 61  
ASP CB   C N N 62  
ASP CG   C N N 63  
ASP OD1  O N N 64  
ASP OD2  O N N 65  
ASP OXT  O N N 66  
ASP H    H N N 67  
ASP H2   H N N 68  
ASP HA   H N N 69  
ASP HB2  H N N 70  
ASP HB3  H N N 71  
ASP HD2  H N N 72  
ASP HXT  H N N 73  
CYS N    N N N 74  
CYS CA   C N R 75  
CYS C    C N N 76  
CYS O    O N N 77  
CYS CB   C N N 78  
CYS SG   S N N 79  
CYS OXT  O N N 80  
CYS H    H N N 81  
CYS H2   H N N 82  
CYS HA   H N N 83  
CYS HB2  H N N 84  
CYS HB3  H N N 85  
CYS HG   H N N 86  
CYS HXT  H N N 87  
GLN N    N N N 88  
GLN CA   C N S 89  
GLN C    C N N 90  
GLN O    O N N 91  
GLN CB   C N N 92  
GLN CG   C N N 93  
GLN CD   C N N 94  
GLN OE1  O N N 95  
GLN NE2  N N N 96  
GLN OXT  O N N 97  
GLN H    H N N 98  
GLN H2   H N N 99  
GLN HA   H N N 100 
GLN HB2  H N N 101 
GLN HB3  H N N 102 
GLN HG2  H N N 103 
GLN HG3  H N N 104 
GLN HE21 H N N 105 
GLN HE22 H N N 106 
GLN HXT  H N N 107 
GLU N    N N N 108 
GLU CA   C N S 109 
GLU C    C N N 110 
GLU O    O N N 111 
GLU CB   C N N 112 
GLU CG   C N N 113 
GLU CD   C N N 114 
GLU OE1  O N N 115 
GLU OE2  O N N 116 
GLU OXT  O N N 117 
GLU H    H N N 118 
GLU H2   H N N 119 
GLU HA   H N N 120 
GLU HB2  H N N 121 
GLU HB3  H N N 122 
GLU HG2  H N N 123 
GLU HG3  H N N 124 
GLU HE2  H N N 125 
GLU HXT  H N N 126 
GLY N    N N N 127 
GLY CA   C N N 128 
GLY C    C N N 129 
GLY O    O N N 130 
GLY OXT  O N N 131 
GLY H    H N N 132 
GLY H2   H N N 133 
GLY HA2  H N N 134 
GLY HA3  H N N 135 
GLY HXT  H N N 136 
HIS N    N N N 137 
HIS CA   C N S 138 
HIS C    C N N 139 
HIS O    O N N 140 
HIS CB   C N N 141 
HIS CG   C Y N 142 
HIS ND1  N Y N 143 
HIS CD2  C Y N 144 
HIS CE1  C Y N 145 
HIS NE2  N Y N 146 
HIS OXT  O N N 147 
HIS H    H N N 148 
HIS H2   H N N 149 
HIS HA   H N N 150 
HIS HB2  H N N 151 
HIS HB3  H N N 152 
HIS HD1  H N N 153 
HIS HD2  H N N 154 
HIS HE1  H N N 155 
HIS HE2  H N N 156 
HIS HXT  H N N 157 
HOH O    O N N 158 
HOH H1   H N N 159 
HOH H2   H N N 160 
ILE N    N N N 161 
ILE CA   C N S 162 
ILE C    C N N 163 
ILE O    O N N 164 
ILE CB   C N S 165 
ILE CG1  C N N 166 
ILE CG2  C N N 167 
ILE CD1  C N N 168 
ILE OXT  O N N 169 
ILE H    H N N 170 
ILE H2   H N N 171 
ILE HA   H N N 172 
ILE HB   H N N 173 
ILE HG12 H N N 174 
ILE HG13 H N N 175 
ILE HG21 H N N 176 
ILE HG22 H N N 177 
ILE HG23 H N N 178 
ILE HD11 H N N 179 
ILE HD12 H N N 180 
ILE HD13 H N N 181 
ILE HXT  H N N 182 
LEU N    N N N 183 
LEU CA   C N S 184 
LEU C    C N N 185 
LEU O    O N N 186 
LEU CB   C N N 187 
LEU CG   C N N 188 
LEU CD1  C N N 189 
LEU CD2  C N N 190 
LEU OXT  O N N 191 
LEU H    H N N 192 
LEU H2   H N N 193 
LEU HA   H N N 194 
LEU HB2  H N N 195 
LEU HB3  H N N 196 
LEU HG   H N N 197 
LEU HD11 H N N 198 
LEU HD12 H N N 199 
LEU HD13 H N N 200 
LEU HD21 H N N 201 
LEU HD22 H N N 202 
LEU HD23 H N N 203 
LEU HXT  H N N 204 
LYS N    N N N 205 
LYS CA   C N S 206 
LYS C    C N N 207 
LYS O    O N N 208 
LYS CB   C N N 209 
LYS CG   C N N 210 
LYS CD   C N N 211 
LYS CE   C N N 212 
LYS NZ   N N N 213 
LYS OXT  O N N 214 
LYS H    H N N 215 
LYS H2   H N N 216 
LYS HA   H N N 217 
LYS HB2  H N N 218 
LYS HB3  H N N 219 
LYS HG2  H N N 220 
LYS HG3  H N N 221 
LYS HD2  H N N 222 
LYS HD3  H N N 223 
LYS HE2  H N N 224 
LYS HE3  H N N 225 
LYS HZ1  H N N 226 
LYS HZ2  H N N 227 
LYS HZ3  H N N 228 
LYS HXT  H N N 229 
MET N    N N N 230 
MET CA   C N S 231 
MET C    C N N 232 
MET O    O N N 233 
MET CB   C N N 234 
MET CG   C N N 235 
MET SD   S N N 236 
MET CE   C N N 237 
MET OXT  O N N 238 
MET H    H N N 239 
MET H2   H N N 240 
MET HA   H N N 241 
MET HB2  H N N 242 
MET HB3  H N N 243 
MET HG2  H N N 244 
MET HG3  H N N 245 
MET HE1  H N N 246 
MET HE2  H N N 247 
MET HE3  H N N 248 
MET HXT  H N N 249 
PHE N    N N N 250 
PHE CA   C N S 251 
PHE C    C N N 252 
PHE O    O N N 253 
PHE CB   C N N 254 
PHE CG   C Y N 255 
PHE CD1  C Y N 256 
PHE CD2  C Y N 257 
PHE CE1  C Y N 258 
PHE CE2  C Y N 259 
PHE CZ   C Y N 260 
PHE OXT  O N N 261 
PHE H    H N N 262 
PHE H2   H N N 263 
PHE HA   H N N 264 
PHE HB2  H N N 265 
PHE HB3  H N N 266 
PHE HD1  H N N 267 
PHE HD2  H N N 268 
PHE HE1  H N N 269 
PHE HE2  H N N 270 
PHE HZ   H N N 271 
PHE HXT  H N N 272 
PRO N    N N N 273 
PRO CA   C N S 274 
PRO C    C N N 275 
PRO O    O N N 276 
PRO CB   C N N 277 
PRO CG   C N N 278 
PRO CD   C N N 279 
PRO OXT  O N N 280 
PRO H    H N N 281 
PRO HA   H N N 282 
PRO HB2  H N N 283 
PRO HB3  H N N 284 
PRO HG2  H N N 285 
PRO HG3  H N N 286 
PRO HD2  H N N 287 
PRO HD3  H N N 288 
PRO HXT  H N N 289 
SER N    N N N 290 
SER CA   C N S 291 
SER C    C N N 292 
SER O    O N N 293 
SER CB   C N N 294 
SER OG   O N N 295 
SER OXT  O N N 296 
SER H    H N N 297 
SER H2   H N N 298 
SER HA   H N N 299 
SER HB2  H N N 300 
SER HB3  H N N 301 
SER HG   H N N 302 
SER HXT  H N N 303 
THR N    N N N 304 
THR CA   C N S 305 
THR C    C N N 306 
THR O    O N N 307 
THR CB   C N R 308 
THR OG1  O N N 309 
THR CG2  C N N 310 
THR OXT  O N N 311 
THR H    H N N 312 
THR H2   H N N 313 
THR HA   H N N 314 
THR HB   H N N 315 
THR HG1  H N N 316 
THR HG21 H N N 317 
THR HG22 H N N 318 
THR HG23 H N N 319 
THR HXT  H N N 320 
TRP N    N N N 321 
TRP CA   C N S 322 
TRP C    C N N 323 
TRP O    O N N 324 
TRP CB   C N N 325 
TRP CG   C Y N 326 
TRP CD1  C Y N 327 
TRP CD2  C Y N 328 
TRP NE1  N Y N 329 
TRP CE2  C Y N 330 
TRP CE3  C Y N 331 
TRP CZ2  C Y N 332 
TRP CZ3  C Y N 333 
TRP CH2  C Y N 334 
TRP OXT  O N N 335 
TRP H    H N N 336 
TRP H2   H N N 337 
TRP HA   H N N 338 
TRP HB2  H N N 339 
TRP HB3  H N N 340 
TRP HD1  H N N 341 
TRP HE1  H N N 342 
TRP HE3  H N N 343 
TRP HZ2  H N N 344 
TRP HZ3  H N N 345 
TRP HH2  H N N 346 
TRP HXT  H N N 347 
TYR N    N N N 348 
TYR CA   C N S 349 
TYR C    C N N 350 
TYR O    O N N 351 
TYR CB   C N N 352 
TYR CG   C Y N 353 
TYR CD1  C Y N 354 
TYR CD2  C Y N 355 
TYR CE1  C Y N 356 
TYR CE2  C Y N 357 
TYR CZ   C Y N 358 
TYR OH   O N N 359 
TYR OXT  O N N 360 
TYR H    H N N 361 
TYR H2   H N N 362 
TYR HA   H N N 363 
TYR HB2  H N N 364 
TYR HB3  H N N 365 
TYR HD1  H N N 366 
TYR HD2  H N N 367 
TYR HE1  H N N 368 
TYR HE2  H N N 369 
TYR HH   H N N 370 
TYR HXT  H N N 371 
VAL N    N N N 372 
VAL CA   C N S 373 
VAL C    C N N 374 
VAL O    O N N 375 
VAL CB   C N N 376 
VAL CG1  C N N 377 
VAL CG2  C N N 378 
VAL OXT  O N N 379 
VAL H    H N N 380 
VAL H2   H N N 381 
VAL HA   H N N 382 
VAL HB   H N N 383 
VAL HG11 H N N 384 
VAL HG12 H N N 385 
VAL HG13 H N N 386 
VAL HG21 H N N 387 
VAL HG22 H N N 388 
VAL HG23 H N N 389 
VAL HXT  H N N 390 
# 
loop_
_chem_comp_bond.comp_id 
_chem_comp_bond.atom_id_1 
_chem_comp_bond.atom_id_2 
_chem_comp_bond.value_order 
_chem_comp_bond.pdbx_aromatic_flag 
_chem_comp_bond.pdbx_stereo_config 
_chem_comp_bond.pdbx_ordinal 
ALA N   CA   sing N N 1   
ALA N   H    sing N N 2   
ALA N   H2   sing N N 3   
ALA CA  C    sing N N 4   
ALA CA  CB   sing N N 5   
ALA CA  HA   sing N N 6   
ALA C   O    doub N N 7   
ALA C   OXT  sing N N 8   
ALA CB  HB1  sing N N 9   
ALA CB  HB2  sing N N 10  
ALA CB  HB3  sing N N 11  
ALA OXT HXT  sing N N 12  
ARG N   CA   sing N N 13  
ARG N   H    sing N N 14  
ARG N   H2   sing N N 15  
ARG CA  C    sing N N 16  
ARG CA  CB   sing N N 17  
ARG CA  HA   sing N N 18  
ARG C   O    doub N N 19  
ARG C   OXT  sing N N 20  
ARG CB  CG   sing N N 21  
ARG CB  HB2  sing N N 22  
ARG CB  HB3  sing N N 23  
ARG CG  CD   sing N N 24  
ARG CG  HG2  sing N N 25  
ARG CG  HG3  sing N N 26  
ARG CD  NE   sing N N 27  
ARG CD  HD2  sing N N 28  
ARG CD  HD3  sing N N 29  
ARG NE  CZ   sing N N 30  
ARG NE  HE   sing N N 31  
ARG CZ  NH1  sing N N 32  
ARG CZ  NH2  doub N N 33  
ARG NH1 HH11 sing N N 34  
ARG NH1 HH12 sing N N 35  
ARG NH2 HH21 sing N N 36  
ARG NH2 HH22 sing N N 37  
ARG OXT HXT  sing N N 38  
ASN N   CA   sing N N 39  
ASN N   H    sing N N 40  
ASN N   H2   sing N N 41  
ASN CA  C    sing N N 42  
ASN CA  CB   sing N N 43  
ASN CA  HA   sing N N 44  
ASN C   O    doub N N 45  
ASN C   OXT  sing N N 46  
ASN CB  CG   sing N N 47  
ASN CB  HB2  sing N N 48  
ASN CB  HB3  sing N N 49  
ASN CG  OD1  doub N N 50  
ASN CG  ND2  sing N N 51  
ASN ND2 HD21 sing N N 52  
ASN ND2 HD22 sing N N 53  
ASN OXT HXT  sing N N 54  
ASP N   CA   sing N N 55  
ASP N   H    sing N N 56  
ASP N   H2   sing N N 57  
ASP CA  C    sing N N 58  
ASP CA  CB   sing N N 59  
ASP CA  HA   sing N N 60  
ASP C   O    doub N N 61  
ASP C   OXT  sing N N 62  
ASP CB  CG   sing N N 63  
ASP CB  HB2  sing N N 64  
ASP CB  HB3  sing N N 65  
ASP CG  OD1  doub N N 66  
ASP CG  OD2  sing N N 67  
ASP OD2 HD2  sing N N 68  
ASP OXT HXT  sing N N 69  
CYS N   CA   sing N N 70  
CYS N   H    sing N N 71  
CYS N   H2   sing N N 72  
CYS CA  C    sing N N 73  
CYS CA  CB   sing N N 74  
CYS CA  HA   sing N N 75  
CYS C   O    doub N N 76  
CYS C   OXT  sing N N 77  
CYS CB  SG   sing N N 78  
CYS CB  HB2  sing N N 79  
CYS CB  HB3  sing N N 80  
CYS SG  HG   sing N N 81  
CYS OXT HXT  sing N N 82  
GLN N   CA   sing N N 83  
GLN N   H    sing N N 84  
GLN N   H2   sing N N 85  
GLN CA  C    sing N N 86  
GLN CA  CB   sing N N 87  
GLN CA  HA   sing N N 88  
GLN C   O    doub N N 89  
GLN C   OXT  sing N N 90  
GLN CB  CG   sing N N 91  
GLN CB  HB2  sing N N 92  
GLN CB  HB3  sing N N 93  
GLN CG  CD   sing N N 94  
GLN CG  HG2  sing N N 95  
GLN CG  HG3  sing N N 96  
GLN CD  OE1  doub N N 97  
GLN CD  NE2  sing N N 98  
GLN NE2 HE21 sing N N 99  
GLN NE2 HE22 sing N N 100 
GLN OXT HXT  sing N N 101 
GLU N   CA   sing N N 102 
GLU N   H    sing N N 103 
GLU N   H2   sing N N 104 
GLU CA  C    sing N N 105 
GLU CA  CB   sing N N 106 
GLU CA  HA   sing N N 107 
GLU C   O    doub N N 108 
GLU C   OXT  sing N N 109 
GLU CB  CG   sing N N 110 
GLU CB  HB2  sing N N 111 
GLU CB  HB3  sing N N 112 
GLU CG  CD   sing N N 113 
GLU CG  HG2  sing N N 114 
GLU CG  HG3  sing N N 115 
GLU CD  OE1  doub N N 116 
GLU CD  OE2  sing N N 117 
GLU OE2 HE2  sing N N 118 
GLU OXT HXT  sing N N 119 
GLY N   CA   sing N N 120 
GLY N   H    sing N N 121 
GLY N   H2   sing N N 122 
GLY CA  C    sing N N 123 
GLY CA  HA2  sing N N 124 
GLY CA  HA3  sing N N 125 
GLY C   O    doub N N 126 
GLY C   OXT  sing N N 127 
GLY OXT HXT  sing N N 128 
HIS N   CA   sing N N 129 
HIS N   H    sing N N 130 
HIS N   H2   sing N N 131 
HIS CA  C    sing N N 132 
HIS CA  CB   sing N N 133 
HIS CA  HA   sing N N 134 
HIS C   O    doub N N 135 
HIS C   OXT  sing N N 136 
HIS CB  CG   sing N N 137 
HIS CB  HB2  sing N N 138 
HIS CB  HB3  sing N N 139 
HIS CG  ND1  sing Y N 140 
HIS CG  CD2  doub Y N 141 
HIS ND1 CE1  doub Y N 142 
HIS ND1 HD1  sing N N 143 
HIS CD2 NE2  sing Y N 144 
HIS CD2 HD2  sing N N 145 
HIS CE1 NE2  sing Y N 146 
HIS CE1 HE1  sing N N 147 
HIS NE2 HE2  sing N N 148 
HIS OXT HXT  sing N N 149 
HOH O   H1   sing N N 150 
HOH O   H2   sing N N 151 
ILE N   CA   sing N N 152 
ILE N   H    sing N N 153 
ILE N   H2   sing N N 154 
ILE CA  C    sing N N 155 
ILE CA  CB   sing N N 156 
ILE CA  HA   sing N N 157 
ILE C   O    doub N N 158 
ILE C   OXT  sing N N 159 
ILE CB  CG1  sing N N 160 
ILE CB  CG2  sing N N 161 
ILE CB  HB   sing N N 162 
ILE CG1 CD1  sing N N 163 
ILE CG1 HG12 sing N N 164 
ILE CG1 HG13 sing N N 165 
ILE CG2 HG21 sing N N 166 
ILE CG2 HG22 sing N N 167 
ILE CG2 HG23 sing N N 168 
ILE CD1 HD11 sing N N 169 
ILE CD1 HD12 sing N N 170 
ILE CD1 HD13 sing N N 171 
ILE OXT HXT  sing N N 172 
LEU N   CA   sing N N 173 
LEU N   H    sing N N 174 
LEU N   H2   sing N N 175 
LEU CA  C    sing N N 176 
LEU CA  CB   sing N N 177 
LEU CA  HA   sing N N 178 
LEU C   O    doub N N 179 
LEU C   OXT  sing N N 180 
LEU CB  CG   sing N N 181 
LEU CB  HB2  sing N N 182 
LEU CB  HB3  sing N N 183 
LEU CG  CD1  sing N N 184 
LEU CG  CD2  sing N N 185 
LEU CG  HG   sing N N 186 
LEU CD1 HD11 sing N N 187 
LEU CD1 HD12 sing N N 188 
LEU CD1 HD13 sing N N 189 
LEU CD2 HD21 sing N N 190 
LEU CD2 HD22 sing N N 191 
LEU CD2 HD23 sing N N 192 
LEU OXT HXT  sing N N 193 
LYS N   CA   sing N N 194 
LYS N   H    sing N N 195 
LYS N   H2   sing N N 196 
LYS CA  C    sing N N 197 
LYS CA  CB   sing N N 198 
LYS CA  HA   sing N N 199 
LYS C   O    doub N N 200 
LYS C   OXT  sing N N 201 
LYS CB  CG   sing N N 202 
LYS CB  HB2  sing N N 203 
LYS CB  HB3  sing N N 204 
LYS CG  CD   sing N N 205 
LYS CG  HG2  sing N N 206 
LYS CG  HG3  sing N N 207 
LYS CD  CE   sing N N 208 
LYS CD  HD2  sing N N 209 
LYS CD  HD3  sing N N 210 
LYS CE  NZ   sing N N 211 
LYS CE  HE2  sing N N 212 
LYS CE  HE3  sing N N 213 
LYS NZ  HZ1  sing N N 214 
LYS NZ  HZ2  sing N N 215 
LYS NZ  HZ3  sing N N 216 
LYS OXT HXT  sing N N 217 
MET N   CA   sing N N 218 
MET N   H    sing N N 219 
MET N   H2   sing N N 220 
MET CA  C    sing N N 221 
MET CA  CB   sing N N 222 
MET CA  HA   sing N N 223 
MET C   O    doub N N 224 
MET C   OXT  sing N N 225 
MET CB  CG   sing N N 226 
MET CB  HB2  sing N N 227 
MET CB  HB3  sing N N 228 
MET CG  SD   sing N N 229 
MET CG  HG2  sing N N 230 
MET CG  HG3  sing N N 231 
MET SD  CE   sing N N 232 
MET CE  HE1  sing N N 233 
MET CE  HE2  sing N N 234 
MET CE  HE3  sing N N 235 
MET OXT HXT  sing N N 236 
PHE N   CA   sing N N 237 
PHE N   H    sing N N 238 
PHE N   H2   sing N N 239 
PHE CA  C    sing N N 240 
PHE CA  CB   sing N N 241 
PHE CA  HA   sing N N 242 
PHE C   O    doub N N 243 
PHE C   OXT  sing N N 244 
PHE CB  CG   sing N N 245 
PHE CB  HB2  sing N N 246 
PHE CB  HB3  sing N N 247 
PHE CG  CD1  doub Y N 248 
PHE CG  CD2  sing Y N 249 
PHE CD1 CE1  sing Y N 250 
PHE CD1 HD1  sing N N 251 
PHE CD2 CE2  doub Y N 252 
PHE CD2 HD2  sing N N 253 
PHE CE1 CZ   doub Y N 254 
PHE CE1 HE1  sing N N 255 
PHE CE2 CZ   sing Y N 256 
PHE CE2 HE2  sing N N 257 
PHE CZ  HZ   sing N N 258 
PHE OXT HXT  sing N N 259 
PRO N   CA   sing N N 260 
PRO N   CD   sing N N 261 
PRO N   H    sing N N 262 
PRO CA  C    sing N N 263 
PRO CA  CB   sing N N 264 
PRO CA  HA   sing N N 265 
PRO C   O    doub N N 266 
PRO C   OXT  sing N N 267 
PRO CB  CG   sing N N 268 
PRO CB  HB2  sing N N 269 
PRO CB  HB3  sing N N 270 
PRO CG  CD   sing N N 271 
PRO CG  HG2  sing N N 272 
PRO CG  HG3  sing N N 273 
PRO CD  HD2  sing N N 274 
PRO CD  HD3  sing N N 275 
PRO OXT HXT  sing N N 276 
SER N   CA   sing N N 277 
SER N   H    sing N N 278 
SER N   H2   sing N N 279 
SER CA  C    sing N N 280 
SER CA  CB   sing N N 281 
SER CA  HA   sing N N 282 
SER C   O    doub N N 283 
SER C   OXT  sing N N 284 
SER CB  OG   sing N N 285 
SER CB  HB2  sing N N 286 
SER CB  HB3  sing N N 287 
SER OG  HG   sing N N 288 
SER OXT HXT  sing N N 289 
THR N   CA   sing N N 290 
THR N   H    sing N N 291 
THR N   H2   sing N N 292 
THR CA  C    sing N N 293 
THR CA  CB   sing N N 294 
THR CA  HA   sing N N 295 
THR C   O    doub N N 296 
THR C   OXT  sing N N 297 
THR CB  OG1  sing N N 298 
THR CB  CG2  sing N N 299 
THR CB  HB   sing N N 300 
THR OG1 HG1  sing N N 301 
THR CG2 HG21 sing N N 302 
THR CG2 HG22 sing N N 303 
THR CG2 HG23 sing N N 304 
THR OXT HXT  sing N N 305 
TRP N   CA   sing N N 306 
TRP N   H    sing N N 307 
TRP N   H2   sing N N 308 
TRP CA  C    sing N N 309 
TRP CA  CB   sing N N 310 
TRP CA  HA   sing N N 311 
TRP C   O    doub N N 312 
TRP C   OXT  sing N N 313 
TRP CB  CG   sing N N 314 
TRP CB  HB2  sing N N 315 
TRP CB  HB3  sing N N 316 
TRP CG  CD1  doub Y N 317 
TRP CG  CD2  sing Y N 318 
TRP CD1 NE1  sing Y N 319 
TRP CD1 HD1  sing N N 320 
TRP CD2 CE2  doub Y N 321 
TRP CD2 CE3  sing Y N 322 
TRP NE1 CE2  sing Y N 323 
TRP NE1 HE1  sing N N 324 
TRP CE2 CZ2  sing Y N 325 
TRP CE3 CZ3  doub Y N 326 
TRP CE3 HE3  sing N N 327 
TRP CZ2 CH2  doub Y N 328 
TRP CZ2 HZ2  sing N N 329 
TRP CZ3 CH2  sing Y N 330 
TRP CZ3 HZ3  sing N N 331 
TRP CH2 HH2  sing N N 332 
TRP OXT HXT  sing N N 333 
TYR N   CA   sing N N 334 
TYR N   H    sing N N 335 
TYR N   H2   sing N N 336 
TYR CA  C    sing N N 337 
TYR CA  CB   sing N N 338 
TYR CA  HA   sing N N 339 
TYR C   O    doub N N 340 
TYR C   OXT  sing N N 341 
TYR CB  CG   sing N N 342 
TYR CB  HB2  sing N N 343 
TYR CB  HB3  sing N N 344 
TYR CG  CD1  doub Y N 345 
TYR CG  CD2  sing Y N 346 
TYR CD1 CE1  sing Y N 347 
TYR CD1 HD1  sing N N 348 
TYR CD2 CE2  doub Y N 349 
TYR CD2 HD2  sing N N 350 
TYR CE1 CZ   doub Y N 351 
TYR CE1 HE1  sing N N 352 
TYR CE2 CZ   sing Y N 353 
TYR CE2 HE2  sing N N 354 
TYR CZ  OH   sing N N 355 
TYR OH  HH   sing N N 356 
TYR OXT HXT  sing N N 357 
VAL N   CA   sing N N 358 
VAL N   H    sing N N 359 
VAL N   H2   sing N N 360 
VAL CA  C    sing N N 361 
VAL CA  CB   sing N N 362 
VAL CA  HA   sing N N 363 
VAL C   O    doub N N 364 
VAL C   OXT  sing N N 365 
VAL CB  CG1  sing N N 366 
VAL CB  CG2  sing N N 367 
VAL CB  HB   sing N N 368 
VAL CG1 HG11 sing N N 369 
VAL CG1 HG12 sing N N 370 
VAL CG1 HG13 sing N N 371 
VAL CG2 HG21 sing N N 372 
VAL CG2 HG22 sing N N 373 
VAL CG2 HG23 sing N N 374 
VAL OXT HXT  sing N N 375 
# 
_em_ctf_correction.id        1 
_em_ctf_correction.details   AUTO3DEM 
_em_ctf_correction.type      . 
# 
_em_entity_assembly_molwt.entity_assembly_id   1 
_em_entity_assembly_molwt.id                   1 
_em_entity_assembly_molwt.experimental_flag    YES 
_em_entity_assembly_molwt.value                7 
_em_entity_assembly_molwt.units                MEGADALTONS 
# 
_em_image_processing.id                   1 
_em_image_processing.image_recording_id   1 
_em_image_processing.details              ? 
# 
_em_image_recording.avg_electron_dose_per_image   15 
_em_image_recording.details                       ? 
_em_image_recording.id                            1 
_em_image_recording.film_or_detector_model        'KODAK SO-163 FILM' 
_em_image_recording.imaging_id                    1 
_em_image_recording.detector_mode                 ? 
_em_image_recording.average_exposure_time         ? 
_em_image_recording.num_diffraction_images        ? 
_em_image_recording.num_grids_imaged              ? 
_em_image_recording.num_real_images               ? 
# 
loop_
_em_software.id 
_em_software.name 
_em_software.version 
_em_software.category 
_em_software.details 
_em_software.image_processing_id 
1 Situs    ? 'MODEL FITTING' ? ? 
2 Auto3DEM ? RECONSTRUCTION  ? 1 
3 EMAN     ? RECONSTRUCTION  ? 1 
# 
_em_specimen.experiment_id           1 
_em_specimen.id                      1 
_em_specimen.concentration           0.1 
_em_specimen.vitrification_applied   YES 
_em_specimen.staining_applied        NO 
_em_specimen.embedding_applied       NO 
_em_specimen.shadowing_applied       NO 
_em_specimen.details                 ? 
# 
_em_virus_natural_host.entity_assembly_id   1 
_em_virus_natural_host.id                   1 
_em_virus_natural_host.ncbi_tax_id          9606 
_em_virus_natural_host.organism             'Homo sapiens' 
_em_virus_natural_host.strain               ? 
# 
_pdbx_initial_refinement_model.id               1 
_pdbx_initial_refinement_model.type             'experimental model' 
_pdbx_initial_refinement_model.source_name      PDB 
_pdbx_initial_refinement_model.accession_code   1KAC 
# 
_atom_sites.entry_id                    3J6M 
_atom_sites.fract_transf_matrix[1][1]   1.000000 
_atom_sites.fract_transf_matrix[1][2]   0.000000 
_atom_sites.fract_transf_matrix[1][3]   0.000000 
_atom_sites.fract_transf_matrix[2][1]   0.000000 
_atom_sites.fract_transf_matrix[2][2]   1.000000 
_atom_sites.fract_transf_matrix[2][3]   0.000000 
_atom_sites.fract_transf_matrix[3][1]   0.000000 
_atom_sites.fract_transf_matrix[3][2]   0.000000 
_atom_sites.fract_transf_matrix[3][3]   1.000000 
_atom_sites.fract_transf_vector[1]      0.00000 
_atom_sites.fract_transf_vector[2]      0.00000 
_atom_sites.fract_transf_vector[3]      0.00000 
# 
loop_
_atom_type.symbol 
C 
N 
O 
S 
# 
loop_
_atom_site.group_PDB 
_atom_site.id 
_atom_site.type_symbol 
_atom_site.label_atom_id 
_atom_site.label_alt_id 
_atom_site.label_comp_id 
_atom_site.label_asym_id 
_atom_site.label_entity_id 
_atom_site.label_seq_id 
_atom_site.pdbx_PDB_ins_code 
_atom_site.Cartn_x 
_atom_site.Cartn_y 
_atom_site.Cartn_z 
_atom_site.occupancy 
_atom_site.B_iso_or_equiv 
_atom_site.pdbx_formal_charge 
_atom_site.auth_seq_id 
_atom_site.auth_comp_id 
_atom_site.auth_asym_id 
_atom_site.auth_atom_id 
_atom_site.pdbx_PDB_model_num 
ATOM   1   N N   . GLY A 1 1   ? 5.301   11.385  -10.145 1.00 60.61  ? 23  GLY B N   1 
ATOM   2   C CA  . GLY A 1 1   ? 5.820   10.485  -9.077  1.00 60.50  ? 23  GLY B CA  1 
ATOM   3   C C   . GLY A 1 1   ? 5.011   10.523  -7.791  1.00 60.94  ? 23  GLY B C   1 
ATOM   4   O O   . GLY A 1 1   ? 4.000   11.221  -7.697  1.00 60.12  ? 23  GLY B O   1 
ATOM   5   N N   . ILE A 1 2   ? 5.460   9.761   -6.800  1.00 61.07  ? 24  ILE B N   1 
ATOM   6   C CA  . ILE A 1 2   ? 4.794   9.699   -5.504  1.00 60.54  ? 24  ILE B CA  1 
ATOM   7   C C   . ILE A 1 2   ? 5.267   10.870  -4.646  1.00 62.46  ? 24  ILE B C   1 
ATOM   8   O O   . ILE A 1 2   ? 6.454   11.185  -4.618  1.00 62.46  ? 24  ILE B O   1 
ATOM   9   C CB  . ILE A 1 2   ? 5.087   8.354   -4.823  1.00 57.19  ? 24  ILE B CB  1 
ATOM   10  C CG1 . ILE A 1 2   ? 4.532   7.235   -5.707  1.00 55.53  ? 24  ILE B CG1 1 
ATOM   11  C CG2 . ILE A 1 2   ? 4.447   8.303   -3.428  1.00 55.74  ? 24  ILE B CG2 1 
ATOM   12  C CD1 . ILE A 1 2   ? 4.792   5.828   -5.174  1.00 56.47  ? 24  ILE B CD1 1 
ATOM   13  N N   . THR A 1 3   ? 4.334   11.506  -3.946  1.00 64.16  ? 25  THR B N   1 
ATOM   14  C CA  . THR A 1 3   ? 4.634   12.689  -3.140  1.00 66.64  ? 25  THR B CA  1 
ATOM   15  C C   . THR A 1 3   ? 5.305   12.506  -1.779  1.00 68.18  ? 25  THR B C   1 
ATOM   16  O O   . THR A 1 3   ? 5.622   13.493  -1.113  1.00 68.84  ? 25  THR B O   1 
ATOM   17  C CB  . THR A 1 3   ? 3.357   13.520  -2.920  1.00 66.25  ? 25  THR B CB  1 
ATOM   18  O OG1 . THR A 1 3   ? 2.454   12.793  -2.074  1.00 67.89  ? 25  THR B OG1 1 
ATOM   19  C CG2 . THR A 1 3   ? 2.673   13.796  -4.256  1.00 65.30  ? 25  THR B CG2 1 
ATOM   20  N N   . THR A 1 4   ? 5.532   11.268  -1.355  1.00 69.16  ? 26  THR B N   1 
ATOM   21  C CA  . THR A 1 4   ? 6.161   11.047  -0.058  1.00 69.51  ? 26  THR B CA  1 
ATOM   22  C C   . THR A 1 4   ? 7.276   10.008  -0.077  1.00 69.27  ? 26  THR B C   1 
ATOM   23  O O   . THR A 1 4   ? 7.214   9.028   -0.814  1.00 69.94  ? 26  THR B O   1 
ATOM   24  C CB  . THR A 1 4   ? 5.116   10.647  0.981   1.00 70.37  ? 26  THR B CB  1 
ATOM   25  O OG1 . THR A 1 4   ? 4.318   9.576   0.462   1.00 71.76  ? 26  THR B OG1 1 
ATOM   26  C CG2 . THR A 1 4   ? 4.222   11.829  1.311   1.00 70.17  ? 26  THR B CG2 1 
ATOM   27  N N   . PRO A 1 5   ? 8.311   10.217  0.748   1.00 69.12  ? 27  PRO B N   1 
ATOM   28  C CA  . PRO A 1 5   ? 9.492   9.358   0.894   1.00 68.08  ? 27  PRO B CA  1 
ATOM   29  C C   . PRO A 1 5   ? 9.185   8.032   1.581   1.00 66.58  ? 27  PRO B C   1 
ATOM   30  O O   . PRO A 1 5   ? 8.063   7.801   2.031   1.00 66.80  ? 27  PRO B O   1 
ATOM   31  C CB  . PRO A 1 5   ? 10.428  10.216  1.749   1.00 68.81  ? 27  PRO B CB  1 
ATOM   32  C CG  . PRO A 1 5   ? 9.898   11.647  1.535   1.00 70.18  ? 27  PRO B CG  1 
ATOM   33  C CD  . PRO A 1 5   ? 8.433   11.370  1.652   1.00 69.30  ? 27  PRO B CD  1 
ATOM   34  N N   . GLU A 1 6   ? 10.195  7.168   1.663   1.00 64.49  ? 28  GLU B N   1 
ATOM   35  C CA  . GLU A 1 6   ? 10.041  5.880   2.333   1.00 62.71  ? 28  GLU B CA  1 
ATOM   36  C C   . GLU A 1 6   ? 9.872   6.191   3.819   1.00 61.05  ? 28  GLU B C   1 
ATOM   37  O O   . GLU A 1 6   ? 10.718  6.856   4.406   1.00 61.63  ? 28  GLU B O   1 
ATOM   38  C CB  . GLU A 1 6   ? 11.285  5.013   2.111   1.00 62.93  ? 28  GLU B CB  1 
ATOM   39  C CG  . GLU A 1 6   ? 11.218  3.653   2.788   1.00 65.58  ? 28  GLU B CG  1 
ATOM   40  C CD  . GLU A 1 6   ? 12.375  2.747   2.411   1.00 67.53  ? 28  GLU B CD  1 
ATOM   41  O OE1 . GLU A 1 6   ? 12.562  2.481   1.204   1.00 67.64  ? 28  GLU B OE1 1 
ATOM   42  O OE2 . GLU A 1 6   ? 13.095  2.292   3.322   1.00 69.77  ? 28  GLU B OE2 1 
ATOM   43  N N   . GLU A 1 7   ? 8.785   5.722   4.428   1.00 58.78  ? 29  GLU B N   1 
ATOM   44  C CA  . GLU A 1 7   ? 8.550   6.005   5.839   1.00 56.77  ? 29  GLU B CA  1 
ATOM   45  C C   . GLU A 1 7   ? 8.268   4.783   6.703   1.00 54.94  ? 29  GLU B C   1 
ATOM   46  O O   . GLU A 1 7   ? 8.060   3.680   6.199   1.00 55.44  ? 29  GLU B O   1 
ATOM   47  C CB  . GLU A 1 7   ? 7.381   6.981   5.987   1.00 58.28  ? 29  GLU B CB  1 
ATOM   48  C CG  . GLU A 1 7   ? 6.045   6.439   5.487   1.00 60.79  ? 29  GLU B CG  1 
ATOM   49  C CD  . GLU A 1 7   ? 4.889   7.401   5.731   1.00 63.43  ? 29  GLU B CD  1 
ATOM   50  O OE1 . GLU A 1 7   ? 4.632   7.742   6.907   1.00 65.22  ? 29  GLU B OE1 1 
ATOM   51  O OE2 . GLU A 1 7   ? 4.233   7.818   4.752   1.00 64.03  ? 29  GLU B OE2 1 
ATOM   52  N N   . MET A 1 8   ? 8.277   4.998   8.016   1.00 52.72  ? 30  MET B N   1 
ATOM   53  C CA  . MET A 1 8   ? 7.982   3.947   8.983   1.00 50.39  ? 30  MET B CA  1 
ATOM   54  C C   . MET A 1 8   ? 6.753   4.334   9.797   1.00 47.97  ? 30  MET B C   1 
ATOM   55  O O   . MET A 1 8   ? 6.722   5.377   10.451  1.00 46.93  ? 30  MET B O   1 
ATOM   56  C CB  . MET A 1 8   ? 9.155   3.716   9.933   1.00 50.80  ? 30  MET B CB  1 
ATOM   57  C CG  . MET A 1 8   ? 8.796   2.783   11.084  1.00 53.03  ? 30  MET B CG  1 
ATOM   58  S SD  . MET A 1 8   ? 10.173  2.462   12.192  1.00 58.79  ? 30  MET B SD  1 
ATOM   59  C CE  . MET A 1 8   ? 9.346   1.654   13.587  1.00 58.28  ? 30  MET B CE  1 
ATOM   60  N N   . ILE A 1 9   ? 5.739   3.481   9.745   1.00 45.87  ? 31  ILE B N   1 
ATOM   61  C CA  . ILE A 1 9   ? 4.494   3.705   10.462  1.00 43.89  ? 31  ILE B CA  1 
ATOM   62  C C   . ILE A 1 9   ? 4.370   2.689   11.593  1.00 44.86  ? 31  ILE B C   1 
ATOM   63  O O   . ILE A 1 9   ? 4.381   1.471   11.363  1.00 44.67  ? 31  ILE B O   1 
ATOM   64  C CB  . ILE A 1 9   ? 3.294   3.598   9.492   1.00 40.52  ? 31  ILE B CB  1 
ATOM   65  C CG1 . ILE A 1 9   ? 3.347   4.765   8.503   1.00 36.89  ? 31  ILE B CG1 1 
ATOM   66  C CG2 . ILE A 1 9   ? 1.992   3.583   10.260  1.00 38.10  ? 31  ILE B CG2 1 
ATOM   67  C CD1 . ILE A 1 9   ? 2.252   4.747   7.472   1.00 37.65  ? 31  ILE B CD1 1 
ATOM   68  N N   . GLU A 1 10  ? 4.255   3.201   12.815  1.00 43.95  ? 32  GLU B N   1 
ATOM   69  C CA  . GLU A 1 10  ? 4.163   2.353   13.996  1.00 44.89  ? 32  GLU B CA  1 
ATOM   70  C C   . GLU A 1 10  ? 2.763   2.444   14.603  1.00 43.90  ? 32  GLU B C   1 
ATOM   71  O O   . GLU A 1 10  ? 2.339   3.506   15.043  1.00 44.97  ? 32  GLU B O   1 
ATOM   72  C CB  . GLU A 1 10  ? 5.226   2.795   15.004  1.00 45.35  ? 32  GLU B CB  1 
ATOM   73  C CG  . GLU A 1 10  ? 5.560   1.786   16.082  1.00 49.83  ? 32  GLU B CG  1 
ATOM   74  C CD  . GLU A 1 10  ? 6.660   2.278   17.014  1.00 52.02  ? 32  GLU B CD  1 
ATOM   75  O OE1 . GLU A 1 10  ? 6.412   3.251   17.761  1.00 53.57  ? 32  GLU B OE1 1 
ATOM   76  O OE2 . GLU A 1 10  ? 7.771   1.701   16.993  1.00 52.14  ? 32  GLU B OE2 1 
ATOM   77  N N   . LYS A 1 11  ? 2.049   1.322   14.612  1.00 43.80  ? 33  LYS B N   1 
ATOM   78  C CA  . LYS A 1 11  ? 0.694   1.267   15.152  1.00 43.84  ? 33  LYS B CA  1 
ATOM   79  C C   . LYS A 1 11  ? 0.570   0.168   16.201  1.00 45.04  ? 33  LYS B C   1 
ATOM   80  O O   . LYS A 1 11  ? 1.509   -0.593  16.449  1.00 44.74  ? 33  LYS B O   1 
ATOM   81  C CB  . LYS A 1 11  ? -0.322  0.991   14.039  1.00 43.41  ? 33  LYS B CB  1 
ATOM   82  C CG  . LYS A 1 11  ? -0.277  1.953   12.868  1.00 43.71  ? 33  LYS B CG  1 
ATOM   83  C CD  . LYS A 1 11  ? -0.609  3.369   13.283  1.00 46.00  ? 33  LYS B CD  1 
ATOM   84  C CE  . LYS A 1 11  ? -2.053  3.496   13.714  1.00 47.40  ? 33  LYS B CE  1 
ATOM   85  N NZ  . LYS A 1 11  ? -2.357  4.895   14.119  1.00 50.50  ? 33  LYS B NZ  1 
ATOM   86  N N   . ALA A 1 12  ? -0.609  0.076   16.801  1.00 45.59  ? 34  ALA B N   1 
ATOM   87  C CA  . ALA A 1 12  ? -0.870  -0.927  17.822  1.00 45.11  ? 34  ALA B CA  1 
ATOM   88  C C   . ALA A 1 12  ? -1.870  -1.954  17.314  1.00 44.59  ? 34  ALA B C   1 
ATOM   89  O O   . ALA A 1 12  ? -2.754  -1.637  16.516  1.00 41.58  ? 34  ALA B O   1 
ATOM   90  C CB  . ALA A 1 12  ? -1.402  -0.260  19.077  1.00 44.85  ? 34  ALA B CB  1 
ATOM   91  N N   . LYS A 1 13  ? -1.719  -3.189  17.786  1.00 45.43  ? 35  LYS B N   1 
ATOM   92  C CA  . LYS A 1 13  ? -2.611  -4.267  17.392  1.00 46.74  ? 35  LYS B CA  1 
ATOM   93  C C   . LYS A 1 13  ? -4.060  -3.814  17.491  1.00 47.08  ? 35  LYS B C   1 
ATOM   94  O O   . LYS A 1 13  ? -4.448  -3.139  18.448  1.00 46.57  ? 35  LYS B O   1 
ATOM   95  C CB  . LYS A 1 13  ? -2.406  -5.492  18.283  1.00 47.31  ? 35  LYS B CB  1 
ATOM   96  C CG  . LYS A 1 13  ? -3.370  -6.616  17.965  1.00 49.97  ? 35  LYS B CG  1 
ATOM   97  C CD  . LYS A 1 13  ? -3.186  -7.813  18.871  1.00 53.00  ? 35  LYS B CD  1 
ATOM   98  C CE  . LYS A 1 13  ? -4.152  -8.920  18.480  1.00 54.45  ? 35  LYS B CE  1 
ATOM   99  N NZ  . LYS A 1 13  ? -3.985  -10.129 19.328  1.00 58.87  ? 35  LYS B NZ  1 
ATOM   100 N N   . GLY A 1 14  ? -4.855  -4.185  16.492  1.00 47.35  ? 36  GLY B N   1 
ATOM   101 C CA  . GLY A 1 14  ? -6.256  -3.817  16.490  1.00 47.54  ? 36  GLY B CA  1 
ATOM   102 C C   . GLY A 1 14  ? -6.557  -2.512  15.782  1.00 48.22  ? 36  GLY B C   1 
ATOM   103 O O   . GLY A 1 14  ? -7.613  -2.368  15.170  1.00 48.92  ? 36  GLY B O   1 
ATOM   104 N N   . GLU A 1 15  ? -5.636  -1.557  15.862  1.00 48.56  ? 37  GLU B N   1 
ATOM   105 C CA  . GLU A 1 15  ? -5.842  -0.266  15.214  1.00 49.39  ? 37  GLU B CA  1 
ATOM   106 C C   . GLU A 1 15  ? -5.852  -0.427  13.696  1.00 48.88  ? 37  GLU B C   1 
ATOM   107 O O   . GLU A 1 15  ? -5.665  -1.524  13.168  1.00 47.56  ? 37  GLU B O   1 
ATOM   108 C CB  . GLU A 1 15  ? -4.723  0.709   15.590  1.00 51.19  ? 37  GLU B CB  1 
ATOM   109 C CG  . GLU A 1 15  ? -4.440  0.823   17.078  1.00 54.59  ? 37  GLU B CG  1 
ATOM   110 C CD  . GLU A 1 15  ? -3.385  1.873   17.392  1.00 55.90  ? 37  GLU B CD  1 
ATOM   111 O OE1 . GLU A 1 15  ? -2.287  1.825   16.800  1.00 56.29  ? 37  GLU B OE1 1 
ATOM   112 O OE2 . GLU A 1 15  ? -3.649  2.746   18.241  1.00 57.58  ? 37  GLU B OE2 1 
ATOM   113 N N   . THR A 1 16  ? -6.084  0.678   13.000  1.00 48.42  ? 38  THR B N   1 
ATOM   114 C CA  . THR A 1 16  ? -6.081  0.671   11.547  1.00 48.04  ? 38  THR B CA  1 
ATOM   115 C C   . THR A 1 16  ? -4.923  1.537   11.076  1.00 48.65  ? 38  THR B C   1 
ATOM   116 O O   . THR A 1 16  ? -4.682  2.618   11.612  1.00 48.64  ? 38  THR B O   1 
ATOM   117 C CB  . THR A 1 16  ? -7.405  1.210   10.961  1.00 47.22  ? 38  THR B CB  1 
ATOM   118 O OG1 . THR A 1 16  ? -8.457  0.255   11.208  1.00 47.84  ? 38  THR B OG1 1 
ATOM   119 C CG2 . THR A 1 16  ? -7.266  1.453   9.442   1.00 45.22  ? 38  THR B CG2 1 
ATOM   120 N N   . ALA A 1 17  ? -4.195  1.041   10.083  1.00 48.73  ? 39  ALA B N   1 
ATOM   121 C CA  . ALA A 1 17  ? -3.050  1.758   9.544   1.00 48.65  ? 39  ALA B CA  1 
ATOM   122 C C   . ALA A 1 17  ? -3.381  2.397   8.209   1.00 48.32  ? 39  ALA B C   1 
ATOM   123 O O   . ALA A 1 17  ? -3.952  1.757   7.325   1.00 48.64  ? 39  ALA B O   1 
ATOM   124 C CB  . ALA A 1 17  ? -1.871  0.808   9.386   1.00 49.29  ? 39  ALA B CB  1 
ATOM   125 N N   . TYR A 1 18  ? -3.029  3.670   8.078   1.00 47.41  ? 40  TYR B N   1 
ATOM   126 C CA  . TYR A 1 18  ? -3.259  4.406   6.847   1.00 47.14  ? 40  TYR B CA  1 
ATOM   127 C C   . TYR A 1 18  ? -1.922  4.527   6.128   1.00 45.73  ? 40  TYR B C   1 
ATOM   128 O O   . TYR A 1 18  ? -1.022  5.222   6.591   1.00 45.28  ? 40  TYR B O   1 
ATOM   129 C CB  . TYR A 1 18  ? -3.821  5.798   7.153   1.00 48.20  ? 40  TYR B CB  1 
ATOM   130 C CG  . TYR A 1 18  ? -3.890  6.706   5.947   1.00 51.27  ? 40  TYR B CG  1 
ATOM   131 C CD1 . TYR A 1 18  ? -4.706  6.399   4.855   1.00 53.20  ? 40  TYR B CD1 1 
ATOM   132 C CD2 . TYR A 1 18  ? -3.107  7.860   5.879   1.00 52.84  ? 40  TYR B CD2 1 
ATOM   133 C CE1 . TYR A 1 18  ? -4.731  7.224   3.721   1.00 54.80  ? 40  TYR B CE1 1 
ATOM   134 C CE2 . TYR A 1 18  ? -3.125  8.687   4.758   1.00 53.87  ? 40  TYR B CE2 1 
ATOM   135 C CZ  . TYR A 1 18  ? -3.935  8.367   3.682   1.00 54.52  ? 40  TYR B CZ  1 
ATOM   136 O OH  . TYR A 1 18  ? -3.928  9.183   2.573   1.00 55.18  ? 40  TYR B OH  1 
ATOM   137 N N   . LEU A 1 19  ? -1.801  3.828   5.004   1.00 44.94  ? 41  LEU B N   1 
ATOM   138 C CA  . LEU A 1 19  ? -0.575  3.835   4.213   1.00 44.18  ? 41  LEU B CA  1 
ATOM   139 C C   . LEU A 1 19  ? -0.746  4.793   3.045   1.00 43.48  ? 41  LEU B C   1 
ATOM   140 O O   . LEU A 1 19  ? -1.337  4.457   2.020   1.00 42.68  ? 41  LEU B O   1 
ATOM   141 C CB  . LEU A 1 19  ? -0.282  2.422   3.713   1.00 43.74  ? 41  LEU B CB  1 
ATOM   142 C CG  . LEU A 1 19  ? -0.336  1.390   4.840   1.00 43.69  ? 41  LEU B CG  1 
ATOM   143 C CD1 . LEU A 1 19  ? -0.044  0.014   4.287   1.00 45.47  ? 41  LEU B CD1 1 
ATOM   144 C CD2 . LEU A 1 19  ? 0.659   1.757   5.925   1.00 43.60  ? 41  LEU B CD2 1 
ATOM   145 N N   . PRO A 1 20  ? -0.240  6.019   3.202   1.00 43.36  ? 42  PRO B N   1 
ATOM   146 C CA  . PRO A 1 20  ? -0.314  7.072   2.195   1.00 44.18  ? 42  PRO B CA  1 
ATOM   147 C C   . PRO A 1 20  ? 0.539   6.826   0.963   1.00 44.64  ? 42  PRO B C   1 
ATOM   148 O O   . PRO A 1 20  ? 1.694   6.410   1.058   1.00 43.92  ? 42  PRO B O   1 
ATOM   149 C CB  . PRO A 1 20  ? 0.135   8.303   2.974   1.00 42.76  ? 42  PRO B CB  1 
ATOM   150 C CG  . PRO A 1 20  ? 1.210   7.710   3.852   1.00 43.78  ? 42  PRO B CG  1 
ATOM   151 C CD  . PRO A 1 20  ? 0.427   6.530   4.411   1.00 43.51  ? 42  PRO B CD  1 
ATOM   152 N N   . CYS A 1 21  ? -0.057  7.090   -0.194  1.00 44.73  ? 43  CYS B N   1 
ATOM   153 C CA  . CYS A 1 21  ? 0.617   6.943   -1.469  1.00 46.08  ? 43  CYS B CA  1 
ATOM   154 C C   . CYS A 1 21  ? -0.059  7.848   -2.500  1.00 46.33  ? 43  CYS B C   1 
ATOM   155 O O   . CYS A 1 21  ? -0.889  7.401   -3.300  1.00 45.33  ? 43  CYS B O   1 
ATOM   156 C CB  . CYS A 1 21  ? 0.582   5.490   -1.950  1.00 45.48  ? 43  CYS B CB  1 
ATOM   157 S SG  . CYS A 1 21  ? 1.593   5.262   -3.443  1.00 44.92  ? 43  CYS B SG  1 
ATOM   158 N N   . LYS A 1 22  ? 0.300   9.127   -2.466  1.00 46.71  ? 44  LYS B N   1 
ATOM   159 C CA  . LYS A 1 22  ? -0.251  10.108  -3.390  1.00 48.43  ? 44  LYS B CA  1 
ATOM   160 C C   . LYS A 1 22  ? 0.774   10.350  -4.491  1.00 48.79  ? 44  LYS B C   1 
ATOM   161 O O   . LYS A 1 22  ? 1.984   10.341  -4.242  1.00 47.95  ? 44  LYS B O   1 
ATOM   162 C CB  . LYS A 1 22  ? -0.588  11.402  -2.640  1.00 49.26  ? 44  LYS B CB  1 
ATOM   163 C CG  . LYS A 1 22  ? -1.772  11.244  -1.684  1.00 51.17  ? 44  LYS B CG  1 
ATOM   164 C CD  . LYS A 1 22  ? -2.011  12.473  -0.835  1.00 53.68  ? 44  LYS B CD  1 
ATOM   165 C CE  . LYS A 1 22  ? -3.308  12.369  -0.041  1.00 55.90  ? 44  LYS B CE  1 
ATOM   166 N NZ  . LYS A 1 22  ? -4.314  13.371  -0.528  1.00 59.10  ? 44  LYS B NZ  1 
ATOM   167 N N   . PHE A 1 23  ? 0.292   10.563  -5.709  1.00 49.25  ? 45  PHE B N   1 
ATOM   168 C CA  . PHE A 1 23  ? 1.181   10.755  -6.842  1.00 49.22  ? 45  PHE B CA  1 
ATOM   169 C C   . PHE A 1 23  ? 0.700   11.824  -7.804  1.00 51.53  ? 45  PHE B C   1 
ATOM   170 O O   . PHE A 1 23  ? -0.485  12.155  -7.862  1.00 52.09  ? 45  PHE B O   1 
ATOM   171 C CB  . PHE A 1 23  ? 1.319   9.434   -7.587  1.00 46.47  ? 45  PHE B CB  1 
ATOM   172 C CG  . PHE A 1 23  ? 0.026   8.932   -8.144  1.00 43.20  ? 45  PHE B CG  1 
ATOM   173 C CD1 . PHE A 1 23  ? -0.407  9.325   -9.408  1.00 41.54  ? 45  PHE B CD1 1 
ATOM   174 C CD2 . PHE A 1 23  ? -0.794  8.109   -7.378  1.00 40.89  ? 45  PHE B CD2 1 
ATOM   175 C CE1 . PHE A 1 23  ? -1.641  8.906   -9.907  1.00 42.05  ? 45  PHE B CE1 1 
ATOM   176 C CE2 . PHE A 1 23  ? -2.028  7.684   -7.861  1.00 41.81  ? 45  PHE B CE2 1 
ATOM   177 C CZ  . PHE A 1 23  ? -2.455  8.083   -9.132  1.00 42.13  ? 45  PHE B CZ  1 
ATOM   178 N N   . THR A 1 24  ? 1.644   12.359  -8.563  1.00 53.70  ? 46  THR B N   1 
ATOM   179 C CA  . THR A 1 24  ? 1.356   13.375  -9.550  1.00 55.36  ? 46  THR B CA  1 
ATOM   180 C C   . THR A 1 24  ? 1.677   12.749  -10.892 1.00 56.81  ? 46  THR B C   1 
ATOM   181 O O   . THR A 1 24  ? 2.611   11.957  -10.999 1.00 57.25  ? 46  THR B O   1 
ATOM   182 C CB  . THR A 1 24  ? 2.241   14.616  -9.337  1.00 55.79  ? 46  THR B CB  1 
ATOM   183 O OG1 . THR A 1 24  ? 3.621   14.233  -9.364  1.00 55.80  ? 46  THR B OG1 1 
ATOM   184 C CG2 . THR A 1 24  ? 1.928   15.262  -8.002  1.00 55.51  ? 46  THR B CG2 1 
ATOM   185 N N   . LEU A 1 25  ? 0.897   13.086  -11.912 1.00 59.10  ? 47  LEU B N   1 
ATOM   186 C CA  . LEU A 1 25  ? 1.129   12.548  -13.247 1.00 60.42  ? 47  LEU B CA  1 
ATOM   187 C C   . LEU A 1 25  ? 1.718   13.588  -14.188 1.00 61.53  ? 47  LEU B C   1 
ATOM   188 O O   . LEU A 1 25  ? 1.385   14.769  -14.119 1.00 63.98  ? 47  LEU B O   1 
ATOM   189 C CB  . LEU A 1 25  ? -0.169  12.002  -13.839 1.00 59.29  ? 47  LEU B CB  1 
ATOM   190 C CG  . LEU A 1 25  ? -0.737  10.778  -13.124 1.00 59.42  ? 47  LEU B CG  1 
ATOM   191 C CD1 . LEU A 1 25  ? -2.035  10.351  -13.785 1.00 59.85  ? 47  LEU B CD1 1 
ATOM   192 C CD2 . LEU A 1 25  ? 0.282   9.649   -13.173 1.00 59.10  ? 47  LEU B CD2 1 
ATOM   193 N N   . SER A 1 26  ? 2.601   13.133  -15.068 1.00 62.76  ? 48  SER B N   1 
ATOM   194 C CA  . SER A 1 26  ? 3.251   13.996  -16.047 1.00 63.12  ? 48  SER B CA  1 
ATOM   195 C C   . SER A 1 26  ? 2.471   13.955  -17.357 1.00 62.91  ? 48  SER B C   1 
ATOM   196 O O   . SER A 1 26  ? 1.714   13.019  -17.603 1.00 62.36  ? 48  SER B O   1 
ATOM   197 C CB  . SER A 1 26  ? 4.682   13.514  -16.280 1.00 62.93  ? 48  SER B CB  1 
ATOM   198 O OG  . SER A 1 26  ? 5.283   14.218  -17.345 1.00 66.50  ? 48  SER B OG  1 
ATOM   199 N N   . PRO A 1 27  ? 2.628   14.979  -18.211 1.00 63.45  ? 49  PRO B N   1 
ATOM   200 C CA  . PRO A 1 27  ? 1.904   14.986  -19.485 1.00 63.15  ? 49  PRO B CA  1 
ATOM   201 C C   . PRO A 1 27  ? 2.329   13.822  -20.371 1.00 63.04  ? 49  PRO B C   1 
ATOM   202 O O   . PRO A 1 27  ? 1.551   13.332  -21.195 1.00 62.34  ? 49  PRO B O   1 
ATOM   203 C CB  . PRO A 1 27  ? 2.290   16.339  -20.076 1.00 63.84  ? 49  PRO B CB  1 
ATOM   204 C CG  . PRO A 1 27  ? 2.542   17.180  -18.826 1.00 63.28  ? 49  PRO B CG  1 
ATOM   205 C CD  . PRO A 1 27  ? 3.423   16.211  -18.087 1.00 63.46  ? 49  PRO B CD  1 
ATOM   206 N N   . GLU A 1 28  ? 3.569   13.379  -20.183 1.00 63.00  ? 50  GLU B N   1 
ATOM   207 C CA  . GLU A 1 28  ? 4.124   12.275  -20.958 1.00 63.18  ? 50  GLU B CA  1 
ATOM   208 C C   . GLU A 1 28  ? 3.493   10.932  -20.597 1.00 62.06  ? 50  GLU B C   1 
ATOM   209 O O   . GLU A 1 28  ? 3.340   10.053  -21.451 1.00 62.62  ? 50  GLU B O   1 
ATOM   210 C CB  . GLU A 1 28  ? 5.650   12.176  -20.754 1.00 65.24  ? 50  GLU B CB  1 
ATOM   211 C CG  . GLU A 1 28  ? 6.479   13.358  -21.311 1.00 70.93  ? 50  GLU B CG  1 
ATOM   212 C CD  . GLU A 1 28  ? 6.238   14.687  -20.561 1.00 74.09  ? 50  GLU B CD  1 
ATOM   213 O OE1 . GLU A 1 28  ? 6.630   14.785  -19.360 1.00 75.53  ? 50  GLU B OE1 1 
ATOM   214 O OE2 . GLU A 1 28  ? 5.653   15.636  -21.167 1.00 75.56  ? 50  GLU B OE2 1 
ATOM   215 N N   . ASP A 1 29  ? 3.136   10.777  -19.328 1.00 60.37  ? 51  ASP B N   1 
ATOM   216 C CA  . ASP A 1 29  ? 2.549   9.534   -18.847 1.00 58.69  ? 51  ASP B CA  1 
ATOM   217 C C   . ASP A 1 29  ? 1.201   9.272   -19.494 1.00 56.78  ? 51  ASP B C   1 
ATOM   218 O O   . ASP A 1 29  ? 0.169   9.383   -18.843 1.00 56.89  ? 51  ASP B O   1 
ATOM   219 C CB  . ASP A 1 29  ? 2.403   9.580   -17.324 1.00 58.85  ? 51  ASP B CB  1 
ATOM   220 C CG  . ASP A 1 29  ? 3.703   9.940   -16.629 1.00 60.03  ? 51  ASP B CG  1 
ATOM   221 O OD1 . ASP A 1 29  ? 4.771   9.531   -17.132 1.00 59.96  ? 51  ASP B OD1 1 
ATOM   222 O OD2 . ASP A 1 29  ? 3.664   10.609  -15.573 1.00 60.73  ? 51  ASP B OD2 1 
ATOM   223 N N   . GLN A 1 30  ? 1.220   8.909   -20.772 1.00 56.02  ? 52  GLN B N   1 
ATOM   224 C CA  . GLN A 1 30  ? -0.007  8.656   -21.514 1.00 55.15  ? 52  GLN B CA  1 
ATOM   225 C C   . GLN A 1 30  ? -0.470  7.211   -21.552 1.00 53.18  ? 52  GLN B C   1 
ATOM   226 O O   . GLN A 1 30  ? -1.486  6.901   -22.164 1.00 52.98  ? 52  GLN B O   1 
ATOM   227 C CB  . GLN A 1 30  ? 0.130   9.172   -22.941 1.00 57.02  ? 52  GLN B CB  1 
ATOM   228 C CG  . GLN A 1 30  ? 0.390   10.660  -23.014 1.00 61.99  ? 52  GLN B CG  1 
ATOM   229 C CD  . GLN A 1 30  ? 0.279   11.183  -24.421 1.00 66.35  ? 52  GLN B CD  1 
ATOM   230 O OE1 . GLN A 1 30  ? 0.968   10.711  -25.326 1.00 68.67  ? 52  GLN B OE1 1 
ATOM   231 N NE2 . GLN A 1 30  ? -0.595  12.166  -24.621 1.00 68.94  ? 52  GLN B NE2 1 
ATOM   232 N N   . GLY A 1 31  ? 0.269   6.322   -20.903 1.00 51.89  ? 53  GLY B N   1 
ATOM   233 C CA  . GLY A 1 31  ? -0.142  4.929   -20.892 1.00 49.29  ? 53  GLY B CA  1 
ATOM   234 C C   . GLY A 1 31  ? -1.211  4.685   -19.836 1.00 47.95  ? 53  GLY B C   1 
ATOM   235 O O   . GLY A 1 31  ? -1.489  5.575   -19.034 1.00 46.26  ? 53  GLY B O   1 
ATOM   236 N N   . PRO A 1 32  ? -1.843  3.497   -19.816 1.00 45.97  ? 54  PRO B N   1 
ATOM   237 C CA  . PRO A 1 32  ? -2.876  3.182   -18.829 1.00 44.26  ? 54  PRO B CA  1 
ATOM   238 C C   . PRO A 1 32  ? -2.304  3.193   -17.409 1.00 44.21  ? 54  PRO B C   1 
ATOM   239 O O   . PRO A 1 32  ? -1.124  2.891   -17.201 1.00 43.68  ? 54  PRO B O   1 
ATOM   240 C CB  . PRO A 1 32  ? -3.335  1.793   -19.263 1.00 44.07  ? 54  PRO B CB  1 
ATOM   241 C CG  . PRO A 1 32  ? -2.058  1.210   -19.821 1.00 44.68  ? 54  PRO B CG  1 
ATOM   242 C CD  . PRO A 1 32  ? -1.664  2.354   -20.722 1.00 44.36  ? 54  PRO B CD  1 
ATOM   243 N N   . LEU A 1 33  ? -3.147  3.542   -16.442 1.00 43.70  ? 55  LEU B N   1 
ATOM   244 C CA  . LEU A 1 33  ? -2.735  3.608   -15.046 1.00 44.03  ? 55  LEU B CA  1 
ATOM   245 C C   . LEU A 1 33  ? -2.810  2.270   -14.315 1.00 44.28  ? 55  LEU B C   1 
ATOM   246 O O   . LEU A 1 33  ? -3.817  1.563   -14.390 1.00 44.15  ? 55  LEU B O   1 
ATOM   247 C CB  . LEU A 1 33  ? -3.586  4.637   -14.286 1.00 42.48  ? 55  LEU B CB  1 
ATOM   248 C CG  . LEU A 1 33  ? -3.357  4.753   -12.772 1.00 41.99  ? 55  LEU B CG  1 
ATOM   249 C CD1 . LEU A 1 33  ? -1.942  5.215   -12.503 1.00 40.95  ? 55  LEU B CD1 1 
ATOM   250 C CD2 . LEU A 1 33  ? -4.346  5.729   -12.167 1.00 41.43  ? 55  LEU B CD2 1 
ATOM   251 N N   . ASP A 1 34  ? -1.727  1.927   -13.622 1.00 45.47  ? 56  ASP B N   1 
ATOM   252 C CA  . ASP A 1 34  ? -1.668  0.706   -12.826 1.00 47.65  ? 56  ASP B CA  1 
ATOM   253 C C   . ASP A 1 34  ? -1.180  1.031   -11.447 1.00 45.91  ? 56  ASP B C   1 
ATOM   254 O O   . ASP A 1 34  ? -0.194  1.740   -11.284 1.00 46.71  ? 56  ASP B O   1 
ATOM   255 C CB  . ASP A 1 34  ? -0.727  -0.355  -13.425 1.00 51.60  ? 56  ASP B CB  1 
ATOM   256 C CG  . ASP A 1 34  ? -1.424  -1.202  -14.474 1.00 57.04  ? 56  ASP B CG  1 
ATOM   257 O OD1 . ASP A 1 34  ? -2.490  -1.811  -14.151 1.00 58.07  ? 56  ASP B OD1 1 
ATOM   258 O OD2 . ASP A 1 34  ? -0.923  -1.254  -15.634 1.00 61.60  ? 56  ASP B OD2 1 
ATOM   259 N N   . ILE A 1 35  ? -1.890  0.518   -10.458 1.00 43.58  ? 57  ILE B N   1 
ATOM   260 C CA  . ILE A 1 35  ? -1.504  0.725   -9.079  1.00 43.27  ? 57  ILE B CA  1 
ATOM   261 C C   . ILE A 1 35  ? -1.433  -0.639  -8.405  1.00 42.23  ? 57  ILE B C   1 
ATOM   262 O O   . ILE A 1 35  ? -2.421  -1.373  -8.340  1.00 42.63  ? 57  ILE B O   1 
ATOM   263 C CB  . ILE A 1 35  ? -2.503  1.653   -8.356  1.00 43.94  ? 57  ILE B CB  1 
ATOM   264 C CG1 . ILE A 1 35  ? -2.401  3.057   -8.971  1.00 45.08  ? 57  ILE B CG1 1 
ATOM   265 C CG2 . ILE A 1 35  ? -2.223  1.685   -6.862  1.00 41.10  ? 57  ILE B CG2 1 
ATOM   266 C CD1 . ILE A 1 35  ? -3.356  4.068   -8.383  1.00 49.38  ? 57  ILE B CD1 1 
ATOM   267 N N   . GLU A 1 36  ? -0.241  -0.994  -7.945  1.00 41.10  ? 58  GLU B N   1 
ATOM   268 C CA  . GLU A 1 36  ? -0.054  -2.269  -7.277  1.00 40.27  ? 58  GLU B CA  1 
ATOM   269 C C   . GLU A 1 36  ? 0.601   -2.072  -5.927  1.00 39.85  ? 58  GLU B C   1 
ATOM   270 O O   . GLU A 1 36  ? 1.530   -1.283  -5.790  1.00 39.12  ? 58  GLU B O   1 
ATOM   271 C CB  . GLU A 1 36  ? 0.809   -3.197  -8.131  1.00 38.92  ? 58  GLU B CB  1 
ATOM   272 C CG  . GLU A 1 36  ? 1.242   -4.454  -7.408  1.00 40.32  ? 58  GLU B CG  1 
ATOM   273 C CD  . GLU A 1 36  ? 2.149   -5.343  -8.240  1.00 40.14  ? 58  GLU B CD  1 
ATOM   274 O OE1 . GLU A 1 36  ? 3.064   -4.808  -8.892  1.00 40.93  ? 58  GLU B OE1 1 
ATOM   275 O OE2 . GLU A 1 36  ? 1.962   -6.577  -8.219  1.00 39.43  ? 58  GLU B OE2 1 
ATOM   276 N N   . TRP A 1 37  ? 0.083   -2.769  -4.923  1.00 39.77  ? 59  TRP B N   1 
ATOM   277 C CA  . TRP A 1 37  ? 0.655   -2.731  -3.586  1.00 40.06  ? 59  TRP B CA  1 
ATOM   278 C C   . TRP A 1 37  ? 1.183   -4.128  -3.297  1.00 40.54  ? 59  TRP B C   1 
ATOM   279 O O   . TRP A 1 37  ? 0.469   -5.122  -3.482  1.00 41.07  ? 59  TRP B O   1 
ATOM   280 C CB  . TRP A 1 37  ? -0.387  -2.365  -2.520  1.00 40.24  ? 59  TRP B CB  1 
ATOM   281 C CG  . TRP A 1 37  ? -0.662  -0.898  -2.365  1.00 41.37  ? 59  TRP B CG  1 
ATOM   282 C CD1 . TRP A 1 37  ? -1.537  -0.133  -3.086  1.00 41.93  ? 59  TRP B CD1 1 
ATOM   283 C CD2 . TRP A 1 37  ? -0.051  -0.020  -1.413  1.00 41.68  ? 59  TRP B CD2 1 
ATOM   284 N NE1 . TRP A 1 37  ? -1.511  1.169   -2.635  1.00 41.78  ? 59  TRP B NE1 1 
ATOM   285 C CE2 . TRP A 1 37  ? -0.607  1.266   -1.611  1.00 41.31  ? 59  TRP B CE2 1 
ATOM   286 C CE3 . TRP A 1 37  ? 0.918   -0.193  -0.411  1.00 40.95  ? 59  TRP B CE3 1 
ATOM   287 C CZ2 . TRP A 1 37  ? -0.232  2.372   -0.837  1.00 41.05  ? 59  TRP B CZ2 1 
ATOM   288 C CZ3 . TRP A 1 37  ? 1.291   0.909   0.358   1.00 40.09  ? 59  TRP B CZ3 1 
ATOM   289 C CH2 . TRP A 1 37  ? 0.717   2.176   0.137   1.00 39.72  ? 59  TRP B CH2 1 
ATOM   290 N N   . LEU A 1 38  ? 2.435   -4.214  -2.867  1.00 39.79  ? 60  LEU B N   1 
ATOM   291 C CA  . LEU A 1 38  ? 3.018   -5.508  -2.547  1.00 39.52  ? 60  LEU B CA  1 
ATOM   292 C C   . LEU A 1 38  ? 3.455   -5.492  -1.093  1.00 40.17  ? 60  LEU B C   1 
ATOM   293 O O   . LEU A 1 38  ? 3.508   -4.436  -0.460  1.00 40.19  ? 60  LEU B O   1 
ATOM   294 C CB  . LEU A 1 38  ? 4.224   -5.811  -3.442  1.00 36.84  ? 60  LEU B CB  1 
ATOM   295 C CG  . LEU A 1 38  ? 4.021   -5.762  -4.958  1.00 38.27  ? 60  LEU B CG  1 
ATOM   296 C CD1 . LEU A 1 38  ? 3.820   -4.317  -5.385  1.00 37.44  ? 60  LEU B CD1 1 
ATOM   297 C CD2 . LEU A 1 38  ? 5.239   -6.323  -5.670  1.00 37.50  ? 60  LEU B CD2 1 
ATOM   298 N N   . ILE A 1 39  ? 3.761   -6.664  -0.562  1.00 40.31  ? 61  ILE B N   1 
ATOM   299 C CA  . ILE A 1 39  ? 4.203   -6.763  0.816   1.00 40.26  ? 61  ILE B CA  1 
ATOM   300 C C   . ILE A 1 39  ? 5.249   -7.845  1.004   1.00 40.02  ? 61  ILE B C   1 
ATOM   301 O O   . ILE A 1 39  ? 5.204   -8.894  0.357   1.00 40.78  ? 61  ILE B O   1 
ATOM   302 C CB  . ILE A 1 39  ? 3.045   -7.099  1.767   1.00 40.38  ? 61  ILE B CB  1 
ATOM   303 C CG1 . ILE A 1 39  ? 3.579   -7.202  3.201   1.00 39.20  ? 61  ILE B CG1 1 
ATOM   304 C CG2 . ILE A 1 39  ? 2.384   -8.416  1.343   1.00 38.93  ? 61  ILE B CG2 1 
ATOM   305 C CD1 . ILE A 1 39  ? 2.558   -7.648  4.213   1.00 38.94  ? 61  ILE B CD1 1 
ATOM   306 N N   . SER A 1 40  ? 6.195   -7.571  1.890   1.00 38.64  ? 62  SER B N   1 
ATOM   307 C CA  . SER A 1 40  ? 7.227   -8.526  2.238   1.00 38.83  ? 62  SER B CA  1 
ATOM   308 C C   . SER A 1 40  ? 7.064   -8.675  3.736   1.00 38.04  ? 62  SER B C   1 
ATOM   309 O O   . SER A 1 40  ? 7.571   -7.868  4.514   1.00 38.09  ? 62  SER B O   1 
ATOM   310 C CB  . SER A 1 40  ? 8.619   -8.000  1.896   1.00 38.20  ? 62  SER B CB  1 
ATOM   311 O OG  . SER A 1 40  ? 8.799   -7.943  0.495   1.00 38.75  ? 62  SER B OG  1 
ATOM   312 N N   . PRO A 1 41  ? 6.326   -9.707  4.156   1.00 38.39  ? 63  PRO B N   1 
ATOM   313 C CA  . PRO A 1 41  ? 6.051   -10.015 5.556   1.00 39.27  ? 63  PRO B CA  1 
ATOM   314 C C   . PRO A 1 41  ? 7.330   -10.226 6.340   1.00 40.66  ? 63  PRO B C   1 
ATOM   315 O O   . PRO A 1 41  ? 8.309   -10.742 5.818   1.00 41.37  ? 63  PRO B O   1 
ATOM   316 C CB  . PRO A 1 41  ? 5.221   -11.292 5.459   1.00 39.55  ? 63  PRO B CB  1 
ATOM   317 C CG  . PRO A 1 41  ? 4.529   -11.119 4.135   1.00 40.02  ? 63  PRO B CG  1 
ATOM   318 C CD  . PRO A 1 41  ? 5.706   -10.728 3.299   1.00 37.72  ? 63  PRO B CD  1 
ATOM   319 N N   . ALA A 1 42  ? 7.320   -9.818  7.595   1.00 41.70  ? 64  ALA B N   1 
ATOM   320 C CA  . ALA A 1 42  ? 8.486   -9.998  8.428   1.00 42.20  ? 64  ALA B CA  1 
ATOM   321 C C   . ALA A 1 42  ? 8.495   -11.436 8.934   1.00 43.77  ? 64  ALA B C   1 
ATOM   322 O O   . ALA A 1 42  ? 9.543   -12.076 8.962   1.00 42.48  ? 64  ALA B O   1 
ATOM   323 C CB  . ALA A 1 42  ? 8.450   -9.030  9.596   1.00 39.91  ? 64  ALA B CB  1 
ATOM   324 N N   . ASP A 1 43  ? 7.322   -11.951 9.304   1.00 46.76  ? 65  ASP B N   1 
ATOM   325 C CA  . ASP A 1 43  ? 7.238   -13.309 9.836   1.00 51.64  ? 65  ASP B CA  1 
ATOM   326 C C   . ASP A 1 43  ? 7.679   -14.449 8.914   1.00 53.28  ? 65  ASP B C   1 
ATOM   327 O O   . ASP A 1 43  ? 8.148   -15.476 9.406   1.00 56.11  ? 65  ASP B O   1 
ATOM   328 C CB  . ASP A 1 43  ? 5.837   -13.608 10.395  1.00 52.69  ? 65  ASP B CB  1 
ATOM   329 C CG  . ASP A 1 43  ? 4.738   -13.395 9.383   1.00 55.40  ? 65  ASP B CG  1 
ATOM   330 O OD1 . ASP A 1 43  ? 4.907   -13.797 8.216   1.00 59.32  ? 65  ASP B OD1 1 
ATOM   331 O OD2 . ASP A 1 43  ? 3.685   -12.846 9.768   1.00 56.78  ? 65  ASP B OD2 1 
ATOM   332 N N   . ASN A 1 44  ? 7.546   -14.295 7.599   1.00 53.17  ? 66  ASN B N   1 
ATOM   333 C CA  . ASN A 1 44  ? 7.985   -15.364 6.708   1.00 53.59  ? 66  ASN B CA  1 
ATOM   334 C C   . ASN A 1 44  ? 8.985   -14.876 5.672   1.00 53.33  ? 66  ASN B C   1 
ATOM   335 O O   . ASN A 1 44  ? 9.419   -13.725 5.713   1.00 52.52  ? 66  ASN B O   1 
ATOM   336 C CB  . ASN A 1 44  ? 6.785   -16.046 6.044   1.00 55.60  ? 66  ASN B CB  1 
ATOM   337 C CG  . ASN A 1 44  ? 6.033   -15.139 5.104   1.00 59.08  ? 66  ASN B CG  1 
ATOM   338 O OD1 . ASN A 1 44  ? 4.887   -15.416 4.763   1.00 62.41  ? 66  ASN B OD1 1 
ATOM   339 N ND2 . ASN A 1 44  ? 6.674   -14.066 4.657   1.00 60.77  ? 66  ASN B ND2 1 
ATOM   340 N N   . GLN A 1 45  ? 9.349   -15.748 4.740   1.00 53.40  ? 67  GLN B N   1 
ATOM   341 C CA  . GLN A 1 45  ? 10.343  -15.399 3.735   1.00 52.99  ? 67  GLN B CA  1 
ATOM   342 C C   . GLN A 1 45  ? 9.818   -14.811 2.436   1.00 52.53  ? 67  GLN B C   1 
ATOM   343 O O   . GLN A 1 45  ? 10.610  -14.350 1.610   1.00 52.98  ? 67  GLN B O   1 
ATOM   344 C CB  . GLN A 1 45  ? 11.178  -16.627 3.396   1.00 53.74  ? 67  GLN B CB  1 
ATOM   345 C CG  . GLN A 1 45  ? 11.793  -17.314 4.588   1.00 55.45  ? 67  GLN B CG  1 
ATOM   346 C CD  . GLN A 1 45  ? 12.552  -18.566 4.185   1.00 56.01  ? 67  GLN B CD  1 
ATOM   347 O OE1 . GLN A 1 45  ? 13.539  -18.497 3.441   1.00 55.17  ? 67  GLN B OE1 1 
ATOM   348 N NE2 . GLN A 1 45  ? 12.090  -19.719 4.665   1.00 53.26  ? 67  GLN B NE2 1 
ATOM   349 N N   . LYS A 1 46  ? 8.501   -14.836 2.236   1.00 50.54  ? 68  LYS B N   1 
ATOM   350 C CA  . LYS A 1 46  ? 7.944   -14.304 0.998   1.00 49.36  ? 68  LYS B CA  1 
ATOM   351 C C   . LYS A 1 46  ? 8.323   -12.832 0.821   1.00 47.73  ? 68  LYS B C   1 
ATOM   352 O O   . LYS A 1 46  ? 8.458   -12.095 1.797   1.00 48.02  ? 68  LYS B O   1 
ATOM   353 C CB  . LYS A 1 46  ? 6.418   -14.398 0.988   1.00 50.04  ? 68  LYS B CB  1 
ATOM   354 C CG  . LYS A 1 46  ? 5.783   -15.726 1.386   1.00 52.19  ? 68  LYS B CG  1 
ATOM   355 C CD  . LYS A 1 46  ? 4.300   -15.605 1.097   1.00 56.91  ? 68  LYS B CD  1 
ATOM   356 C CE  . LYS A 1 46  ? 3.433   -16.450 1.985   1.00 59.00  ? 68  LYS B CE  1 
ATOM   357 N NZ  . LYS A 1 46  ? 2.007   -16.122 1.698   1.00 62.06  ? 68  LYS B NZ  1 
ATOM   358 N N   . VAL A 1 47  ? 8.505   -12.416 -0.425  1.00 44.20  ? 69  VAL B N   1 
ATOM   359 C CA  . VAL A 1 47  ? 8.819   -11.028 -0.710  1.00 41.96  ? 69  VAL B CA  1 
ATOM   360 C C   . VAL A 1 47  ? 7.904   -10.574 -1.828  1.00 40.09  ? 69  VAL B C   1 
ATOM   361 O O   . VAL A 1 47  ? 7.335   -11.397 -2.533  1.00 39.52  ? 69  VAL B O   1 
ATOM   362 C CB  . VAL A 1 47  ? 10.287  -10.838 -1.135  1.00 41.95  ? 69  VAL B CB  1 
ATOM   363 C CG1 . VAL A 1 47  ? 11.211  -11.176 0.027   1.00 38.53  ? 69  VAL B CG1 1 
ATOM   364 C CG2 . VAL A 1 47  ? 10.590  -11.695 -2.342  1.00 41.18  ? 69  VAL B CG2 1 
ATOM   365 N N   . ASP A 1 48  ? 7.753   -9.264  -1.972  1.00 39.14  ? 70  ASP B N   1 
ATOM   366 C CA  . ASP A 1 48  ? 6.901   -8.675  -2.998  1.00 39.15  ? 70  ASP B CA  1 
ATOM   367 C C   . ASP A 1 48  ? 5.603   -9.436  -3.279  1.00 38.80  ? 70  ASP B C   1 
ATOM   368 O O   . ASP A 1 48  ? 5.337   -9.803  -4.421  1.00 39.44  ? 70  ASP B O   1 
ATOM   369 C CB  . ASP A 1 48  ? 7.677   -8.515  -4.309  1.00 36.65  ? 70  ASP B CB  1 
ATOM   370 C CG  . ASP A 1 48  ? 8.960   -7.730  -4.133  1.00 39.37  ? 70  ASP B CG  1 
ATOM   371 O OD1 . ASP A 1 48  ? 9.070   -6.968  -3.150  1.00 40.18  ? 70  ASP B OD1 1 
ATOM   372 O OD2 . ASP A 1 48  ? 9.854   -7.852  -4.993  1.00 40.80  ? 70  ASP B OD2 1 
ATOM   373 N N   . GLN A 1 49  ? 4.794   -9.668  -2.250  1.00 37.75  ? 71  GLN B N   1 
ATOM   374 C CA  . GLN A 1 49  ? 3.527   -10.369 -2.437  1.00 38.15  ? 71  GLN B CA  1 
ATOM   375 C C   . GLN A 1 49  ? 2.441   -9.374  -2.824  1.00 38.87  ? 71  GLN B C   1 
ATOM   376 O O   . GLN A 1 49  ? 2.290   -8.336  -2.181  1.00 39.92  ? 71  GLN B O   1 
ATOM   377 C CB  . GLN A 1 49  ? 3.131   -11.083 -1.149  1.00 40.10  ? 71  GLN B CB  1 
ATOM   378 C CG  . GLN A 1 49  ? 4.119   -12.150 -0.723  1.00 42.86  ? 71  GLN B CG  1 
ATOM   379 C CD  . GLN A 1 49  ? 4.126   -13.332 -1.674  1.00 45.58  ? 71  GLN B CD  1 
ATOM   380 O OE1 . GLN A 1 49  ? 3.158   -14.102 -1.738  1.00 45.64  ? 71  GLN B OE1 1 
ATOM   381 N NE2 . GLN A 1 49  ? 5.210   -13.475 -2.430  1.00 43.80  ? 71  GLN B NE2 1 
ATOM   382 N N   . VAL A 1 50  ? 1.685   -9.682  -3.873  1.00 39.37  ? 72  VAL B N   1 
ATOM   383 C CA  . VAL A 1 50  ? 0.624   -8.784  -4.321  1.00 39.93  ? 72  VAL B CA  1 
ATOM   384 C C   . VAL A 1 50  ? -0.464  -8.703  -3.258  1.00 40.89  ? 72  VAL B C   1 
ATOM   385 O O   . VAL A 1 50  ? -0.945  -9.730  -2.781  1.00 40.60  ? 72  VAL B O   1 
ATOM   386 C CB  . VAL A 1 50  ? -0.012  -9.276  -5.643  1.00 39.55  ? 72  VAL B CB  1 
ATOM   387 C CG1 . VAL A 1 50  ? -1.037  -8.259  -6.143  1.00 35.51  ? 72  VAL B CG1 1 
ATOM   388 C CG2 . VAL A 1 50  ? 1.067   -9.499  -6.686  1.00 39.76  ? 72  VAL B CG2 1 
ATOM   389 N N   . ILE A 1 51  ? -0.846  -7.486  -2.878  1.00 41.81  ? 73  ILE B N   1 
ATOM   390 C CA  . ILE A 1 51  ? -1.889  -7.303  -1.867  1.00 42.64  ? 73  ILE B CA  1 
ATOM   391 C C   . ILE A 1 51  ? -3.184  -6.837  -2.515  1.00 42.66  ? 73  ILE B C   1 
ATOM   392 O O   . ILE A 1 51  ? -4.231  -7.464  -2.357  1.00 43.55  ? 73  ILE B O   1 
ATOM   393 C CB  . ILE A 1 51  ? -1.513  -6.241  -0.830  1.00 43.70  ? 73  ILE B CB  1 
ATOM   394 C CG1 . ILE A 1 51  ? -0.208  -6.613  -0.139  1.00 43.98  ? 73  ILE B CG1 1 
ATOM   395 C CG2 . ILE A 1 51  ? -2.626  -6.119  0.199   1.00 43.45  ? 73  ILE B CG2 1 
ATOM   396 C CD1 . ILE A 1 51  ? 0.274   -5.526  0.792   1.00 45.55  ? 73  ILE B CD1 1 
ATOM   397 N N   . ILE A 1 52  ? -3.109  -5.718  -3.225  1.00 41.34  ? 74  ILE B N   1 
ATOM   398 C CA  . ILE A 1 52  ? -4.276  -5.176  -3.898  1.00 40.71  ? 74  ILE B CA  1 
ATOM   399 C C   . ILE A 1 52  ? -3.809  -4.536  -5.191  1.00 41.48  ? 74  ILE B C   1 
ATOM   400 O O   . ILE A 1 52  ? -2.664  -4.091  -5.298  1.00 39.79  ? 74  ILE B O   1 
ATOM   401 C CB  . ILE A 1 52  ? -5.010  -4.139  -3.023  1.00 39.99  ? 74  ILE B CB  1 
ATOM   402 C CG1 . ILE A 1 52  ? -6.338  -3.766  -3.684  1.00 39.54  ? 74  ILE B CG1 1 
ATOM   403 C CG2 . ILE A 1 52  ? -4.134  -2.902  -2.819  1.00 37.58  ? 74  ILE B CG2 1 
ATOM   404 C CD1 . ILE A 1 52  ? -7.246  -2.933  -2.809  1.00 38.97  ? 74  ILE B CD1 1 
ATOM   405 N N   . LEU A 1 53  ? -4.701  -4.487  -6.172  1.00 43.22  ? 75  LEU B N   1 
ATOM   406 C CA  . LEU A 1 53  ? -4.355  -3.950  -7.478  1.00 43.95  ? 75  LEU B CA  1 
ATOM   407 C C   . LEU A 1 53  ? -5.449  -3.111  -8.138  1.00 43.77  ? 75  LEU B C   1 
ATOM   408 O O   . LEU A 1 53  ? -6.644  -3.348  -7.952  1.00 44.51  ? 75  LEU B O   1 
ATOM   409 C CB  . LEU A 1 53  ? -3.978  -5.128  -8.387  1.00 44.79  ? 75  LEU B CB  1 
ATOM   410 C CG  . LEU A 1 53  ? -3.743  -4.947  -9.888  1.00 48.24  ? 75  LEU B CG  1 
ATOM   411 C CD1 . LEU A 1 53  ? -2.593  -3.970  -10.153 1.00 48.56  ? 75  LEU B CD1 1 
ATOM   412 C CD2 . LEU A 1 53  ? -3.452  -6.318  -10.495 1.00 47.09  ? 75  LEU B CD2 1 
ATOM   413 N N   . TYR A 1 54  ? -5.020  -2.111  -8.897  1.00 43.17  ? 76  TYR B N   1 
ATOM   414 C CA  . TYR A 1 54  ? -5.932  -1.259  -9.647  1.00 43.34  ? 76  TYR B CA  1 
ATOM   415 C C   . TYR A 1 54  ? -5.414  -1.315  -11.082 1.00 43.48  ? 76  TYR B C   1 
ATOM   416 O O   . TYR A 1 54  ? -4.401  -0.691  -11.414 1.00 42.60  ? 76  TYR B O   1 
ATOM   417 C CB  . TYR A 1 54  ? -5.900  0.185   -9.145  1.00 44.56  ? 76  TYR B CB  1 
ATOM   418 C CG  . TYR A 1 54  ? -6.814  1.101   -9.940  1.00 47.06  ? 76  TYR B CG  1 
ATOM   419 C CD1 . TYR A 1 54  ? -8.197  0.904   -9.953  1.00 46.02  ? 76  TYR B CD1 1 
ATOM   420 C CD2 . TYR A 1 54  ? -6.293  2.139   -10.715 1.00 47.43  ? 76  TYR B CD2 1 
ATOM   421 C CE1 . TYR A 1 54  ? -9.039  1.718   -10.719 1.00 47.22  ? 76  TYR B CE1 1 
ATOM   422 C CE2 . TYR A 1 54  ? -7.126  2.960   -11.488 1.00 47.97  ? 76  TYR B CE2 1 
ATOM   423 C CZ  . TYR A 1 54  ? -8.498  2.746   -11.487 1.00 48.55  ? 76  TYR B CZ  1 
ATOM   424 O OH  . TYR A 1 54  ? -9.320  3.551   -12.260 1.00 47.70  ? 76  TYR B OH  1 
ATOM   425 N N   . SER A 1 55  ? -6.100  -2.083  -11.924 1.00 43.40  ? 77  SER B N   1 
ATOM   426 C CA  . SER A 1 55  ? -5.701  -2.238  -13.319 1.00 43.15  ? 77  SER B CA  1 
ATOM   427 C C   . SER A 1 55  ? -6.913  -2.238  -14.239 1.00 43.96  ? 77  SER B C   1 
ATOM   428 O O   . SER A 1 55  ? -7.928  -2.867  -13.941 1.00 42.86  ? 77  SER B O   1 
ATOM   429 C CB  . SER A 1 55  ? -4.927  -3.546  -13.490 1.00 42.11  ? 77  SER B CB  1 
ATOM   430 O OG  . SER A 1 55  ? -4.526  -3.726  -14.834 1.00 41.65  ? 77  SER B OG  1 
ATOM   431 N N   . GLY A 1 56  ? -6.803  -1.532  -15.357 1.00 45.43  ? 78  GLY B N   1 
ATOM   432 C CA  . GLY A 1 56  ? -7.913  -1.476  -16.287 1.00 48.17  ? 78  GLY B CA  1 
ATOM   433 C C   . GLY A 1 56  ? -9.167  -0.939  -15.625 1.00 50.79  ? 78  GLY B C   1 
ATOM   434 O O   . GLY A 1 56  ? -10.259 -1.503  -15.761 1.00 50.97  ? 78  GLY B O   1 
ATOM   435 N N   . ASP A 1 57  ? -8.995  0.157   -14.894 1.00 52.88  ? 79  ASP B N   1 
ATOM   436 C CA  . ASP A 1 57  ? -10.083 0.828   -14.187 1.00 55.24  ? 79  ASP B CA  1 
ATOM   437 C C   . ASP A 1 57  ? -10.872 -0.056  -13.232 1.00 54.65  ? 79  ASP B C   1 
ATOM   438 O O   . ASP A 1 57  ? -12.044 0.209   -12.967 1.00 55.17  ? 79  ASP B O   1 
ATOM   439 C CB  . ASP A 1 57  ? -11.053 1.478   -15.175 1.00 59.03  ? 79  ASP B CB  1 
ATOM   440 C CG  . ASP A 1 57  ? -10.363 2.441   -16.122 1.00 64.32  ? 79  ASP B CG  1 
ATOM   441 O OD1 . ASP A 1 57  ? -9.895  2.008   -17.200 1.00 67.99  ? 79  ASP B OD1 1 
ATOM   442 O OD2 . ASP A 1 57  ? -10.265 3.634   -15.778 1.00 66.29  ? 79  ASP B OD2 1 
ATOM   443 N N   . LYS A 1 58  ? -10.239 -1.107  -12.719 1.00 53.79  ? 80  LYS B N   1 
ATOM   444 C CA  . LYS A 1 58  ? -10.893 -1.996  -11.769 1.00 53.21  ? 80  LYS B CA  1 
ATOM   445 C C   . LYS A 1 58  ? -9.987  -2.337  -10.593 1.00 51.88  ? 80  LYS B C   1 
ATOM   446 O O   . LYS A 1 58  ? -8.759  -2.347  -10.710 1.00 51.21  ? 80  LYS B O   1 
ATOM   447 C CB  . LYS A 1 58  ? -11.347 -3.291  -12.445 1.00 54.57  ? 80  LYS B CB  1 
ATOM   448 C CG  . LYS A 1 58  ? -12.449 -3.105  -13.496 1.00 58.58  ? 80  LYS B CG  1 
ATOM   449 C CD  . LYS A 1 58  ? -12.776 -4.445  -14.181 1.00 62.35  ? 80  LYS B CD  1 
ATOM   450 C CE  . LYS A 1 58  ? -13.801 -4.281  -15.324 1.00 64.98  ? 80  LYS B CE  1 
ATOM   451 N NZ  . LYS A 1 58  ? -13.918 -5.563  -16.148 1.00 65.86  ? 80  LYS B NZ  1 
ATOM   452 N N   . ILE A 1 59  ? -10.607 -2.614  -9.455  1.00 50.47  ? 81  ILE B N   1 
ATOM   453 C CA  . ILE A 1 59  ? -9.862  -2.969  -8.262  1.00 49.24  ? 81  ILE B CA  1 
ATOM   454 C C   . ILE A 1 59  ? -9.838  -4.481  -8.142  1.00 48.89  ? 81  ILE B C   1 
ATOM   455 O O   . ILE A 1 59  ? -10.847 -5.140  -8.372  1.00 49.30  ? 81  ILE B O   1 
ATOM   456 C CB  . ILE A 1 59  ? -10.518 -2.422  -6.979  1.00 48.51  ? 81  ILE B CB  1 
ATOM   457 C CG1 . ILE A 1 59  ? -10.695 -0.907  -7.071  1.00 46.30  ? 81  ILE B CG1 1 
ATOM   458 C CG2 . ILE A 1 59  ? -9.656  -2.791  -5.772  1.00 47.40  ? 81  ILE B CG2 1 
ATOM   459 C CD1 . ILE A 1 59  ? -9.404  -0.161  -7.183  1.00 48.80  ? 81  ILE B CD1 1 
ATOM   460 N N   . TYR A 1 60  ? -8.676  -5.023  -7.799  1.00 49.41  ? 82  TYR B N   1 
ATOM   461 C CA  . TYR A 1 60  ? -8.532  -6.455  -7.610  1.00 50.03  ? 82  TYR B CA  1 
ATOM   462 C C   . TYR A 1 60  ? -7.853  -6.661  -6.276  1.00 52.66  ? 82  TYR B C   1 
ATOM   463 O O   . TYR A 1 60  ? -6.772  -6.130  -6.016  1.00 52.70  ? 82  TYR B O   1 
ATOM   464 C CB  . TYR A 1 60  ? -7.698  -7.100  -8.715  1.00 46.75  ? 82  TYR B CB  1 
ATOM   465 C CG  . TYR A 1 60  ? -8.267  -6.902  -10.094 1.00 44.39  ? 82  TYR B CG  1 
ATOM   466 C CD1 . TYR A 1 60  ? -8.156  -5.674  -10.737 1.00 44.78  ? 82  TYR B CD1 1 
ATOM   467 C CD2 . TYR A 1 60  ? -8.937  -7.933  -10.749 1.00 42.84  ? 82  TYR B CD2 1 
ATOM   468 C CE1 . TYR A 1 60  ? -8.691  -5.470  -12.002 1.00 44.69  ? 82  TYR B CE1 1 
ATOM   469 C CE2 . TYR A 1 60  ? -9.479  -7.740  -12.020 1.00 43.14  ? 82  TYR B CE2 1 
ATOM   470 C CZ  . TYR A 1 60  ? -9.350  -6.504  -12.642 1.00 44.04  ? 82  TYR B CZ  1 
ATOM   471 O OH  . TYR A 1 60  ? -9.852  -6.291  -13.906 1.00 43.97  ? 82  TYR B OH  1 
ATOM   472 N N   . ASP A 1 61  ? -8.514  -7.425  -5.426  1.00 55.75  ? 83  ASP B N   1 
ATOM   473 C CA  . ASP A 1 61  ? -8.018  -7.717  -4.097  1.00 58.32  ? 83  ASP B CA  1 
ATOM   474 C C   . ASP A 1 61  ? -8.036  -9.223  -3.970  1.00 58.69  ? 83  ASP B C   1 
ATOM   475 O O   . ASP A 1 61  ? -8.151  -9.930  -4.969  1.00 58.75  ? 83  ASP B O   1 
ATOM   476 C CB  . ASP A 1 61  ? -8.969  -7.107  -3.094  1.00 60.14  ? 83  ASP B CB  1 
ATOM   477 C CG  . ASP A 1 61  ? -10.387 -7.490  -3.407  1.00 65.71  ? 83  ASP B CG  1 
ATOM   478 O OD1 . ASP A 1 61  ? -8.298  -4.960  -4.049  1.00 67.73  ? 83  ASP B OD1 1 
ATOM   479 O OD2 . ASP A 1 61  ? -9.675  -4.901  -2.292  1.00 66.87  ? 83  ASP B OD2 1 
ATOM   480 N N   . ASP A 1 62  ? -7.910  -9.712  -2.744  1.00 59.25  ? 84  ASP B N   1 
ATOM   481 C CA  . ASP A 1 62  ? -7.956  -11.140 -2.509  1.00 60.26  ? 84  ASP B CA  1 
ATOM   482 C C   . ASP A 1 62  ? -6.722  -11.852 -3.071  1.00 57.70  ? 84  ASP B C   1 
ATOM   483 O O   . ASP A 1 62  ? -6.844  -12.912 -3.675  1.00 56.77  ? 84  ASP B O   1 
ATOM   484 C CB  . ASP A 1 62  ? -9.234  -11.697 -3.142  1.00 65.00  ? 84  ASP B CB  1 
ATOM   485 C CG  . ASP A 1 62  ? -9.730  -12.995 -2.553  1.00 72.99  ? 84  ASP B CG  1 
ATOM   486 O OD1 . ASP A 1 62  ? -10.471 -10.204 -1.740  1.00 73.56  ? 84  ASP B OD1 1 
ATOM   487 O OD2 . ASP A 1 62  ? -11.646 -11.521 -3.111  1.00 74.83  ? 84  ASP B OD2 1 
ATOM   488 N N   . TYR A 1 63  ? -5.538  -11.270 -2.888  1.00 54.64  ? 85  TYR B N   1 
ATOM   489 C CA  . TYR A 1 63  ? -4.316  -11.906 -3.371  1.00 52.83  ? 85  TYR B CA  1 
ATOM   490 C C   . TYR A 1 63  ? -3.551  -12.508 -2.215  1.00 53.08  ? 85  TYR B C   1 
ATOM   491 O O   . TYR A 1 63  ? -3.060  -13.632 -2.283  1.00 51.64  ? 85  TYR B O   1 
ATOM   492 C CB  . TYR A 1 63  ? -3.399  -10.914 -4.079  1.00 49.05  ? 85  TYR B CB  1 
ATOM   493 C CG  . TYR A 1 63  ? -3.813  -10.558 -5.475  1.00 47.48  ? 85  TYR B CG  1 
ATOM   494 C CD1 . TYR A 1 63  ? -4.624  -9.461  -5.730  1.00 47.00  ? 85  TYR B CD1 1 
ATOM   495 C CD2 . TYR A 1 63  ? -3.375  -11.317 -6.552  1.00 46.54  ? 85  TYR B CD2 1 
ATOM   496 C CE1 . TYR A 1 63  ? -4.982  -9.126  -7.032  1.00 48.08  ? 85  TYR B CE1 1 
ATOM   497 C CE2 . TYR A 1 63  ? -3.727  -10.993 -7.851  1.00 46.84  ? 85  TYR B CE2 1 
ATOM   498 C CZ  . TYR A 1 63  ? -4.527  -9.895  -8.087  1.00 47.52  ? 85  TYR B CZ  1 
ATOM   499 O OH  . TYR A 1 63  ? -4.860  -9.560  -9.379  1.00 49.11  ? 85  TYR B OH  1 
ATOM   500 N N   . TYR A 1 64  ? -3.460  -11.725 -1.150  1.00 55.90  ? 86  TYR B N   1 
ATOM   501 C CA  . TYR A 1 64  ? -2.758  -12.109 0.067   1.00 58.27  ? 86  TYR B CA  1 
ATOM   502 C C   . TYR A 1 64  ? -3.845  -12.561 1.052   1.00 59.17  ? 86  TYR B C   1 
ATOM   503 O O   . TYR A 1 64  ? -4.526  -11.739 1.666   1.00 59.04  ? 86  TYR B O   1 
ATOM   504 C CB  . TYR A 1 64  ? -2.002  -10.885 0.591   1.00 58.22  ? 86  TYR B CB  1 
ATOM   505 C CG  . TYR A 1 64  ? -0.972  -11.159 1.653   1.00 58.82  ? 86  TYR B CG  1 
ATOM   506 C CD1 . TYR A 1 64  ? 0.129   -11.980 1.395   1.00 59.33  ? 86  TYR B CD1 1 
ATOM   507 C CD2 . TYR A 1 64  ? -1.079  -10.574 2.910   1.00 58.75  ? 86  TYR B CD2 1 
ATOM   508 C CE1 . TYR A 1 64  ? 1.097   -12.210 2.371   1.00 59.29  ? 86  TYR B CE1 1 
ATOM   509 C CE2 . TYR A 1 64  ? -0.122  -10.796 3.888   1.00 59.49  ? 86  TYR B CE2 1 
ATOM   510 C CZ  . TYR A 1 64  ? 0.961   -11.613 3.614   1.00 59.51  ? 86  TYR B CZ  1 
ATOM   511 O OH  . TYR A 1 64  ? 1.892   -11.842 4.598   1.00 61.46  ? 86  TYR B OH  1 
ATOM   512 N N   . PRO A 1 65  ? -4.013  -13.881 1.217   1.00 60.62  ? 87  PRO B N   1 
ATOM   513 C CA  . PRO A 1 65  ? -5.018  -14.458 2.115   1.00 60.76  ? 87  PRO B CA  1 
ATOM   514 C C   . PRO A 1 65  ? -5.068  -13.880 3.528   1.00 60.81  ? 87  PRO B C   1 
ATOM   515 O O   . PRO A 1 65  ? -6.127  -13.433 3.980   1.00 60.37  ? 87  PRO B O   1 
ATOM   516 C CB  . PRO A 1 65  ? -4.668  -15.949 2.091   1.00 61.21  ? 87  PRO B CB  1 
ATOM   517 C CG  . PRO A 1 65  ? -3.172  -15.943 1.741   1.00 62.46  ? 87  PRO B CG  1 
ATOM   518 C CD  . PRO A 1 65  ? -3.220  -14.958 0.605   1.00 61.01  ? 87  PRO B CD  1 
ATOM   519 N N   . ASP A 1 66  ? -3.931  -13.878 4.220   1.00 59.66  ? 88  ASP B N   1 
ATOM   520 C CA  . ASP A 1 66  ? -3.875  -13.366 5.587   1.00 58.96  ? 88  ASP B CA  1 
ATOM   521 C C   . ASP A 1 66  ? -4.324  -11.923 5.755   1.00 57.67  ? 88  ASP B C   1 
ATOM   522 O O   . ASP A 1 66  ? -4.539  -11.463 6.874   1.00 57.07  ? 88  ASP B O   1 
ATOM   523 C CB  . ASP A 1 66  ? -2.461  -13.486 6.155   1.00 60.86  ? 88  ASP B CB  1 
ATOM   524 C CG  . ASP A 1 66  ? -1.975  -14.910 6.204   1.00 64.82  ? 88  ASP B CG  1 
ATOM   525 O OD1 . ASP A 1 66  ? -2.752  -15.789 6.635   1.00 66.38  ? 88  ASP B OD1 1 
ATOM   526 O OD2 . ASP A 1 66  ? -0.809  -15.151 5.830   1.00 67.76  ? 88  ASP B OD2 1 
ATOM   527 N N   . LEU A 1 67  ? -4.485  -11.209 4.653   1.00 56.64  ? 89  LEU B N   1 
ATOM   528 C CA  . LEU A 1 67  ? -4.864  -9.814  4.740   1.00 55.14  ? 89  LEU B CA  1 
ATOM   529 C C   . LEU A 1 67  ? -6.256  -9.587  4.163   1.00 56.23  ? 89  LEU B C   1 
ATOM   530 O O   . LEU A 1 67  ? -6.699  -8.454  4.002   1.00 55.96  ? 89  LEU B O   1 
ATOM   531 C CB  . LEU A 1 67  ? -3.812  -8.999  3.992   1.00 52.86  ? 89  LEU B CB  1 
ATOM   532 C CG  . LEU A 1 67  ? -3.502  -7.553  4.364   1.00 51.93  ? 89  LEU B CG  1 
ATOM   533 C CD1 . LEU A 1 67  ? -3.258  -7.419  5.857   1.00 49.81  ? 89  LEU B CD1 1 
ATOM   534 C CD2 . LEU A 1 67  ? -2.269  -7.121  3.581   1.00 49.70  ? 89  LEU B CD2 1 
ATOM   535 N N   . LYS A 1 68  ? -6.948  -10.685 3.879   1.00 57.68  ? 90  LYS B N   1 
ATOM   536 C CA  . LYS A 1 68  ? -8.284  -10.643 3.302   1.00 58.75  ? 90  LYS B CA  1 
ATOM   537 C C   . LYS A 1 68  ? -9.297  -9.744  4.005   1.00 57.97  ? 90  LYS B C   1 
ATOM   538 O O   . LYS A 1 68  ? -9.468  -9.808  5.222   1.00 57.68  ? 90  LYS B O   1 
ATOM   539 C CB  . LYS A 1 68  ? -8.849  -12.060 3.207   1.00 61.31  ? 90  LYS B CB  1 
ATOM   540 C CG  . LYS A 1 68  ? -10.277 -12.108 2.696   1.00 65.44  ? 90  LYS B CG  1 
ATOM   541 C CD  . LYS A 1 68  ? -10.727 -13.533 2.451   1.00 69.38  ? 90  LYS B CD  1 
ATOM   542 C CE  . LYS A 1 68  ? -12.143 -13.563 1.902   1.00 71.37  ? 90  LYS B CE  1 
ATOM   543 N NZ  . LYS A 1 68  ? -12.545 -14.948 1.535   1.00 74.47  ? 90  LYS B NZ  1 
ATOM   544 N N   . GLY A 1 69  ? -9.967  -8.908  3.217   1.00 56.87  ? 91  GLY B N   1 
ATOM   545 C CA  . GLY A 1 69  ? -10.979 -8.013  3.745   1.00 55.66  ? 91  GLY B CA  1 
ATOM   546 C C   . GLY A 1 69  ? -10.515 -6.880  4.641   1.00 54.90  ? 91  GLY B C   1 
ATOM   547 O O   . GLY A 1 69  ? -11.334 -6.095  5.114   1.00 55.35  ? 91  GLY B O   1 
ATOM   548 N N   . ARG A 1 70  ? -9.213  -6.778  4.875   1.00 54.02  ? 92  ARG B N   1 
ATOM   549 C CA  . ARG A 1 70  ? -8.694  -5.719  5.735   1.00 52.88  ? 92  ARG B CA  1 
ATOM   550 C C   . ARG A 1 70  ? -7.908  -4.654  4.959   1.00 53.31  ? 92  ARG B C   1 
ATOM   551 O O   . ARG A 1 70  ? -7.261  -3.788  5.556   1.00 54.45  ? 92  ARG B O   1 
ATOM   552 C CB  . ARG A 1 70  ? -7.814  -6.331  6.833   1.00 51.62  ? 92  ARG B CB  1 
ATOM   553 C CG  . ARG A 1 70  ? -8.536  -7.377  7.667   1.00 49.48  ? 92  ARG B CG  1 
ATOM   554 C CD  . ARG A 1 70  ? -7.705  -7.894  8.844   1.00 48.42  ? 92  ARG B CD  1 
ATOM   555 N NE  . ARG A 1 70  ? -6.486  -8.589  8.435   1.00 45.42  ? 92  ARG B NE  1 
ATOM   556 C CZ  . ARG A 1 70  ? -5.255  -8.226  8.788   1.00 43.61  ? 92  ARG B CZ  1 
ATOM   557 N NH1 . ARG A 1 70  ? -5.057  -7.168  9.558   1.00 44.60  ? 92  ARG B NH1 1 
ATOM   558 N NH2 . ARG A 1 70  ? -4.212  -8.933  8.390   1.00 42.20  ? 92  ARG B NH2 1 
ATOM   559 N N   . VAL A 1 71  ? -7.966  -4.710  3.630   1.00 51.61  ? 93  VAL B N   1 
ATOM   560 C CA  . VAL A 1 71  ? -7.253  -3.747  2.797   1.00 49.74  ? 93  VAL B CA  1 
ATOM   561 C C   . VAL A 1 71  ? -8.180  -3.098  1.789   1.00 50.46  ? 93  VAL B C   1 
ATOM   562 O O   . VAL A 1 71  ? -8.931  -3.787  1.105   1.00 49.88  ? 93  VAL B O   1 
ATOM   563 C CB  . VAL A 1 71  ? -6.115  -4.421  2.021   1.00 48.01  ? 93  VAL B CB  1 
ATOM   564 C CG1 . VAL A 1 71  ? -5.379  -3.398  1.173   1.00 47.15  ? 93  VAL B CG1 1 
ATOM   565 C CG2 . VAL A 1 71  ? -5.171  -5.087  2.979   1.00 47.49  ? 93  VAL B CG2 1 
ATOM   566 N N   . HIS A 1 72  ? -8.138  -1.772  1.704   1.00 52.10  ? 94  HIS B N   1 
ATOM   567 C CA  . HIS A 1 72  ? -8.976  -1.048  0.752   1.00 54.66  ? 94  HIS B CA  1 
ATOM   568 C C   . HIS A 1 72  ? -8.317  0.282   0.426   1.00 54.25  ? 94  HIS B C   1 
ATOM   569 O O   . HIS A 1 72  ? -7.648  0.865   1.282   1.00 54.20  ? 94  HIS B O   1 
ATOM   570 C CB  . HIS A 1 72  ? -10.365 -0.746  1.329   1.00 58.61  ? 94  HIS B CB  1 
ATOM   571 C CG  . HIS A 1 72  ? -10.941 -1.844  2.166   1.00 63.91  ? 94  HIS B CG  1 
ATOM   572 N ND1 . HIS A 1 72  ? -10.590 -2.038  3.484   1.00 65.81  ? 94  HIS B ND1 1 
ATOM   573 C CD2 . HIS A 1 72  ? -11.829 -2.823  1.865   1.00 65.47  ? 94  HIS B CD2 1 
ATOM   574 C CE1 . HIS A 1 72  ? -11.234 -3.086  3.962   1.00 66.68  ? 94  HIS B CE1 1 
ATOM   575 N NE2 . HIS A 1 72  ? -11.993 -3.583  2.999   1.00 66.96  ? 94  HIS B NE2 1 
ATOM   576 N N   . PHE A 1 73  ? -8.486  0.762   -0.804  1.00 53.13  ? 95  PHE B N   1 
ATOM   577 C CA  . PHE A 1 73  ? -7.928  2.063   -1.139  1.00 52.29  ? 95  PHE B CA  1 
ATOM   578 C C   . PHE A 1 73  ? -8.742  3.061   -0.334  1.00 53.13  ? 95  PHE B C   1 
ATOM   579 O O   . PHE A 1 73  ? -9.943  2.888   -0.149  1.00 53.53  ? 95  PHE B O   1 
ATOM   580 C CB  . PHE A 1 73  ? -8.064  2.389   -2.624  1.00 49.40  ? 95  PHE B CB  1 
ATOM   581 C CG  . PHE A 1 73  ? -7.187  1.568   -3.508  1.00 47.38  ? 95  PHE B CG  1 
ATOM   582 C CD1 . PHE A 1 73  ? -7.629  0.360   -4.025  1.00 46.94  ? 95  PHE B CD1 1 
ATOM   583 C CD2 . PHE A 1 73  ? -5.907  2.008   -3.829  1.00 46.10  ? 95  PHE B CD2 1 
ATOM   584 C CE1 . PHE A 1 73  ? -6.808  -0.399  -4.855  1.00 46.05  ? 95  PHE B CE1 1 
ATOM   585 C CE2 . PHE A 1 73  ? -5.082  1.259   -4.653  1.00 45.59  ? 95  PHE B CE2 1 
ATOM   586 C CZ  . PHE A 1 73  ? -5.534  0.052   -5.169  1.00 45.11  ? 95  PHE B CZ  1 
ATOM   587 N N   . THR A 1 74  ? -8.090  4.104   0.153   1.00 53.70  ? 96  THR B N   1 
ATOM   588 C CA  . THR A 1 74  ? -8.776  5.098   0.952   1.00 53.28  ? 96  THR B CA  1 
ATOM   589 C C   . THR A 1 74  ? -9.553  6.094   0.094   1.00 54.01  ? 96  THR B C   1 
ATOM   590 O O   . THR A 1 74  ? -10.656 6.493   0.450   1.00 54.08  ? 96  THR B O   1 
ATOM   591 C CB  . THR A 1 74  ? -7.776  5.850   1.838   1.00 52.49  ? 96  THR B CB  1 
ATOM   592 O OG1 . THR A 1 74  ? -6.846  6.563   1.016   1.00 53.78  ? 96  THR B OG1 1 
ATOM   593 C CG2 . THR A 1 74  ? -7.004  4.867   2.689   1.00 50.87  ? 96  THR B CG2 1 
ATOM   594 N N   . SER A 1 75  ? -8.982  6.484   -1.040  1.00 55.73  ? 97  SER B N   1 
ATOM   595 C CA  . SER A 1 75  ? -9.632  7.444   -1.928  1.00 57.56  ? 97  SER B CA  1 
ATOM   596 C C   . SER A 1 75  ? -10.712 6.805   -2.780  1.00 59.74  ? 97  SER B C   1 
ATOM   597 O O   . SER A 1 75  ? -10.650 5.618   -3.091  1.00 60.10  ? 97  SER B O   1 
ATOM   598 C CB  . SER A 1 75  ? -8.599  8.107   -2.841  1.00 56.69  ? 97  SER B CB  1 
ATOM   599 O OG  . SER A 1 75  ? -9.210  9.039   -3.713  1.00 54.58  ? 97  SER B OG  1 
ATOM   600 N N   . ASN A 1 76  ? -11.704 7.605   -3.157  1.00 62.63  ? 98  ASN B N   1 
ATOM   601 C CA  . ASN A 1 76  ? -12.801 7.125   -3.993  1.00 66.37  ? 98  ASN B CA  1 
ATOM   602 C C   . ASN A 1 76  ? -12.545 7.565   -5.431  1.00 66.99  ? 98  ASN B C   1 
ATOM   603 O O   . ASN A 1 76  ? -13.410 7.446   -6.299  1.00 67.15  ? 98  ASN B O   1 
ATOM   604 C CB  . ASN A 1 76  ? -14.134 7.696   -3.499  1.00 68.81  ? 98  ASN B CB  1 
ATOM   605 C CG  . ASN A 1 76  ? -14.196 9.213   -3.608  1.00 72.20  ? 98  ASN B CG  1 
ATOM   606 O OD1 . ASN A 1 76  ? -13.319 9.923   -3.101  1.00 73.47  ? 98  ASN B OD1 1 
ATOM   607 N ND2 . ASN A 1 76  ? -15.238 9.716   -4.262  1.00 73.30  ? 98  ASN B ND2 1 
ATOM   608 N N   . ASP A 1 77  ? -11.342 8.077   -5.668  1.00 67.31  ? 99  ASP B N   1 
ATOM   609 C CA  . ASP A 1 77  ? -10.943 8.537   -6.990  1.00 68.03  ? 99  ASP B CA  1 
ATOM   610 C C   . ASP A 1 77  ? -9.426  8.386   -7.095  1.00 66.24  ? 99  ASP B C   1 
ATOM   611 O O   . ASP A 1 77  ? -8.688  9.351   -6.904  1.00 65.68  ? 99  ASP B O   1 
ATOM   612 C CB  . ASP A 1 77  ? -11.351 10.004  -7.172  1.00 70.79  ? 99  ASP B CB  1 
ATOM   613 C CG  . ASP A 1 77  ? -11.148 10.500  -8.596  1.00 74.26  ? 99  ASP B CG  1 
ATOM   614 O OD1 . ASP A 1 77  ? -9.995  10.518  -9.077  1.00 77.26  ? 99  ASP B OD1 1 
ATOM   615 O OD2 . ASP A 1 77  ? -12.149 10.872  -9.240  1.00 75.94  ? 99  ASP B OD2 1 
ATOM   616 N N   . LEU A 1 78  ? -8.963  7.174   -7.390  1.00 63.93  ? 100 LEU B N   1 
ATOM   617 C CA  . LEU A 1 78  ? -7.530  6.914   -7.494  1.00 60.99  ? 100 LEU B CA  1 
ATOM   618 C C   . LEU A 1 78  ? -6.867  7.743   -8.578  1.00 60.22  ? 100 LEU B C   1 
ATOM   619 O O   . LEU A 1 78  ? -5.817  8.348   -8.351  1.00 59.95  ? 100 LEU B O   1 
ATOM   620 C CB  . LEU A 1 78  ? -7.264  5.435   -7.774  1.00 60.22  ? 100 LEU B CB  1 
ATOM   621 C CG  . LEU A 1 78  ? -7.855  4.425   -6.797  1.00 59.88  ? 100 LEU B CG  1 
ATOM   622 C CD1 . LEU A 1 78  ? -7.207  3.075   -7.040  1.00 59.03  ? 100 LEU B CD1 1 
ATOM   623 C CD2 . LEU A 1 78  ? -7.601  4.863   -5.372  1.00 60.41  ? 100 LEU B CD2 1 
ATOM   624 N N   . LYS A 1 79  ? -7.481  7.766   -9.757  1.00 59.05  ? 101 LYS B N   1 
ATOM   625 C CA  . LYS A 1 79  ? -6.945  8.513   -10.885 1.00 58.30  ? 101 LYS B CA  1 
ATOM   626 C C   . LYS A 1 79  ? -6.579  9.944   -10.539 1.00 58.82  ? 101 LYS B C   1 
ATOM   627 O O   . LYS A 1 79  ? -5.693  10.526  -11.166 1.00 59.17  ? 101 LYS B O   1 
ATOM   628 C CB  . LYS A 1 79  ? -7.949  8.528   -12.030 1.00 58.99  ? 101 LYS B CB  1 
ATOM   629 C CG  . LYS A 1 79  ? -8.263  7.157   -12.618 1.00 60.34  ? 101 LYS B CG  1 
ATOM   630 C CD  . LYS A 1 79  ? -9.396  7.255   -13.638 1.00 62.51  ? 101 LYS B CD  1 
ATOM   631 C CE  . LYS A 1 79  ? -9.743  5.871   -14.226 1.00 65.70  ? 101 LYS B CE  1 
ATOM   632 N NZ  . LYS A 1 79  ? -10.978 5.920   -15.127 1.00 67.22  ? 101 LYS B NZ  1 
ATOM   633 N N   . SER A 1 80  ? -7.259  10.517  -9.550  1.00 58.60  ? 102 SER B N   1 
ATOM   634 C CA  . SER A 1 80  ? -6.985  11.891  -9.140  1.00 58.63  ? 102 SER B CA  1 
ATOM   635 C C   . SER A 1 80  ? -5.574  12.030  -8.573  1.00 58.17  ? 102 SER B C   1 
ATOM   636 O O   . SER A 1 80  ? -5.044  13.133  -8.480  1.00 59.72  ? 102 SER B O   1 
ATOM   637 C CB  . SER A 1 80  ? -8.009  12.367  -8.102  1.00 59.89  ? 102 SER B CB  1 
ATOM   638 O OG  . SER A 1 80  ? -7.926  11.616  -6.902  1.00 62.18  ? 102 SER B OG  1 
ATOM   639 N N   . GLY A 1 81  ? -4.971  10.911  -8.185  1.00 57.10  ? 103 GLY B N   1 
ATOM   640 C CA  . GLY A 1 81  ? -3.622  10.966  -7.655  1.00 55.51  ? 103 GLY B CA  1 
ATOM   641 C C   . GLY A 1 81  ? -3.454  10.470  -6.233  1.00 54.68  ? 103 GLY B C   1 
ATOM   642 O O   . GLY A 1 81  ? -2.555  10.921  -5.522  1.00 53.87  ? 103 GLY B O   1 
ATOM   643 N N   . ASP A 1 82  ? -4.305  9.540   -5.809  1.00 53.20  ? 104 ASP B N   1 
ATOM   644 C CA  . ASP A 1 82  ? -4.204  9.007   -4.457  1.00 52.49  ? 104 ASP B CA  1 
ATOM   645 C C   . ASP A 1 82  ? -4.402  7.499   -4.399  1.00 50.79  ? 104 ASP B C   1 
ATOM   646 O O   . ASP A 1 82  ? -5.525  7.001   -4.490  1.00 49.75  ? 104 ASP B O   1 
ATOM   647 C CB  . ASP A 1 82  ? -5.202  9.715   -3.541  1.00 54.29  ? 104 ASP B CB  1 
ATOM   648 C CG  . ASP A 1 82  ? -5.139  9.215   -2.121  1.00 55.58  ? 104 ASP B CG  1 
ATOM   649 O OD1 . ASP A 1 82  ? -4.023  8.933   -1.643  1.00 56.53  ? 104 ASP B OD1 1 
ATOM   650 O OD2 . ASP A 1 82  ? -6.199  9.124   -1.475  1.00 57.62  ? 104 ASP B OD2 1 
ATOM   651 N N   . ALA A 1 83  ? -3.295  6.781   -4.237  1.00 48.82  ? 105 ALA B N   1 
ATOM   652 C CA  . ALA A 1 83  ? -3.313  5.322   -4.185  1.00 48.23  ? 105 ALA B CA  1 
ATOM   653 C C   . ALA A 1 83  ? -3.285  4.773   -2.761  1.00 46.99  ? 105 ALA B C   1 
ATOM   654 O O   . ALA A 1 83  ? -3.160  3.567   -2.561  1.00 46.39  ? 105 ALA B O   1 
ATOM   655 C CB  . ALA A 1 83  ? -2.127  4.765   -4.980  1.00 46.91  ? 105 ALA B CB  1 
ATOM   656 N N   . SER A 1 84  ? -3.410  5.661   -1.781  1.00 46.46  ? 106 SER B N   1 
ATOM   657 C CA  . SER A 1 84  ? -3.385  5.274   -0.373  1.00 45.21  ? 106 SER B CA  1 
ATOM   658 C C   . SER A 1 84  ? -4.326  4.117   -0.050  1.00 45.88  ? 106 SER B C   1 
ATOM   659 O O   . SER A 1 84  ? -5.349  3.931   -0.711  1.00 45.87  ? 106 SER B O   1 
ATOM   660 C CB  . SER A 1 84  ? -3.757  6.473   0.498   1.00 43.76  ? 106 SER B CB  1 
ATOM   661 O OG  . SER A 1 84  ? -2.873  7.553   0.269   1.00 41.47  ? 106 SER B OG  1 
ATOM   662 N N   . ILE A 1 85  ? -3.974  3.340   0.969   1.00 45.58  ? 107 ILE B N   1 
ATOM   663 C CA  . ILE A 1 85  ? -4.807  2.218   1.388   1.00 46.26  ? 107 ILE B CA  1 
ATOM   664 C C   . ILE A 1 85  ? -4.842  2.144   2.906   1.00 47.79  ? 107 ILE B C   1 
ATOM   665 O O   . ILE A 1 85  ? -4.018  2.752   3.584   1.00 47.58  ? 107 ILE B O   1 
ATOM   666 C CB  . ILE A 1 85  ? -4.270  0.858   0.868   1.00 44.86  ? 107 ILE B CB  1 
ATOM   667 C CG1 . ILE A 1 85  ? -2.853  0.621   1.404   1.00 44.30  ? 107 ILE B CG1 1 
ATOM   668 C CG2 . ILE A 1 85  ? -4.302  0.822   -0.651  1.00 43.06  ? 107 ILE B CG2 1 
ATOM   669 C CD1 . ILE A 1 85  ? -2.280  -0.729  1.053   1.00 40.25  ? 107 ILE B CD1 1 
ATOM   670 N N   . ASN A 1 86  ? -5.816  1.407   3.433   1.00 50.18  ? 108 ASN B N   1 
ATOM   671 C CA  . ASN A 1 86  ? -5.940  1.209   4.872   1.00 51.49  ? 108 ASN B CA  1 
ATOM   672 C C   . ASN A 1 86  ? -5.855  -0.273  5.167   1.00 51.17  ? 108 ASN B C   1 
ATOM   673 O O   . ASN A 1 86  ? -6.391  -1.098  4.421   1.00 51.36  ? 108 ASN B O   1 
ATOM   674 C CB  . ASN A 1 86  ? -7.286  1.696   5.417   1.00 55.12  ? 108 ASN B CB  1 
ATOM   675 C CG  . ASN A 1 86  ? -7.387  3.203   5.500   1.00 59.73  ? 108 ASN B CG  1 
ATOM   676 O OD1 . ASN A 1 86  ? -6.547  3.870   6.112   1.00 62.14  ? 108 ASN B OD1 1 
ATOM   677 N ND2 . ASN A 1 86  ? -8.437  3.750   4.903   1.00 63.37  ? 108 ASN B ND2 1 
ATOM   678 N N   . VAL A 1 87  ? -5.163  -0.608  6.246   1.00 50.42  ? 109 VAL B N   1 
ATOM   679 C CA  . VAL A 1 87  ? -5.068  -1.989  6.682   1.00 50.07  ? 109 VAL B CA  1 
ATOM   680 C C   . VAL A 1 87  ? -5.772  -1.938  8.028   1.00 51.22  ? 109 VAL B C   1 
ATOM   681 O O   . VAL A 1 87  ? -5.268  -1.360  8.992   1.00 51.88  ? 109 VAL B O   1 
ATOM   682 C CB  . VAL A 1 87  ? -3.614  -2.450  6.852   1.00 48.86  ? 109 VAL B CB  1 
ATOM   683 C CG1 . VAL A 1 87  ? -3.590  -3.880  7.352   1.00 48.96  ? 109 VAL B CG1 1 
ATOM   684 C CG2 . VAL A 1 87  ? -2.884  -2.357  5.522   1.00 47.11  ? 109 VAL B CG2 1 
ATOM   685 N N   . THR A 1 88  ? -6.962  -2.522  8.076   1.00 52.15  ? 110 THR B N   1 
ATOM   686 C CA  . THR A 1 88  ? -7.771  -2.513  9.283   1.00 52.84  ? 110 THR B CA  1 
ATOM   687 C C   . THR A 1 88  ? -7.479  -3.658  10.251  1.00 53.39  ? 110 THR B C   1 
ATOM   688 O O   . THR A 1 88  ? -7.026  -4.734  9.853   1.00 52.23  ? 110 THR B O   1 
ATOM   689 C CB  . THR A 1 88  ? -9.265  -2.522  8.909   1.00 53.20  ? 110 THR B CB  1 
ATOM   690 O OG1 . THR A 1 88  ? -9.565  -3.689  8.128   1.00 54.06  ? 110 THR B OG1 1 
ATOM   691 C CG2 . THR A 1 88  ? -9.600  -1.279  8.092   1.00 52.73  ? 110 THR B CG2 1 
ATOM   692 N N   . ASN A 1 89  ? -7.742  -3.400  11.529  1.00 54.90  ? 111 ASN B N   1 
ATOM   693 C CA  . ASN A 1 89  ? -7.532  -4.377  12.593  1.00 55.56  ? 111 ASN B CA  1 
ATOM   694 C C   . ASN A 1 89  ? -6.159  -5.045  12.486  1.00 54.05  ? 111 ASN B C   1 
ATOM   695 O O   . ASN A 1 89  ? -6.048  -6.267  12.355  1.00 53.25  ? 111 ASN B O   1 
ATOM   696 C CB  . ASN A 1 89  ? -8.634  -5.436  12.549  1.00 58.67  ? 111 ASN B CB  1 
ATOM   697 C CG  . ASN A 1 89  ? -8.651  -6.306  13.788  1.00 63.38  ? 111 ASN B CG  1 
ATOM   698 O OD1 . ASN A 1 89  ? -9.401  -7.277  13.866  1.00 67.60  ? 111 ASN B OD1 1 
ATOM   699 N ND2 . ASN A 1 89  ? -7.830  -5.956  14.775  1.00 64.84  ? 111 ASN B ND2 1 
ATOM   700 N N   . LEU A 1 90  ? -5.115  -4.227  12.550  1.00 53.17  ? 112 LEU B N   1 
ATOM   701 C CA  . LEU A 1 90  ? -3.742  -4.706  12.457  1.00 52.55  ? 112 LEU B CA  1 
ATOM   702 C C   . LEU A 1 90  ? -3.428  -5.851  13.412  1.00 53.09  ? 112 LEU B C   1 
ATOM   703 O O   . LEU A 1 90  ? -3.904  -5.882  14.546  1.00 54.13  ? 112 LEU B O   1 
ATOM   704 C CB  . LEU A 1 90  ? -2.774  -3.558  12.730  1.00 50.40  ? 112 LEU B CB  1 
ATOM   705 C CG  . LEU A 1 90  ? -2.803  -2.403  11.733  1.00 48.81  ? 112 LEU B CG  1 
ATOM   706 C CD1 . LEU A 1 90  ? -2.011  -1.240  12.281  1.00 46.24  ? 112 LEU B CD1 1 
ATOM   707 C CD2 . LEU A 1 90  ? -2.254  -2.870  10.397  1.00 47.88  ? 112 LEU B CD2 1 
ATOM   708 N N   . GLN A 1 91  ? -2.613  -6.783  12.936  1.00 53.11  ? 113 GLN B N   1 
ATOM   709 C CA  . GLN A 1 91  ? -2.194  -7.932  13.725  1.00 53.47  ? 113 GLN B CA  1 
ATOM   710 C C   . GLN A 1 91  ? -0.671  -7.939  13.666  1.00 51.83  ? 113 GLN B C   1 
ATOM   711 O O   . GLN A 1 91  ? -0.080  -7.281  12.806  1.00 50.78  ? 113 GLN B O   1 
ATOM   712 C CB  . GLN A 1 91  ? -2.740  -9.216  13.111  1.00 55.74  ? 113 GLN B CB  1 
ATOM   713 C CG  . GLN A 1 91  ? -4.183  -9.092  12.676  1.00 60.93  ? 113 GLN B CG  1 
ATOM   714 C CD  . GLN A 1 91  ? -4.720  -10.367 12.055  1.00 64.60  ? 113 GLN B CD  1 
ATOM   715 O OE1 . GLN A 1 91  ? -4.070  -10.987 11.207  1.00 66.24  ? 113 GLN B OE1 1 
ATOM   716 N NE2 . GLN A 1 91  ? -5.929  -10.753 12.457  1.00 66.02  ? 113 GLN B NE2 1 
ATOM   717 N N   . LEU A 1 92  ? -0.029  -8.668  14.569  1.00 50.34  ? 114 LEU B N   1 
ATOM   718 C CA  . LEU A 1 92  ? 1.423   -8.700  14.558  1.00 50.00  ? 114 LEU B CA  1 
ATOM   719 C C   . LEU A 1 92  ? 1.943   -9.289  13.243  1.00 48.95  ? 114 LEU B C   1 
ATOM   720 O O   . LEU A 1 92  ? 3.056   -8.981  12.803  1.00 48.57  ? 114 LEU B O   1 
ATOM   721 C CB  . LEU A 1 92  ? 1.946   -9.502  15.752  1.00 48.81  ? 114 LEU B CB  1 
ATOM   722 C CG  . LEU A 1 92  ? 1.533   -8.968  17.130  1.00 50.22  ? 114 LEU B CG  1 
ATOM   723 C CD1 . LEU A 1 92  ? 2.212   -9.799  18.201  1.00 49.50  ? 114 LEU B CD1 1 
ATOM   724 C CD2 . LEU A 1 92  ? 1.927   -7.503  17.290  1.00 47.51  ? 114 LEU B CD2 1 
ATOM   725 N N   . SER A 1 93  ? 1.120   -10.116 12.605  1.00 47.36  ? 115 SER B N   1 
ATOM   726 C CA  . SER A 1 93  ? 1.499   -10.748 11.347  1.00 45.83  ? 115 SER B CA  1 
ATOM   727 C C   . SER A 1 93  ? 1.590   -9.743  10.199  1.00 43.89  ? 115 SER B C   1 
ATOM   728 O O   . SER A 1 93  ? 2.213   -10.024 9.179   1.00 42.45  ? 115 SER B O   1 
ATOM   729 C CB  . SER A 1 93  ? 0.490   -11.836 10.973  1.00 47.40  ? 115 SER B CB  1 
ATOM   730 O OG  . SER A 1 93  ? -0.776  -11.275 10.659  1.00 52.85  ? 115 SER B OG  1 
ATOM   731 N N   . ASP A 1 94  ? 0.967   -8.579  10.364  1.00 41.16  ? 116 ASP B N   1 
ATOM   732 C CA  . ASP A 1 94  ? 0.984   -7.563  9.322   1.00 40.14  ? 116 ASP B CA  1 
ATOM   733 C C   . ASP A 1 94  ? 2.307   -6.816  9.211   1.00 39.69  ? 116 ASP B C   1 
ATOM   734 O O   . ASP A 1 94  ? 2.515   -6.050  8.272   1.00 39.35  ? 116 ASP B O   1 
ATOM   735 C CB  . ASP A 1 94  ? -0.147  -6.556  9.536   1.00 40.85  ? 116 ASP B CB  1 
ATOM   736 C CG  . ASP A 1 94  ? -1.513  -7.200  9.487   1.00 43.38  ? 116 ASP B CG  1 
ATOM   737 O OD1 . ASP A 1 94  ? -1.744  -8.023  8.578   1.00 46.68  ? 116 ASP B OD1 1 
ATOM   738 O OD2 . ASP A 1 94  ? -2.365  -6.874  10.339  1.00 44.84  ? 116 ASP B OD2 1 
ATOM   739 N N   . ILE A 1 95  ? 3.208   -7.038  10.160  1.00 38.74  ? 117 ILE B N   1 
ATOM   740 C CA  . ILE A 1 95  ? 4.492   -6.355  10.125  1.00 38.10  ? 117 ILE B CA  1 
ATOM   741 C C   . ILE A 1 95  ? 5.300   -6.705  8.878   1.00 38.24  ? 117 ILE B C   1 
ATOM   742 O O   . ILE A 1 95  ? 5.377   -7.866  8.479   1.00 38.50  ? 117 ILE B O   1 
ATOM   743 C CB  . ILE A 1 95  ? 5.320   -6.684  11.366  1.00 36.47  ? 117 ILE B CB  1 
ATOM   744 C CG1 . ILE A 1 95  ? 4.578   -6.195  12.612  1.00 37.40  ? 117 ILE B CG1 1 
ATOM   745 C CG2 . ILE A 1 95  ? 6.687   -6.036  11.263  1.00 31.78  ? 117 ILE B CG2 1 
ATOM   746 C CD1 . ILE A 1 95  ? 5.274   -6.524  13.912  1.00 36.33  ? 117 ILE B CD1 1 
ATOM   747 N N   . GLY A 1 96  ? 5.898   -5.693  8.264   1.00 36.33  ? 118 GLY B N   1 
ATOM   748 C CA  . GLY A 1 96  ? 6.692   -5.932  7.077   1.00 36.07  ? 118 GLY B CA  1 
ATOM   749 C C   . GLY A 1 96  ? 6.792   -4.689  6.221   1.00 37.05  ? 118 GLY B C   1 
ATOM   750 O O   . GLY A 1 96  ? 6.299   -3.626  6.597   1.00 37.84  ? 118 GLY B O   1 
ATOM   751 N N   . THR A 1 97  ? 7.436   -4.799  5.068   1.00 35.97  ? 119 THR B N   1 
ATOM   752 C CA  . THR A 1 97  ? 7.543   -3.638  4.214   1.00 37.10  ? 119 THR B CA  1 
ATOM   753 C C   . THR A 1 97  ? 6.466   -3.678  3.140   1.00 38.31  ? 119 THR B C   1 
ATOM   754 O O   . THR A 1 97  ? 6.353   -4.648  2.387   1.00 38.29  ? 119 THR B O   1 
ATOM   755 C CB  . THR A 1 97  ? 8.937   -3.544  3.569   1.00 36.58  ? 119 THR B CB  1 
ATOM   756 O OG1 . THR A 1 97  ? 9.912   -3.343  4.596   1.00 37.90  ? 119 THR B OG1 1 
ATOM   757 C CG2 . THR A 1 97  ? 9.002   -2.385  2.578   1.00 36.47  ? 119 THR B CG2 1 
ATOM   758 N N   . TYR A 1 98  ? 5.656   -2.624  3.105   1.00 38.69  ? 120 TYR B N   1 
ATOM   759 C CA  . TYR A 1 98  ? 4.590   -2.497  2.122   1.00 38.66  ? 120 TYR B CA  1 
ATOM   760 C C   . TYR A 1 98  ? 5.053   -1.527  1.048   1.00 39.51  ? 120 TYR B C   1 
ATOM   761 O O   . TYR A 1 98  ? 5.528   -0.431  1.348   1.00 40.64  ? 120 TYR B O   1 
ATOM   762 C CB  . TYR A 1 98  ? 3.317   -1.968  2.772   1.00 35.98  ? 120 TYR B CB  1 
ATOM   763 C CG  . TYR A 1 98  ? 2.698   -2.915  3.761   1.00 35.30  ? 120 TYR B CG  1 
ATOM   764 C CD1 . TYR A 1 98  ? 3.362   -3.274  4.937   1.00 34.15  ? 120 TYR B CD1 1 
ATOM   765 C CD2 . TYR A 1 98  ? 1.434   -3.453  3.526   1.00 35.41  ? 120 TYR B CD2 1 
ATOM   766 C CE1 . TYR A 1 98  ? 2.776   -4.147  5.853   1.00 34.85  ? 120 TYR B CE1 1 
ATOM   767 C CE2 . TYR A 1 98  ? 0.842   -4.321  4.427   1.00 33.76  ? 120 TYR B CE2 1 
ATOM   768 C CZ  . TYR A 1 98  ? 1.509   -4.666  5.587   1.00 35.03  ? 120 TYR B CZ  1 
ATOM   769 O OH  . TYR A 1 98  ? 0.898   -5.528  6.468   1.00 36.95  ? 120 TYR B OH  1 
ATOM   770 N N   . GLN A 1 99  ? 4.913   -1.932  -0.206  1.00 38.50  ? 121 GLN B N   1 
ATOM   771 C CA  . GLN A 1 99  ? 5.341   -1.089  -1.299  1.00 38.95  ? 121 GLN B CA  1 
ATOM   772 C C   . GLN A 1 99  ? 4.213   -0.665  -2.226  1.00 38.38  ? 121 GLN B C   1 
ATOM   773 O O   . GLN A 1 99  ? 3.364   -1.470  -2.612  1.00 36.98  ? 121 GLN B O   1 
ATOM   774 C CB  . GLN A 1 99  ? 6.441   -1.797  -2.087  1.00 39.89  ? 121 GLN B CB  1 
ATOM   775 C CG  . GLN A 1 99  ? 6.758   -1.153  -3.410  1.00 42.82  ? 121 GLN B CG  1 
ATOM   776 C CD  . GLN A 1 99  ? 7.929   -1.808  -4.091  1.00 46.20  ? 121 GLN B CD  1 
ATOM   777 O OE1 . GLN A 1 99  ? 8.046   -3.035  -4.099  1.00 47.14  ? 121 GLN B OE1 1 
ATOM   778 N NE2 . GLN A 1 99  ? 8.795   -0.999  -4.688  1.00 46.41  ? 121 GLN B NE2 1 
ATOM   779 N N   . CYS A 1 100 ? 4.219   0.618   -2.569  1.00 37.87  ? 122 CYS B N   1 
ATOM   780 C CA  . CYS A 1 100 ? 3.225   1.198   -3.457  1.00 38.85  ? 122 CYS B CA  1 
ATOM   781 C C   . CYS A 1 100 ? 3.860   1.506   -4.813  1.00 38.16  ? 122 CYS B C   1 
ATOM   782 O O   . CYS A 1 100 ? 4.797   2.297   -4.882  1.00 36.91  ? 122 CYS B O   1 
ATOM   783 C CB  . CYS A 1 100 ? 2.703   2.507   -2.874  1.00 40.03  ? 122 CYS B CB  1 
ATOM   784 S SG  . CYS A 1 100 ? 1.431   3.294   -3.908  1.00 43.56  ? 122 CYS B SG  1 
ATOM   785 N N   . LYS A 1 101 ? 3.351   0.887   -5.878  1.00 37.04  ? 123 LYS B N   1 
ATOM   786 C CA  . LYS A 1 101 ? 3.848   1.126   -7.232  1.00 37.46  ? 123 LYS B CA  1 
ATOM   787 C C   . LYS A 1 101 ? 2.774   1.817   -8.074  1.00 39.12  ? 123 LYS B C   1 
ATOM   788 O O   . LYS A 1 101 ? 1.681   1.274   -8.268  1.00 40.82  ? 123 LYS B O   1 
ATOM   789 C CB  . LYS A 1 101 ? 4.229   -0.188  -7.918  1.00 36.62  ? 123 LYS B CB  1 
ATOM   790 C CG  . LYS A 1 101 ? 5.418   -0.886  -7.325  1.00 34.73  ? 123 LYS B CG  1 
ATOM   791 C CD  . LYS A 1 101 ? 5.765   -2.120  -8.136  1.00 34.74  ? 123 LYS B CD  1 
ATOM   792 C CE  . LYS A 1 101 ? 6.986   -2.819  -7.567  1.00 31.21  ? 123 LYS B CE  1 
ATOM   793 N NZ  . LYS A 1 101 ? 7.368   -4.000  -8.376  1.00 33.81  ? 123 LYS B NZ  1 
ATOM   794 N N   . VAL A 1 102 ? 3.084   3.013   -8.565  1.00 38.82  ? 124 VAL B N   1 
ATOM   795 C CA  . VAL A 1 102 ? 2.155   3.774   -9.395  1.00 39.39  ? 124 VAL B CA  1 
ATOM   796 C C   . VAL A 1 102 ? 2.783   3.934   -10.780 1.00 39.89  ? 124 VAL B C   1 
ATOM   797 O O   . VAL A 1 102 ? 3.836   4.566   -10.928 1.00 39.67  ? 124 VAL B O   1 
ATOM   798 C CB  . VAL A 1 102 ? 1.863   5.166   -8.777  1.00 39.80  ? 124 VAL B CB  1 
ATOM   799 C CG1 . VAL A 1 102 ? 0.935   5.959   -9.684  1.00 36.93  ? 124 VAL B CG1 1 
ATOM   800 C CG2 . VAL A 1 102 ? 1.233   4.997   -7.403  1.00 37.25  ? 124 VAL B CG2 1 
ATOM   801 N N   . LYS A 1 103 ? 2.129   3.369   -11.793 1.00 40.43  ? 125 LYS B N   1 
ATOM   802 C CA  . LYS A 1 103 ? 2.654   3.406   -13.157 1.00 40.84  ? 125 LYS B CA  1 
ATOM   803 C C   . LYS A 1 103 ? 1.710   3.977   -14.222 1.00 41.97  ? 125 LYS B C   1 
ATOM   804 O O   . LYS A 1 103 ? 0.512   3.681   -14.245 1.00 42.18  ? 125 LYS B O   1 
ATOM   805 C CB  . LYS A 1 103 ? 3.080   1.991   -13.554 1.00 39.51  ? 125 LYS B CB  1 
ATOM   806 C CG  . LYS A 1 103 ? 4.092   1.378   -12.602 1.00 37.54  ? 125 LYS B CG  1 
ATOM   807 C CD  . LYS A 1 103 ? 4.357   -0.084  -12.911 1.00 38.51  ? 125 LYS B CD  1 
ATOM   808 C CE  . LYS A 1 103 ? 5.369   -0.660  -11.928 1.00 39.14  ? 125 LYS B CE  1 
ATOM   809 N NZ  . LYS A 1 103 ? 5.705   -2.083  -12.193 1.00 37.06  ? 125 LYS B NZ  1 
ATOM   810 N N   . LYS A 1 104 ? 2.283   4.784   -15.110 1.00 42.80  ? 126 LYS B N   1 
ATOM   811 C CA  . LYS A 1 104 ? 1.579   5.452   -16.206 1.00 43.55  ? 126 LYS B CA  1 
ATOM   812 C C   . LYS A 1 104 ? 2.668   5.590   -17.262 1.00 43.09  ? 126 LYS B C   1 
ATOM   813 O O   . LYS A 1 104 ? 3.304   6.636   -17.346 1.00 44.59  ? 126 LYS B O   1 
ATOM   814 C CB  . LYS A 1 104 ? 1.147   6.848   -15.751 1.00 46.49  ? 126 LYS B CB  1 
ATOM   815 C CG  . LYS A 1 104 ? -0.343  7.133   -15.680 1.00 48.79  ? 126 LYS B CG  1 
ATOM   816 C CD  . LYS A 1 104 ? -0.915  7.450   -17.039 1.00 51.01  ? 126 LYS B CD  1 
ATOM   817 C CE  . LYS A 1 104 ? -2.353  7.930   -16.930 1.00 48.65  ? 126 LYS B CE  1 
ATOM   818 N NZ  . LYS A 1 104 ? -2.921  8.221   -18.265 1.00 49.38  ? 126 LYS B NZ  1 
ATOM   819 N N   . ALA A 1 105 ? 2.898   4.541   -18.047 1.00 42.95  ? 127 ALA B N   1 
ATOM   820 C CA  . ALA A 1 105 ? 3.954   4.558   -19.065 1.00 41.67  ? 127 ALA B CA  1 
ATOM   821 C C   . ALA A 1 105 ? 4.088   5.909   -19.749 1.00 42.24  ? 127 ALA B C   1 
ATOM   822 O O   . ALA A 1 105 ? 3.099   6.500   -20.175 1.00 42.73  ? 127 ALA B O   1 
ATOM   823 C CB  . ALA A 1 105 ? 3.700   3.479   -20.104 1.00 39.29  ? 127 ALA B CB  1 
ATOM   824 N N   . PRO A 1 106 ? 5.324   6.414   -19.876 1.00 42.41  ? 128 PRO B N   1 
ATOM   825 C CA  . PRO A 1 106 ? 6.604   5.840   -19.446 1.00 41.36  ? 128 PRO B CA  1 
ATOM   826 C C   . PRO A 1 106 ? 6.846   6.029   -17.955 1.00 41.00  ? 128 PRO B C   1 
ATOM   827 O O   . PRO A 1 106 ? 7.865   5.589   -17.422 1.00 42.95  ? 128 PRO B O   1 
ATOM   828 C CB  . PRO A 1 106 ? 7.625   6.643   -20.261 1.00 41.26  ? 128 PRO B CB  1 
ATOM   829 C CG  . PRO A 1 106 ? 6.782   7.308   -21.362 1.00 43.06  ? 128 PRO B CG  1 
ATOM   830 C CD  . PRO A 1 106 ? 5.576   7.684   -20.566 1.00 42.31  ? 128 PRO B CD  1 
ATOM   831 N N   . GLY A 1 107 ? 5.915   6.697   -17.287 1.00 40.53  ? 129 GLY B N   1 
ATOM   832 C CA  . GLY A 1 107 ? 6.066   6.970   -15.870 1.00 38.63  ? 129 GLY B CA  1 
ATOM   833 C C   . GLY A 1 107 ? 5.941   5.815   -14.899 1.00 38.86  ? 129 GLY B C   1 
ATOM   834 O O   . GLY A 1 107 ? 5.083   4.945   -15.037 1.00 39.15  ? 129 GLY B O   1 
ATOM   835 N N   . VAL A 1 108 ? 6.805   5.824   -13.894 1.00 38.60  ? 130 VAL B N   1 
ATOM   836 C CA  . VAL A 1 108 ? 6.800   4.799   -12.865 1.00 37.34  ? 130 VAL B CA  1 
ATOM   837 C C   . VAL A 1 108 ? 7.363   5.342   -11.568 1.00 36.15  ? 130 VAL B C   1 
ATOM   838 O O   . VAL A 1 108 ? 8.360   6.062   -11.563 1.00 35.21  ? 130 VAL B O   1 
ATOM   839 C CB  . VAL A 1 108 ? 7.621   3.559   -13.292 1.00 38.75  ? 130 VAL B CB  1 
ATOM   840 C CG1 . VAL A 1 108 ? 8.968   3.974   -13.825 1.00 39.62  ? 130 VAL B CG1 1 
ATOM   841 C CG2 . VAL A 1 108 ? 7.815   2.639   -12.104 1.00 38.88  ? 130 VAL B CG2 1 
ATOM   842 N N   . ALA A 1 109 ? 6.711   4.989   -10.469 1.00 36.06  ? 131 ALA B N   1 
ATOM   843 C CA  . ALA A 1 109 ? 7.128   5.421   -9.140  1.00 36.53  ? 131 ALA B CA  1 
ATOM   844 C C   . ALA A 1 109 ? 6.784   4.355   -8.108  1.00 37.11  ? 131 ALA B C   1 
ATOM   845 O O   . ALA A 1 109 ? 5.921   3.504   -8.333  1.00 38.41  ? 131 ALA B O   1 
ATOM   846 C CB  . ALA A 1 109 ? 6.437   6.735   -8.777  1.00 34.75  ? 131 ALA B CB  1 
ATOM   847 N N   . ASN A 1 110 ? 7.473   4.385   -6.977  1.00 37.20  ? 132 ASN B N   1 
ATOM   848 C CA  . ASN A 1 110 ? 7.182   3.431   -5.924  1.00 40.39  ? 132 ASN B CA  1 
ATOM   849 C C   . ASN A 1 110 ? 7.604   4.029   -4.597  1.00 40.95  ? 132 ASN B C   1 
ATOM   850 O O   . ASN A 1 110 ? 8.481   4.889   -4.538  1.00 40.72  ? 132 ASN B O   1 
ATOM   851 C CB  . ASN A 1 110 ? 7.901   2.100   -6.155  1.00 42.46  ? 132 ASN B CB  1 
ATOM   852 C CG  . ASN A 1 110 ? 9.396   2.227   -6.033  1.00 46.76  ? 132 ASN B CG  1 
ATOM   853 O OD1 . ASN A 1 110 ? 10.035  2.916   -6.826  1.00 49.24  ? 132 ASN B OD1 1 
ATOM   854 N ND2 . ASN A 1 110 ? 9.967   1.572   -5.026  1.00 47.29  ? 132 ASN B ND2 1 
ATOM   855 N N   . LYS A 1 111 ? 6.958   3.575   -3.533  1.00 41.70  ? 133 LYS B N   1 
ATOM   856 C CA  . LYS A 1 111 ? 7.243   4.052   -2.193  1.00 42.60  ? 133 LYS B CA  1 
ATOM   857 C C   . LYS A 1 111 ? 7.220   2.854   -1.272  1.00 42.10  ? 133 LYS B C   1 
ATOM   858 O O   . LYS A 1 111 ? 6.414   1.946   -1.453  1.00 41.68  ? 133 LYS B O   1 
ATOM   859 C CB  . LYS A 1 111 ? 6.172   5.046   -1.756  1.00 43.36  ? 133 LYS B CB  1 
ATOM   860 C CG  . LYS A 1 111 ? 6.301   5.496   -0.321  1.00 45.61  ? 133 LYS B CG  1 
ATOM   861 C CD  . LYS A 1 111 ? 5.076   6.288   0.086   1.00 49.42  ? 133 LYS B CD  1 
ATOM   862 C CE  . LYS A 1 111 ? 5.138   6.707   1.543   1.00 50.42  ? 133 LYS B CE  1 
ATOM   863 N NZ  . LYS A 1 111 ? 3.900   7.432   1.948   1.00 51.45  ? 133 LYS B NZ  1 
ATOM   864 N N   . LYS A 1 112 ? 8.106   2.847   -0.285  1.00 43.17  ? 134 LYS B N   1 
ATOM   865 C CA  . LYS A 1 112 ? 8.153   1.745   0.656   1.00 43.70  ? 134 LYS B CA  1 
ATOM   866 C C   . LYS A 1 112 ? 7.822   2.215   2.063   1.00 43.64  ? 134 LYS B C   1 
ATOM   867 O O   . LYS A 1 112 ? 8.367   3.203   2.558   1.00 43.77  ? 134 LYS B O   1 
ATOM   868 C CB  . LYS A 1 112 ? 9.521   1.063   0.618   1.00 43.89  ? 134 LYS B CB  1 
ATOM   869 C CG  . LYS A 1 112 ? 9.783   0.399   -0.716  1.00 49.18  ? 134 LYS B CG  1 
ATOM   870 C CD  . LYS A 1 112 ? 11.133  -0.279  -0.780  1.00 54.15  ? 134 LYS B CD  1 
ATOM   871 C CE  . LYS A 1 112 ? 11.376  -0.843  -2.176  1.00 56.19  ? 134 LYS B CE  1 
ATOM   872 N NZ  . LYS A 1 112 ? 12.730  -1.460  -2.308  1.00 62.26  ? 134 LYS B NZ  1 
ATOM   873 N N   . ILE A 1 113 ? 6.897   1.505   2.688   1.00 41.69  ? 135 ILE B N   1 
ATOM   874 C CA  . ILE A 1 113 ? 6.479   1.833   4.031   1.00 40.07  ? 135 ILE B CA  1 
ATOM   875 C C   . ILE A 1 113 ? 6.778   0.665   4.939   1.00 39.86  ? 135 ILE B C   1 
ATOM   876 O O   . ILE A 1 113 ? 6.341   -0.460  4.685   1.00 39.33  ? 135 ILE B O   1 
ATOM   877 C CB  . ILE A 1 113 ? 4.968   2.109   4.103   1.00 39.66  ? 135 ILE B CB  1 
ATOM   878 C CG1 . ILE A 1 113 ? 4.608   3.315   3.240   1.00 38.03  ? 135 ILE B CG1 1 
ATOM   879 C CG2 . ILE A 1 113 ? 4.565   2.361   5.536   1.00 39.35  ? 135 ILE B CG2 1 
ATOM   880 C CD1 . ILE A 1 113 ? 3.129   3.622   3.226   1.00 39.68  ? 135 ILE B CD1 1 
ATOM   881 N N   . HIS A 1 114 ? 7.539   0.924   5.990   1.00 39.68  ? 136 HIS B N   1 
ATOM   882 C CA  . HIS A 1 114 ? 7.832   -0.126  6.939   1.00 41.25  ? 136 HIS B CA  1 
ATOM   883 C C   . HIS A 1 114 ? 6.827   -0.013  8.073   1.00 41.35  ? 136 HIS B C   1 
ATOM   884 O O   . HIS A 1 114 ? 6.920   0.880   8.910   1.00 44.07  ? 136 HIS B O   1 
ATOM   885 C CB  . HIS A 1 114 ? 9.245   0.014   7.480   1.00 41.88  ? 136 HIS B CB  1 
ATOM   886 C CG  . HIS A 1 114 ? 10.303  -0.104  6.434   1.00 44.59  ? 136 HIS B CG  1 
ATOM   887 N ND1 . HIS A 1 114 ? 10.503  0.872   5.467   1.00 47.11  ? 136 HIS B ND1 1 
ATOM   888 C CD2 . HIS A 1 114 ? 11.225  -1.062  6.195   1.00 44.02  ? 136 HIS B CD2 1 
ATOM   889 C CE1 . HIS A 1 114 ? 11.509  0.506   4.683   1.00 45.78  ? 136 HIS B CE1 1 
ATOM   890 N NE2 . HIS A 1 114 ? 11.959  -0.662  5.109   1.00 48.20  ? 136 HIS B NE2 1 
ATOM   891 N N   . LEU A 1 115 ? 5.861   -0.922  8.080   1.00 40.05  ? 137 LEU B N   1 
ATOM   892 C CA  . LEU A 1 115 ? 4.816   -0.949  9.089   1.00 39.75  ? 137 LEU B CA  1 
ATOM   893 C C   . LEU A 1 115 ? 5.192   -1.822  10.269  1.00 40.02  ? 137 LEU B C   1 
ATOM   894 O O   . LEU A 1 115 ? 5.578   -2.978  10.094  1.00 41.14  ? 137 LEU B O   1 
ATOM   895 C CB  . LEU A 1 115 ? 3.521   -1.482  8.479   1.00 38.54  ? 137 LEU B CB  1 
ATOM   896 C CG  . LEU A 1 115 ? 2.324   -1.674  9.419   1.00 36.53  ? 137 LEU B CG  1 
ATOM   897 C CD1 . LEU A 1 115 ? 1.925   -0.329  10.042  1.00 35.02  ? 137 LEU B CD1 1 
ATOM   898 C CD2 . LEU A 1 115 ? 1.162   -2.280  8.627   1.00 36.05  ? 137 LEU B CD2 1 
ATOM   899 N N   . VAL A 1 116 ? 5.072   -1.262  11.468  1.00 40.13  ? 138 VAL B N   1 
ATOM   900 C CA  . VAL A 1 116 ? 5.370   -1.982  12.703  1.00 40.64  ? 138 VAL B CA  1 
ATOM   901 C C   . VAL A 1 116 ? 4.093   -2.042  13.526  1.00 42.68  ? 138 VAL B C   1 
ATOM   902 O O   . VAL A 1 116 ? 3.377   -1.047  13.634  1.00 42.84  ? 138 VAL B O   1 
ATOM   903 C CB  . VAL A 1 116 ? 6.460   -1.262  13.532  1.00 38.93  ? 138 VAL B CB  1 
ATOM   904 C CG1 . VAL A 1 116 ? 6.587   -1.901  14.901  1.00 38.14  ? 138 VAL B CG1 1 
ATOM   905 C CG2 . VAL A 1 116 ? 7.785   -1.329  12.810  1.00 36.31  ? 138 VAL B CG2 1 
ATOM   906 N N   . VAL A 1 117 ? 3.800   -3.211  14.085  1.00 44.01  ? 139 VAL B N   1 
ATOM   907 C CA  . VAL A 1 117 ? 2.610   -3.385  14.909  1.00 45.97  ? 139 VAL B CA  1 
ATOM   908 C C   . VAL A 1 117 ? 3.042   -3.831  16.299  1.00 48.58  ? 139 VAL B C   1 
ATOM   909 O O   . VAL A 1 117 ? 3.798   -4.793  16.450  1.00 47.74  ? 139 VAL B O   1 
ATOM   910 C CB  . VAL A 1 117 ? 1.651   -4.440  14.305  1.00 45.96  ? 139 VAL B CB  1 
ATOM   911 C CG1 . VAL A 1 117 ? 0.400   -4.568  15.170  1.00 43.07  ? 139 VAL B CG1 1 
ATOM   912 C CG2 . VAL A 1 117 ? 1.277   -4.045  12.891  1.00 43.68  ? 139 VAL B CG2 1 
ATOM   913 N N   . LEU A 1 118 ? 2.566   -3.121  17.316  1.00 52.32  ? 140 LEU B N   1 
ATOM   914 C CA  . LEU A 1 118 ? 2.923   -3.436  18.694  1.00 55.86  ? 140 LEU B CA  1 
ATOM   915 C C   . LEU A 1 118 ? 1.722   -3.961  19.474  1.00 59.64  ? 140 LEU B C   1 
ATOM   916 O O   . LEU A 1 118 ? 0.624   -3.409  19.376  1.00 59.40  ? 140 LEU B O   1 
ATOM   917 C CB  . LEU A 1 118 ? 3.503   -2.190  19.369  1.00 52.93  ? 140 LEU B CB  1 
ATOM   918 C CG  . LEU A 1 118 ? 4.703   -1.595  18.624  1.00 51.55  ? 140 LEU B CG  1 
ATOM   919 C CD1 . LEU A 1 118 ? 5.147   -0.312  19.295  1.00 48.92  ? 140 LEU B CD1 1 
ATOM   920 C CD2 . LEU A 1 118 ? 5.836   -2.609  18.583  1.00 49.15  ? 140 LEU B CD2 1 
ATOM   921 N N   . VAL A 1 119 ? 1.946   -5.034  20.236  1.00 65.05  ? 141 VAL B N   1 
ATOM   922 C CA  . VAL A 1 119 ? 0.905   -5.675  21.046  1.00 70.65  ? 141 VAL B CA  1 
ATOM   923 C C   . VAL A 1 119 ? -0.032  -4.671  21.693  1.00 73.73  ? 141 VAL B C   1 
ATOM   924 O O   . VAL A 1 119 ? -1.254  -4.782  21.581  1.00 74.36  ? 141 VAL B O   1 
ATOM   925 C CB  . VAL A 1 119 ? 1.510   -6.550  22.161  1.00 71.24  ? 141 VAL B CB  1 
ATOM   926 C CG1 . VAL A 1 119 ? 2.197   -7.761  21.558  1.00 72.53  ? 141 VAL B CG1 1 
ATOM   927 C CG2 . VAL A 1 119 ? 2.502   -5.733  22.981  1.00 73.05  ? 141 VAL B CG2 1 
ATOM   928 N N   . LYS A 1 120 ? 0.542   -3.701  22.388  1.00 76.51  ? 142 LYS B N   1 
ATOM   929 C CA  . LYS A 1 120 ? -0.247  -2.671  23.027  1.00 81.08  ? 142 LYS B CA  1 
ATOM   930 C C   . LYS A 1 120 ? 0.400   -1.338  22.731  1.00 84.46  ? 142 LYS B C   1 
ATOM   931 O O   . LYS A 1 120 ? 1.616   -1.259  22.545  1.00 85.13  ? 142 LYS B O   1 
ATOM   932 C CB  . LYS A 1 120 ? -0.362  -2.948  24.529  1.00 81.39  ? 142 LYS B CB  1 
ATOM   933 C CG  . LYS A 1 120 ? 0.860   -3.589  25.144  1.00 83.96  ? 142 LYS B CG  1 
ATOM   934 C CD  . LYS A 1 120 ? 0.501   -4.230  26.481  1.00 85.18  ? 142 LYS B CD  1 
ATOM   935 C CE  . LYS A 1 120 ? 1.654   -5.062  27.035  1.00 86.12  ? 142 LYS B CE  1 
ATOM   936 N NZ  . LYS A 1 120 ? 1.296   -5.747  28.312  1.00 85.49  ? 142 LYS B NZ  1 
ATOM   937 N N   . PRO A 1 121 ? -0.403  -0.265  22.669  1.00 87.65  ? 143 PRO B N   1 
ATOM   938 C CA  . PRO A 1 121 ? 0.116   1.074   22.378  1.00 89.58  ? 143 PRO B CA  1 
ATOM   939 C C   . PRO A 1 121 ? 1.440   1.436   23.052  1.00 91.76  ? 143 PRO B C   1 
ATOM   940 O O   . PRO A 1 121 ? 1.779   0.900   24.110  1.00 92.27  ? 143 PRO B O   1 
ATOM   941 C CB  . PRO A 1 121 ? -1.042  1.971   22.815  1.00 88.78  ? 143 PRO B CB  1 
ATOM   942 C CG  . PRO A 1 121 ? -2.228  1.156   22.350  1.00 88.05  ? 143 PRO B CG  1 
ATOM   943 C CD  . PRO A 1 121 ? -1.852  -0.201  22.936  1.00 87.89  ? 143 PRO B CD  1 
ATOM   944 N N   . SER A 1 122 ? 2.175   2.338   22.400  1.00 94.18  ? 144 SER B N   1 
ATOM   945 C CA  . SER A 1 122 ? 3.463   2.869   22.846  1.00 96.10  ? 144 SER B CA  1 
ATOM   946 C C   . SER A 1 122 ? 4.649   2.708   21.895  1.00 97.92  ? 144 SER B C   1 
ATOM   947 O O   . SER A 1 122 ? 5.027   1.603   21.476  1.00 98.39  ? 144 SER B O   1 
ATOM   948 C CB  . SER A 1 122 ? 3.855   2.359   24.239  1.00 95.74  ? 144 SER B CB  1 
ATOM   949 O OG  . SER A 1 122 ? 3.094   3.017   25.242  1.00 94.47  ? 144 SER B OG  1 
ATOM   950 N N   . GLY A 1 123 ? 5.202   3.874   21.582  1.00 99.84  ? 145 GLY B N   1 
ATOM   951 C CA  . GLY A 1 123 ? 6.366   4.092   20.743  1.00 100.96 ? 145 GLY B CA  1 
ATOM   952 C C   . GLY A 1 123 ? 6.734   5.325   21.532  1.00 102.29 ? 145 GLY B C   1 
ATOM   953 O O   . GLY A 1 123 ? 7.656   6.081   21.222  1.00 101.92 ? 145 GLY B O   1 
ATOM   954 N N   . ALA A 1 124 ? 5.908   5.484   22.580  1.00 103.40 ? 146 ALA B N   1 
ATOM   955 C CA  . ALA A 1 124 ? 5.895   6.533   23.607  1.00 103.15 ? 146 ALA B CA  1 
ATOM   956 C C   . ALA A 1 124 ? 6.358   7.904   23.171  1.00 103.91 ? 146 ALA B C   1 
ATOM   957 O O   . ALA A 1 124 ? 6.700   8.064   21.993  1.00 104.90 ? 146 ALA B O   1 
ATOM   958 C CB  . ALA A 1 124 ? 6.685   6.064   24.863  1.00 101.98 ? 146 ALA B CB  1 
ATOM   959 O OXT . ALA A 1 124 ? 6.348   8.798   24.038  1.00 105.00 ? 146 ALA B OXT 1 
HETATM 960 O O   . HOH B 2 .   ? 5.339   -5.427  -9.534  1.00 31.98  ? 201 HOH B O   1 
HETATM 961 O O   . HOH B 2 .   ? 6.101   11.226  -13.469 1.00 27.50  ? 202 HOH B O   1 
HETATM 962 O O   . HOH B 2 .   ? -6.775  5.355   -2.589  1.00 38.31  ? 203 HOH B O   1 
HETATM 963 O O   . HOH B 2 .   ? -1.028  -11.827 14.765  1.00 44.50  ? 204 HOH B O   1 
HETATM 964 O O   . HOH B 2 .   ? 4.580   8.206   -11.921 1.00 43.73  ? 205 HOH B O   1 
HETATM 965 O O   . HOH B 2 .   ? 10.513  3.811   -1.018  1.00 39.38  ? 206 HOH B O   1 
HETATM 966 O O   . HOH B 2 .   ? -0.911  4.888   16.582  1.00 44.98  ? 207 HOH B O   1 
HETATM 967 O O   . HOH B 2 .   ? -1.686  13.762  -10.595 1.00 57.01  ? 208 HOH B O   1 
HETATM 968 O O   . HOH B 2 .   ? 8.554   -4.167  -0.339  1.00 38.55  ? 209 HOH B O   1 
HETATM 969 O O   . HOH B 2 .   ? -5.381  -9.109  -0.615  1.00 36.88  ? 210 HOH B O   1 
HETATM 970 O O   . HOH B 2 .   ? 4.929   -10.348 9.499   1.00 27.93  ? 211 HOH B O   1 
HETATM 971 O O   . HOH B 2 .   ? 9.384   7.746   -14.166 1.00 41.25  ? 212 HOH B O   1 
HETATM 972 O O   . HOH B 2 .   ? 5.360   2.704   -16.167 1.00 34.49  ? 213 HOH B O   1 
HETATM 973 O O   . HOH B 2 .   ? 1.869   -12.627 -4.783  1.00 32.33  ? 214 HOH B O   1 
HETATM 974 O O   . HOH B 2 .   ? 0.141   -12.465 -2.558  1.00 30.28  ? 215 HOH B O   1 
HETATM 975 O O   . HOH B 2 .   ? 8.527   7.692   -2.771  1.00 63.98  ? 216 HOH B O   1 
HETATM 976 O O   . HOH B 2 .   ? 2.186   2.522   19.542  1.00 52.88  ? 217 HOH B O   1 
HETATM 977 O O   . HOH B 2 .   ? -1.548  14.825  1.837   1.00 57.27  ? 218 HOH B O   1 
HETATM 978 O O   . HOH B 2 .   ? -5.988  13.126  -5.334  1.00 62.22  ? 219 HOH B O   1 
HETATM 979 O O   . HOH B 2 .   ? 1.940   -0.513  -10.885 1.00 49.61  ? 220 HOH B O   1 
HETATM 980 O O   . HOH B 2 .   ? 3.586   -2.828  -10.614 1.00 31.77  ? 221 HOH B O   1 
HETATM 981 O O   . HOH B 2 .   ? 7.083   -5.147  -2.063  1.00 37.85  ? 222 HOH B O   1 
HETATM 982 O O   . HOH B 2 .   ? 10.139  -10.994 3.860   1.00 54.60  ? 223 HOH B O   1 
HETATM 983 O O   . HOH B 2 .   ? 10.418  -7.703  5.582   1.00 41.87  ? 224 HOH B O   1 
HETATM 984 O O   . HOH B 2 .   ? 0.169   -15.352 -0.476  1.00 49.92  ? 225 HOH B O   1 
HETATM 985 O O   . HOH B 2 .   ? -4.396  -0.465  -16.334 1.00 46.12  ? 226 HOH B O   1 
HETATM 986 O O   . HOH B 2 .   ? -7.649  -10.833 7.289   1.00 42.59  ? 227 HOH B O   1 
HETATM 987 O O   . HOH B 2 .   ? -6.094  9.089   1.204   1.00 42.17  ? 228 HOH B O   1 
HETATM 988 O O   . HOH B 2 .   ? -1.627  -11.036 16.280  1.00 31.95  ? 229 HOH B O   1 
HETATM 989 O O   . HOH B 2 .   ? 12.619  -3.732  2.492   1.00 45.37  ? 230 HOH B O   1 
# 
